data_6P5P
#
_entry.id   6P5P
#
_cell.length_a   89.171
_cell.length_b   146.438
_cell.length_c   111.300
_cell.angle_alpha   90.000
_cell.angle_beta   97.130
_cell.angle_gamma   90.000
#
_symmetry.space_group_name_H-M   'P 1 21 1'
#
loop_
_entity.id
_entity.type
_entity.pdbx_description
1 polymer 'Rho-associated protein kinase 2'
2 non-polymer 2-[(2S)-1-azabicyclo[2.2.2]octan-2-yl]-6-(5-methyl-1H-pyrazol-4-yl)thieno[3,2-d]pyrimidin-4(3H)-one
#
_entity_poly.entity_id   1
_entity_poly.type   'polypeptide(L)'
_entity_poly.pdbx_seq_one_letter_code
;GAMGSPGDGAGASRQRKLEALIRDPRSPINVESLLDGLNSLVLDLDFPALRKNKNIDNFLNRYEKIVKKIRGLQMKAEDY
DVVKVIGRGAFGEVQLVRHKASQKVYAMKLLSKFEMIKRSDSAFFWEERDIMAFANSPWVVQLFYAFQDDRYLYMVMEYM
PGGDLVNLMSNYDVPEKWAKFYTAEVVLALDAIHSMGLIHRDVKPDNMLLDKHGHLKLADFGTCMKMDETGMVHCDTAVG
TPDYISPEVLKSQGGDGYYGRECDWWSVGVFLYEMLVGDTPFYADSLVGTYSKIMDHKNSLCFPEDAEISKHAKNLICAF
LTDREVRLGRNGVEEIRQHPFFKNDQWHWDNIRETAAPVVPELSSDIDSSNFDDIEDDKGDVETFPIPKAFVGNQLPFIG
FTYYR
;
_entity_poly.pdbx_strand_id   A,B,C,D
#
# COMPACT_ATOMS: atom_id res chain seq x y z
N GLN A 15 3.27 14.57 -0.41
CA GLN A 15 2.76 13.58 0.60
C GLN A 15 2.68 12.19 -0.02
N ARG A 16 2.85 12.06 -1.34
CA ARG A 16 3.16 10.76 -1.99
C ARG A 16 4.62 10.40 -1.73
N LYS A 17 5.46 11.41 -1.56
CA LYS A 17 6.91 11.30 -1.20
C LYS A 17 7.02 10.49 0.10
N LEU A 18 6.10 10.79 1.02
CA LEU A 18 6.00 10.17 2.37
C LEU A 18 5.66 8.69 2.20
N GLU A 19 4.68 8.40 1.36
CA GLU A 19 4.10 7.05 1.09
C GLU A 19 5.23 6.08 0.73
N ALA A 20 6.25 6.57 -0.01
CA ALA A 20 7.40 5.80 -0.54
C ALA A 20 8.28 5.33 0.62
N LEU A 21 8.63 6.25 1.53
CA LEU A 21 9.47 5.97 2.72
C LEU A 21 8.88 4.79 3.50
N ILE A 22 7.59 4.85 3.83
CA ILE A 22 6.85 3.81 4.59
C ILE A 22 6.90 2.46 3.84
N ARG A 23 6.79 2.48 2.51
CA ARG A 23 6.59 1.27 1.67
C ARG A 23 7.92 0.53 1.50
N ASP A 24 9.04 1.23 1.68
CA ASP A 24 10.41 0.71 1.45
C ASP A 24 10.83 -0.09 2.68
N PRO A 25 11.20 -1.39 2.54
CA PRO A 25 11.67 -2.18 3.67
C PRO A 25 13.08 -1.77 4.14
N ARG A 26 13.81 -1.02 3.31
CA ARG A 26 15.16 -0.48 3.62
C ARG A 26 15.05 0.72 4.56
N SER A 27 13.89 1.37 4.61
CA SER A 27 13.66 2.67 5.29
C SER A 27 13.38 2.46 6.78
N PRO A 28 13.98 3.27 7.67
CA PRO A 28 13.84 3.10 9.13
C PRO A 28 12.43 3.44 9.68
N ILE A 29 11.60 4.09 8.87
CA ILE A 29 10.16 4.35 9.17
C ILE A 29 9.30 3.57 8.18
N ASN A 30 9.51 2.26 8.07
CA ASN A 30 8.54 1.34 7.41
C ASN A 30 7.60 0.81 8.49
N VAL A 31 6.43 0.32 8.12
CA VAL A 31 5.34 -0.07 9.06
C VAL A 31 5.89 -0.99 10.17
N GLU A 32 6.71 -1.99 9.83
CA GLU A 32 7.26 -2.97 10.81
C GLU A 32 8.11 -2.24 11.87
N SER A 33 8.81 -1.18 11.48
CA SER A 33 9.65 -0.32 12.35
C SER A 33 8.79 0.65 13.16
N LEU A 34 7.62 1.00 12.64
CA LEU A 34 6.66 1.91 13.32
C LEU A 34 5.88 1.11 14.36
N LEU A 35 5.60 -0.16 14.07
CA LEU A 35 4.96 -1.14 14.99
C LEU A 35 5.97 -1.53 16.09
N ASP A 36 7.24 -1.71 15.75
CA ASP A 36 8.30 -1.87 16.77
C ASP A 36 8.21 -0.66 17.70
N GLY A 37 8.11 0.54 17.13
CA GLY A 37 8.04 1.82 17.85
C GLY A 37 6.96 1.83 18.91
N LEU A 38 5.72 1.45 18.55
CA LEU A 38 4.56 1.44 19.47
C LEU A 38 4.76 0.34 20.51
N ASN A 39 5.23 -0.83 20.11
CA ASN A 39 5.38 -2.03 20.98
C ASN A 39 6.42 -1.74 22.08
N SER A 40 7.56 -1.15 21.71
CA SER A 40 8.72 -0.91 22.60
C SER A 40 8.35 0.18 23.61
N LEU A 41 7.54 1.15 23.21
CA LEU A 41 7.00 2.21 24.09
C LEU A 41 6.09 1.57 25.15
N VAL A 42 5.19 0.69 24.75
CA VAL A 42 4.23 0.02 25.68
C VAL A 42 4.99 -0.91 26.61
N LEU A 43 6.06 -1.55 26.14
CA LEU A 43 6.86 -2.51 26.96
C LEU A 43 7.65 -1.75 28.04
N ASP A 44 7.98 -0.48 27.79
CA ASP A 44 8.93 0.30 28.63
C ASP A 44 8.17 1.26 29.55
N LEU A 45 6.86 1.38 29.39
CA LEU A 45 5.98 2.26 30.20
C LEU A 45 5.13 1.42 31.17
N ASP A 46 4.61 0.29 30.72
CA ASP A 46 3.71 -0.61 31.50
C ASP A 46 4.48 -1.21 32.66
N PHE A 47 4.58 -0.45 33.76
CA PHE A 47 5.13 -0.87 35.07
C PHE A 47 4.36 -0.12 36.14
N PRO A 48 4.15 -0.71 37.34
CA PRO A 48 3.34 -0.08 38.37
C PRO A 48 3.77 1.38 38.62
N ALA A 49 5.08 1.59 38.78
CA ALA A 49 5.70 2.88 39.19
C ALA A 49 5.30 4.01 38.23
N LEU A 50 5.53 3.79 36.93
CA LEU A 50 5.41 4.82 35.87
C LEU A 50 3.94 5.16 35.61
N ARG A 51 3.05 4.20 35.82
CA ARG A 51 1.59 4.31 35.57
C ARG A 51 0.94 5.28 36.57
N LYS A 52 1.64 5.63 37.66
CA LYS A 52 1.20 6.72 38.58
C LYS A 52 1.10 8.03 37.79
N ASN A 53 1.86 8.15 36.71
CA ASN A 53 1.78 9.27 35.71
C ASN A 53 0.51 9.09 34.87
N LYS A 54 -0.44 10.04 34.95
CA LYS A 54 -1.71 10.05 34.15
C LYS A 54 -1.36 9.81 32.68
N ASN A 55 -0.63 10.75 32.06
CA ASN A 55 -0.16 10.72 30.65
C ASN A 55 0.13 9.28 30.23
N ILE A 56 0.91 8.55 31.03
CA ILE A 56 1.42 7.18 30.71
C ILE A 56 0.28 6.18 30.87
N ASP A 57 -0.61 6.37 31.85
CA ASP A 57 -1.77 5.48 32.09
C ASP A 57 -2.79 5.65 30.95
N ASN A 58 -3.09 6.91 30.56
CA ASN A 58 -4.02 7.28 29.46
C ASN A 58 -3.59 6.59 28.17
N PHE A 59 -2.29 6.62 27.88
CA PHE A 59 -1.69 6.02 26.66
C PHE A 59 -1.82 4.51 26.70
N LEU A 60 -1.40 3.89 27.81
CA LEU A 60 -1.39 2.42 27.96
C LEU A 60 -2.81 1.87 28.03
N ASN A 61 -3.75 2.64 28.57
CA ASN A 61 -5.19 2.27 28.56
C ASN A 61 -5.63 2.18 27.09
N ARG A 62 -5.36 3.22 26.30
CA ARG A 62 -5.79 3.34 24.88
C ARG A 62 -5.21 2.19 24.05
N TYR A 63 -3.91 1.87 24.21
CA TYR A 63 -3.13 1.10 23.20
C TYR A 63 -2.79 -0.31 23.72
N GLU A 64 -2.49 -0.45 25.00
CA GLU A 64 -2.00 -1.71 25.62
C GLU A 64 -2.72 -2.92 25.02
N LYS A 65 -4.06 -2.88 24.92
CA LYS A 65 -4.89 -4.06 24.56
C LYS A 65 -4.59 -4.54 23.14
N ILE A 66 -4.61 -3.63 22.16
CA ILE A 66 -4.37 -3.95 20.71
C ILE A 66 -2.89 -4.30 20.50
N VAL A 67 -2.00 -3.69 21.29
CA VAL A 67 -0.53 -3.94 21.21
C VAL A 67 -0.27 -5.42 21.53
N LYS A 68 -0.96 -5.97 22.53
CA LYS A 68 -0.88 -7.41 22.91
C LYS A 68 -1.39 -8.26 21.74
N LYS A 69 -2.57 -7.94 21.21
CA LYS A 69 -3.19 -8.63 20.05
C LYS A 69 -2.19 -8.73 18.89
N ILE A 70 -1.45 -7.64 18.61
CA ILE A 70 -0.45 -7.56 17.51
C ILE A 70 0.75 -8.47 17.85
N ARG A 71 1.33 -8.30 19.04
CA ARG A 71 2.47 -9.11 19.52
C ARG A 71 2.14 -10.60 19.33
N GLY A 72 0.85 -10.93 19.46
CA GLY A 72 0.30 -12.29 19.26
C GLY A 72 0.71 -12.85 17.93
N LEU A 73 0.53 -12.06 16.86
CA LEU A 73 0.73 -12.47 15.44
C LEU A 73 2.22 -12.49 15.08
N GLN A 74 3.03 -11.65 15.74
CA GLN A 74 4.49 -11.49 15.50
C GLN A 74 5.19 -12.85 15.61
N MET A 75 6.17 -13.11 14.73
CA MET A 75 6.99 -14.36 14.70
C MET A 75 7.64 -14.51 16.07
N LYS A 76 7.53 -15.71 16.65
CA LYS A 76 7.97 -16.00 18.04
C LYS A 76 9.13 -16.99 17.98
N ALA A 77 9.80 -17.19 19.10
CA ALA A 77 10.85 -18.22 19.28
C ALA A 77 10.22 -19.61 19.16
N GLU A 78 9.03 -19.79 19.76
CA GLU A 78 8.32 -21.10 19.87
C GLU A 78 7.92 -21.61 18.48
N ASP A 79 7.89 -20.73 17.48
CA ASP A 79 7.54 -21.08 16.08
C ASP A 79 8.57 -22.08 15.52
N TYR A 80 9.77 -22.13 16.14
CA TYR A 80 10.93 -22.96 15.71
C TYR A 80 11.18 -24.11 16.68
N ASP A 81 11.63 -25.25 16.15
CA ASP A 81 12.24 -26.37 16.91
C ASP A 81 13.74 -26.16 16.92
N VAL A 82 14.37 -26.29 18.08
CA VAL A 82 15.85 -26.09 18.22
C VAL A 82 16.55 -27.45 18.05
N VAL A 83 16.99 -27.75 16.83
CA VAL A 83 17.62 -29.05 16.47
C VAL A 83 18.89 -29.22 17.31
N LYS A 84 19.83 -28.27 17.26
CA LYS A 84 20.94 -28.18 18.24
C LYS A 84 21.66 -26.84 18.14
N VAL A 85 22.53 -26.58 19.12
CA VAL A 85 23.35 -25.33 19.25
C VAL A 85 24.65 -25.55 18.47
N ILE A 86 24.97 -24.65 17.53
CA ILE A 86 26.15 -24.77 16.62
C ILE A 86 27.17 -23.65 16.92
N GLY A 87 26.96 -22.87 17.98
CA GLY A 87 27.95 -21.87 18.43
C GLY A 87 27.35 -20.87 19.40
N ARG A 88 28.18 -20.37 20.31
CA ARG A 88 27.76 -19.43 21.36
C ARG A 88 28.66 -18.19 21.30
N GLY A 89 28.06 -17.01 21.15
CA GLY A 89 28.72 -15.71 21.26
C GLY A 89 28.68 -15.18 22.67
N ALA A 90 29.11 -13.95 22.87
CA ALA A 90 29.10 -13.26 24.18
C ALA A 90 27.70 -12.69 24.43
N PHE A 91 26.95 -12.47 23.36
CA PHE A 91 25.59 -11.89 23.40
C PHE A 91 24.57 -13.03 23.19
N GLY A 92 25.02 -14.28 23.30
CA GLY A 92 24.15 -15.47 23.22
C GLY A 92 24.40 -16.27 21.97
N GLU A 93 23.61 -17.32 21.75
CA GLU A 93 24.01 -18.50 20.94
C GLU A 93 23.41 -18.45 19.54
N VAL A 94 23.93 -19.31 18.67
CA VAL A 94 23.41 -19.58 17.29
C VAL A 94 22.88 -21.02 17.28
N GLN A 95 21.62 -21.17 16.91
CA GLN A 95 20.88 -22.46 16.90
C GLN A 95 20.67 -22.89 15.46
N LEU A 96 20.97 -24.15 15.17
CA LEU A 96 20.33 -24.87 14.05
C LEU A 96 18.88 -25.14 14.47
N VAL A 97 17.93 -24.67 13.68
CA VAL A 97 16.48 -24.74 14.02
C VAL A 97 15.72 -25.23 12.79
N ARG A 98 14.54 -25.79 13.03
CA ARG A 98 13.54 -26.10 11.97
C ARG A 98 12.27 -25.32 12.32
N HIS A 99 11.80 -24.48 11.40
CA HIS A 99 10.50 -23.79 11.51
C HIS A 99 9.42 -24.86 11.46
N LYS A 100 8.50 -24.83 12.42
CA LYS A 100 7.50 -25.90 12.63
C LYS A 100 6.58 -25.98 11.41
N ALA A 101 5.89 -24.88 11.07
CA ALA A 101 4.92 -24.76 9.96
C ALA A 101 5.54 -25.19 8.62
N SER A 102 6.62 -24.52 8.23
CA SER A 102 7.25 -24.65 6.89
C SER A 102 8.11 -25.91 6.83
N GLN A 103 8.61 -26.35 7.98
CA GLN A 103 9.50 -27.54 8.11
C GLN A 103 10.87 -27.26 7.49
N LYS A 104 11.18 -25.98 7.24
CA LYS A 104 12.45 -25.53 6.66
C LYS A 104 13.48 -25.35 7.78
N VAL A 105 14.74 -25.64 7.48
CA VAL A 105 15.88 -25.58 8.43
C VAL A 105 16.55 -24.22 8.26
N TYR A 106 16.89 -23.57 9.36
CA TYR A 106 17.63 -22.29 9.35
C TYR A 106 18.73 -22.32 10.42
N ALA A 107 19.64 -21.37 10.36
CA ALA A 107 20.48 -20.95 11.49
C ALA A 107 19.85 -19.71 12.12
N MET A 108 19.61 -19.75 13.43
CA MET A 108 19.01 -18.61 14.16
C MET A 108 20.03 -18.12 15.19
N LYS A 109 20.45 -16.86 15.05
CA LYS A 109 21.34 -16.19 16.02
C LYS A 109 20.48 -15.46 17.06
N LEU A 110 20.73 -15.70 18.34
CA LEU A 110 20.11 -14.97 19.47
C LEU A 110 21.09 -13.89 19.97
N LEU A 111 20.60 -12.69 20.22
CA LEU A 111 21.32 -11.59 20.91
C LEU A 111 20.54 -11.19 22.18
N SER A 112 21.10 -11.40 23.36
CA SER A 112 20.50 -10.99 24.66
C SER A 112 20.45 -9.46 24.74
N LYS A 113 19.24 -8.89 24.82
CA LYS A 113 19.04 -7.43 25.02
C LYS A 113 19.66 -7.01 26.36
N PHE A 114 19.59 -7.88 27.37
CA PHE A 114 20.13 -7.58 28.72
C PHE A 114 21.65 -7.38 28.62
N GLU A 115 22.35 -8.24 27.89
CA GLU A 115 23.84 -8.22 27.79
C GLU A 115 24.27 -7.04 26.94
N MET A 116 23.52 -6.72 25.90
CA MET A 116 23.83 -5.61 24.97
C MET A 116 23.67 -4.28 25.70
N ILE A 117 22.55 -4.12 26.43
CA ILE A 117 22.28 -2.93 27.29
C ILE A 117 23.39 -2.81 28.32
N LYS A 118 23.67 -3.90 29.05
CA LYS A 118 24.64 -3.95 30.18
C LYS A 118 26.05 -3.55 29.69
N ARG A 119 26.44 -3.98 28.48
CA ARG A 119 27.79 -3.73 27.89
C ARG A 119 27.84 -2.38 27.17
N SER A 120 26.75 -1.60 27.21
CA SER A 120 26.59 -0.33 26.46
C SER A 120 26.88 -0.56 24.97
N ASP A 121 26.43 -1.70 24.42
CA ASP A 121 26.79 -2.17 23.06
C ASP A 121 25.50 -2.63 22.36
N SER A 122 24.69 -1.70 21.82
CA SER A 122 23.33 -1.98 21.26
C SER A 122 23.15 -1.31 19.88
N ALA A 123 24.21 -1.26 19.06
CA ALA A 123 24.21 -0.67 17.71
C ALA A 123 24.80 -1.63 16.67
N PHE A 124 25.68 -2.55 17.07
CA PHE A 124 26.56 -3.33 16.15
C PHE A 124 25.71 -4.07 15.10
N PHE A 125 24.50 -4.46 15.47
CA PHE A 125 23.65 -5.41 14.71
C PHE A 125 22.99 -4.70 13.50
N TRP A 126 22.81 -3.39 13.53
CA TRP A 126 22.12 -2.68 12.43
C TRP A 126 22.77 -2.98 11.07
N GLU A 127 24.07 -2.76 10.92
CA GLU A 127 24.82 -3.00 9.64
C GLU A 127 24.74 -4.48 9.27
N GLU A 128 24.84 -5.34 10.28
CA GLU A 128 24.77 -6.82 10.11
C GLU A 128 23.43 -7.21 9.50
N ARG A 129 22.33 -6.66 10.01
CA ARG A 129 20.95 -6.94 9.55
C ARG A 129 20.78 -6.39 8.15
N ASP A 130 21.10 -5.11 7.96
CA ASP A 130 21.07 -4.42 6.64
C ASP A 130 21.77 -5.30 5.59
N ILE A 131 23.02 -5.73 5.85
CA ILE A 131 23.87 -6.44 4.85
C ILE A 131 23.23 -7.80 4.53
N MET A 132 22.81 -8.58 5.52
CA MET A 132 22.33 -9.97 5.31
C MET A 132 20.94 -9.93 4.65
N ALA A 133 20.16 -8.89 4.96
CA ALA A 133 18.76 -8.72 4.49
C ALA A 133 18.74 -8.31 3.02
N PHE A 134 19.70 -7.48 2.58
CA PHE A 134 19.60 -6.69 1.33
C PHE A 134 20.81 -6.90 0.41
N ALA A 135 21.92 -7.47 0.88
CA ALA A 135 23.17 -7.61 0.10
C ALA A 135 22.87 -8.35 -1.21
N ASN A 136 22.08 -9.42 -1.11
CA ASN A 136 21.62 -10.20 -2.27
C ASN A 136 22.80 -10.75 -3.05
N SER A 137 23.93 -10.97 -2.37
CA SER A 137 25.17 -11.51 -2.97
C SER A 137 25.28 -12.98 -2.61
N PRO A 138 25.83 -13.82 -3.52
CA PRO A 138 26.12 -15.21 -3.20
C PRO A 138 27.32 -15.32 -2.25
N TRP A 139 27.97 -14.19 -1.93
CA TRP A 139 29.12 -14.09 -1.00
C TRP A 139 28.65 -13.75 0.42
N VAL A 140 27.42 -13.30 0.58
CA VAL A 140 26.86 -12.84 1.89
C VAL A 140 25.77 -13.82 2.33
N VAL A 141 25.94 -14.44 3.49
CA VAL A 141 24.89 -15.25 4.15
C VAL A 141 23.61 -14.42 4.21
N GLN A 142 22.48 -15.04 3.98
CA GLN A 142 21.18 -14.36 3.73
C GLN A 142 20.29 -14.38 4.97
N LEU A 143 19.63 -13.26 5.27
CA LEU A 143 18.66 -13.13 6.40
C LEU A 143 17.23 -13.25 5.88
N PHE A 144 16.43 -14.14 6.46
CA PHE A 144 15.00 -14.34 6.09
C PHE A 144 14.09 -13.60 7.06
N TYR A 145 14.42 -13.67 8.35
CA TYR A 145 13.63 -13.07 9.45
C TYR A 145 14.54 -12.48 10.52
N ALA A 146 14.36 -11.19 10.80
CA ALA A 146 14.70 -10.58 12.10
C ALA A 146 13.39 -10.38 12.86
N PHE A 147 13.35 -10.79 14.11
CA PHE A 147 12.23 -10.51 15.04
C PHE A 147 12.81 -10.45 16.45
N GLN A 148 12.06 -9.85 17.38
CA GLN A 148 12.52 -9.64 18.78
C GLN A 148 11.39 -10.07 19.73
N ASP A 149 11.73 -10.34 20.97
CA ASP A 149 10.79 -10.35 22.11
C ASP A 149 11.40 -9.48 23.20
N ASP A 150 10.84 -9.48 24.41
CA ASP A 150 11.27 -8.55 25.50
C ASP A 150 12.73 -8.82 25.86
N ARG A 151 13.25 -10.03 25.65
CA ARG A 151 14.57 -10.48 26.16
C ARG A 151 15.61 -10.61 25.03
N TYR A 152 15.22 -10.96 23.80
CA TYR A 152 16.15 -11.43 22.75
C TYR A 152 15.88 -10.74 21.40
N LEU A 153 16.95 -10.50 20.64
CA LEU A 153 16.94 -10.28 19.17
C LEU A 153 17.14 -11.63 18.49
N TYR A 154 16.42 -11.90 17.41
CA TYR A 154 16.55 -13.14 16.60
C TYR A 154 16.85 -12.78 15.15
N MET A 155 17.90 -13.36 14.60
CA MET A 155 18.19 -13.36 13.15
C MET A 155 18.14 -14.80 12.62
N VAL A 156 17.16 -15.09 11.75
CA VAL A 156 16.95 -16.40 11.08
C VAL A 156 17.62 -16.34 9.71
N MET A 157 18.79 -16.98 9.59
CA MET A 157 19.66 -16.95 8.37
C MET A 157 19.57 -18.31 7.69
N GLU A 158 20.06 -18.42 6.45
CA GLU A 158 20.27 -19.74 5.79
C GLU A 158 21.41 -20.46 6.51
N TYR A 159 21.23 -21.76 6.74
CA TYR A 159 22.18 -22.67 7.41
C TYR A 159 23.35 -22.94 6.47
N MET A 160 24.57 -22.83 6.98
CA MET A 160 25.84 -23.05 6.25
C MET A 160 26.48 -24.32 6.77
N PRO A 161 26.07 -25.51 6.26
CA PRO A 161 26.34 -26.77 6.95
C PRO A 161 27.80 -27.24 6.82
N GLY A 162 28.61 -26.52 6.04
CA GLY A 162 30.02 -26.85 5.77
C GLY A 162 30.94 -26.44 6.92
N GLY A 163 30.40 -25.79 7.95
CA GLY A 163 31.18 -25.23 9.07
C GLY A 163 31.96 -24.00 8.64
N ASP A 164 32.78 -23.45 9.54
CA ASP A 164 33.65 -22.29 9.25
C ASP A 164 35.03 -22.80 8.85
N LEU A 165 35.91 -21.89 8.44
CA LEU A 165 37.27 -22.25 7.97
C LEU A 165 38.19 -22.52 9.15
N VAL A 166 37.91 -21.96 10.32
CA VAL A 166 38.72 -22.23 11.54
C VAL A 166 38.73 -23.75 11.77
N ASN A 167 37.61 -24.40 11.46
CA ASN A 167 37.37 -25.86 11.66
C ASN A 167 37.99 -26.64 10.50
N LEU A 168 37.98 -26.09 9.28
CA LEU A 168 38.62 -26.70 8.08
C LEU A 168 40.13 -26.73 8.29
N MET A 169 40.72 -25.58 8.62
CA MET A 169 42.19 -25.40 8.72
C MET A 169 42.74 -26.33 9.81
N SER A 170 41.93 -26.62 10.83
CA SER A 170 42.31 -27.46 12.00
C SER A 170 41.96 -28.94 11.75
N ASN A 171 41.50 -29.28 10.55
CA ASN A 171 41.12 -30.69 10.19
C ASN A 171 41.94 -31.17 8.97
N TYR A 172 42.73 -30.28 8.37
CA TYR A 172 43.49 -30.53 7.11
C TYR A 172 44.79 -29.74 7.18
N ASP A 173 45.88 -30.32 6.66
CA ASP A 173 47.03 -29.54 6.14
C ASP A 173 46.57 -28.92 4.81
N VAL A 174 46.52 -27.59 4.75
CA VAL A 174 45.94 -26.84 3.60
C VAL A 174 47.07 -26.48 2.62
N PRO A 175 47.09 -27.07 1.40
CA PRO A 175 48.10 -26.74 0.40
C PRO A 175 47.84 -25.39 -0.28
N GLU A 176 48.83 -24.85 -1.00
CA GLU A 176 48.74 -23.54 -1.69
C GLU A 176 47.52 -23.56 -2.62
N LYS A 177 47.31 -24.67 -3.35
CA LYS A 177 46.22 -24.83 -4.33
C LYS A 177 44.87 -24.53 -3.66
N TRP A 178 44.68 -24.99 -2.41
CA TRP A 178 43.46 -24.74 -1.59
C TRP A 178 43.41 -23.26 -1.21
N ALA A 179 44.49 -22.75 -0.61
CA ALA A 179 44.62 -21.36 -0.13
C ALA A 179 44.33 -20.36 -1.27
N LYS A 180 44.87 -20.61 -2.47
CA LYS A 180 44.56 -19.83 -3.70
C LYS A 180 43.04 -19.65 -3.80
N PHE A 181 42.31 -20.77 -3.77
CA PHE A 181 40.83 -20.83 -3.91
C PHE A 181 40.20 -20.00 -2.79
N TYR A 182 40.42 -20.43 -1.55
CA TYR A 182 39.77 -19.87 -0.35
C TYR A 182 40.08 -18.36 -0.27
N THR A 183 41.32 -17.96 -0.57
CA THR A 183 41.76 -16.54 -0.55
C THR A 183 41.00 -15.75 -1.62
N ALA A 184 40.90 -16.28 -2.84
CA ALA A 184 40.21 -15.65 -3.99
C ALA A 184 38.74 -15.41 -3.65
N GLU A 185 38.07 -16.42 -3.09
CA GLU A 185 36.64 -16.34 -2.67
C GLU A 185 36.48 -15.26 -1.59
N VAL A 186 37.37 -15.20 -0.59
CA VAL A 186 37.37 -14.13 0.44
C VAL A 186 37.55 -12.78 -0.27
N VAL A 187 38.44 -12.70 -1.25
CA VAL A 187 38.78 -11.41 -1.92
C VAL A 187 37.52 -10.91 -2.64
N LEU A 188 36.83 -11.80 -3.37
CA LEU A 188 35.60 -11.45 -4.14
C LEU A 188 34.48 -11.06 -3.17
N ALA A 189 34.40 -11.75 -2.03
CA ALA A 189 33.39 -11.51 -0.99
C ALA A 189 33.56 -10.10 -0.43
N LEU A 190 34.78 -9.73 -0.04
CA LEU A 190 35.06 -8.38 0.52
C LEU A 190 34.80 -7.33 -0.55
N ASP A 191 35.16 -7.61 -1.80
CA ASP A 191 34.92 -6.68 -2.93
C ASP A 191 33.42 -6.43 -3.05
N ALA A 192 32.61 -7.45 -2.81
CA ALA A 192 31.13 -7.37 -2.78
C ALA A 192 30.70 -6.43 -1.66
N ILE A 193 31.18 -6.68 -0.44
CA ILE A 193 30.91 -5.87 0.78
C ILE A 193 31.33 -4.42 0.51
N HIS A 194 32.52 -4.19 -0.05
CA HIS A 194 33.06 -2.84 -0.38
C HIS A 194 32.12 -2.16 -1.38
N SER A 195 31.61 -2.91 -2.35
CA SER A 195 30.73 -2.41 -3.44
C SER A 195 29.40 -1.92 -2.87
N MET A 196 29.06 -2.32 -1.64
CA MET A 196 27.83 -1.90 -0.93
C MET A 196 28.15 -0.69 -0.03
N GLY A 197 29.34 -0.11 -0.18
CA GLY A 197 29.76 1.10 0.55
C GLY A 197 30.14 0.80 1.99
N LEU A 198 30.60 -0.41 2.27
CA LEU A 198 30.93 -0.88 3.65
C LEU A 198 32.37 -1.42 3.67
N ILE A 199 33.09 -1.17 4.75
CA ILE A 199 34.39 -1.83 5.07
C ILE A 199 34.14 -2.71 6.28
N HIS A 200 34.73 -3.91 6.33
CA HIS A 200 34.28 -5.04 7.19
C HIS A 200 35.02 -4.99 8.53
N ARG A 201 36.36 -4.95 8.51
CA ARG A 201 37.26 -4.56 9.66
C ARG A 201 37.66 -5.77 10.53
N ASP A 202 36.74 -6.74 10.71
CA ASP A 202 36.97 -8.01 11.45
C ASP A 202 36.83 -9.19 10.49
N VAL A 203 37.61 -9.22 9.41
CA VAL A 203 37.68 -10.39 8.51
C VAL A 203 38.52 -11.44 9.21
N LYS A 204 38.00 -12.66 9.32
CA LYS A 204 38.73 -13.78 9.96
C LYS A 204 38.02 -15.08 9.65
N PRO A 205 38.74 -16.21 9.71
CA PRO A 205 38.18 -17.52 9.38
C PRO A 205 36.89 -17.91 10.13
N ASP A 206 36.64 -17.34 11.31
CA ASP A 206 35.42 -17.65 12.12
C ASP A 206 34.17 -17.06 11.42
N ASN A 207 34.34 -15.98 10.65
CA ASN A 207 33.24 -15.26 9.93
C ASN A 207 33.10 -15.80 8.51
N MET A 208 33.99 -16.71 8.11
CA MET A 208 33.98 -17.36 6.76
C MET A 208 33.31 -18.72 6.90
N LEU A 209 32.15 -18.89 6.26
CA LEU A 209 31.31 -20.10 6.37
C LEU A 209 31.23 -20.79 5.01
N LEU A 210 31.11 -22.11 5.03
CA LEU A 210 31.07 -22.96 3.82
C LEU A 210 29.63 -23.46 3.63
N ASP A 211 29.06 -23.23 2.43
CA ASP A 211 27.71 -23.71 2.01
C ASP A 211 27.79 -25.23 1.73
N LYS A 212 26.66 -25.82 1.33
CA LYS A 212 26.49 -27.29 1.11
C LYS A 212 27.49 -27.78 0.05
N HIS A 213 28.06 -26.89 -0.78
CA HIS A 213 28.90 -27.24 -1.95
C HIS A 213 30.39 -26.92 -1.72
N GLY A 214 30.72 -26.38 -0.53
CA GLY A 214 32.10 -26.20 -0.04
C GLY A 214 32.64 -24.80 -0.30
N HIS A 215 31.76 -23.90 -0.79
CA HIS A 215 32.08 -22.52 -1.24
C HIS A 215 31.75 -21.51 -0.13
N LEU A 216 32.44 -20.37 -0.12
CA LEU A 216 32.59 -19.45 1.03
C LEU A 216 31.45 -18.43 1.08
N LYS A 217 31.11 -17.95 2.27
CA LYS A 217 30.16 -16.84 2.51
C LYS A 217 30.57 -16.13 3.80
N LEU A 218 30.74 -14.80 3.78
CA LEU A 218 30.95 -13.98 5.01
C LEU A 218 29.63 -13.94 5.82
N ALA A 219 29.69 -13.87 7.15
CA ALA A 219 28.55 -14.26 8.02
C ALA A 219 28.37 -13.31 9.23
N ASP A 220 29.47 -12.86 9.82
CA ASP A 220 29.42 -11.90 10.95
C ASP A 220 29.79 -10.53 10.38
N PHE A 221 29.03 -9.49 10.74
CA PHE A 221 29.14 -8.15 10.12
C PHE A 221 29.05 -7.04 11.18
N GLY A 222 29.17 -7.39 12.46
CA GLY A 222 28.93 -6.47 13.59
C GLY A 222 29.87 -5.28 13.58
N THR A 223 31.00 -5.38 12.85
CA THR A 223 32.12 -4.40 12.88
C THR A 223 32.08 -3.50 11.64
N CYS A 224 31.12 -3.72 10.72
CA CYS A 224 31.06 -3.04 9.40
C CYS A 224 30.66 -1.57 9.57
N MET A 225 31.15 -0.71 8.68
CA MET A 225 30.98 0.75 8.73
C MET A 225 30.74 1.29 7.31
N LYS A 226 29.71 2.13 7.14
CA LYS A 226 29.48 2.95 5.93
C LYS A 226 30.73 3.80 5.66
N MET A 227 31.09 4.00 4.40
CA MET A 227 32.21 4.89 3.99
C MET A 227 31.64 6.30 3.73
N ASP A 228 32.54 7.29 3.67
CA ASP A 228 32.30 8.69 3.23
C ASP A 228 31.72 8.65 1.82
N GLU A 229 31.42 9.81 1.26
CA GLU A 229 31.21 10.00 -0.20
C GLU A 229 32.54 9.74 -0.92
N THR A 230 33.66 9.75 -0.18
CA THR A 230 35.06 9.66 -0.70
C THR A 230 35.67 8.30 -0.36
N GLY A 231 34.89 7.37 0.21
CA GLY A 231 35.30 5.98 0.44
C GLY A 231 36.17 5.78 1.66
N MET A 232 36.41 6.85 2.44
CA MET A 232 37.15 6.85 3.74
C MET A 232 36.15 6.71 4.91
N VAL A 233 36.61 6.47 6.12
CA VAL A 233 35.81 6.60 7.38
C VAL A 233 36.63 7.44 8.36
N HIS A 234 35.97 8.15 9.27
CA HIS A 234 36.59 8.70 10.49
C HIS A 234 36.16 7.85 11.69
N CYS A 235 36.97 6.84 12.04
CA CYS A 235 36.76 6.01 13.25
C CYS A 235 37.89 6.17 14.26
N ASP A 236 37.54 6.50 15.51
CA ASP A 236 38.48 6.70 16.64
C ASP A 236 38.30 5.55 17.66
N THR A 237 37.94 4.36 17.16
CA THR A 237 37.81 3.10 17.95
C THR A 237 38.55 1.97 17.19
N ALA A 238 39.43 1.27 17.92
CA ALA A 238 40.19 0.09 17.45
C ALA A 238 39.33 -1.17 17.62
N VAL A 239 38.65 -1.57 16.54
CA VAL A 239 37.57 -2.62 16.53
C VAL A 239 38.06 -3.81 15.73
N GLY A 240 37.48 -4.98 16.00
CA GLY A 240 37.86 -6.27 15.39
C GLY A 240 38.82 -7.02 16.29
N THR A 241 39.12 -8.27 15.94
CA THR A 241 39.78 -9.26 16.83
C THR A 241 41.30 -9.13 16.66
N PRO A 242 42.05 -9.17 17.80
CA PRO A 242 43.43 -8.68 17.82
C PRO A 242 44.43 -9.28 16.80
N ASP A 243 44.43 -10.59 16.55
CA ASP A 243 45.42 -11.21 15.62
C ASP A 243 45.31 -10.57 14.22
N TYR A 244 44.09 -10.24 13.79
CA TYR A 244 43.71 -9.92 12.37
C TYR A 244 43.50 -8.41 12.17
N ILE A 245 43.70 -7.61 13.21
CA ILE A 245 43.45 -6.14 13.16
C ILE A 245 44.62 -5.49 12.43
N SER A 246 44.34 -4.42 11.68
CA SER A 246 45.30 -3.67 10.84
C SER A 246 45.97 -2.60 11.69
N PRO A 247 47.25 -2.26 11.40
CA PRO A 247 47.96 -1.21 12.12
C PRO A 247 47.19 0.12 12.16
N GLU A 248 46.58 0.52 11.05
CA GLU A 248 45.91 1.83 10.90
C GLU A 248 44.69 1.90 11.84
N VAL A 249 43.99 0.78 12.03
CA VAL A 249 42.76 0.68 12.89
C VAL A 249 43.19 0.69 14.37
N LEU A 250 44.30 0.02 14.70
CA LEU A 250 44.87 -0.02 16.07
C LEU A 250 45.30 1.40 16.49
N LYS A 251 46.05 2.09 15.63
CA LYS A 251 46.53 3.49 15.81
C LYS A 251 45.34 4.44 16.01
N SER A 252 44.20 4.15 15.35
CA SER A 252 43.04 5.07 15.26
C SER A 252 42.30 5.15 16.59
N GLN A 253 42.63 4.31 17.58
CA GLN A 253 42.17 4.44 18.99
C GLN A 253 42.82 5.66 19.66
N GLY A 254 44.08 5.95 19.31
CA GLY A 254 44.81 7.17 19.70
C GLY A 254 44.16 8.42 19.12
N GLY A 255 43.24 8.28 18.17
CA GLY A 255 42.43 9.38 17.62
C GLY A 255 42.79 9.68 16.18
N ASP A 256 42.17 10.74 15.62
CA ASP A 256 42.27 11.18 14.20
C ASP A 256 42.35 9.99 13.25
N GLY A 257 41.54 8.94 13.49
CA GLY A 257 41.42 7.79 12.58
C GLY A 257 40.80 8.22 11.27
N TYR A 258 41.47 7.94 10.15
CA TYR A 258 41.01 8.30 8.79
C TYR A 258 41.65 7.33 7.80
N TYR A 259 40.87 6.35 7.33
CA TYR A 259 41.35 5.20 6.52
C TYR A 259 40.23 4.69 5.63
N GLY A 260 40.61 3.97 4.56
CA GLY A 260 39.69 3.32 3.62
C GLY A 260 39.66 1.81 3.78
N ARG A 261 39.19 1.13 2.75
CA ARG A 261 38.83 -0.31 2.79
C ARG A 261 40.08 -1.18 2.73
N GLU A 262 41.26 -0.60 2.45
CA GLU A 262 42.54 -1.34 2.34
C GLU A 262 42.86 -2.01 3.68
N CYS A 263 42.16 -1.62 4.75
CA CYS A 263 42.28 -2.24 6.11
C CYS A 263 41.78 -3.69 6.10
N ASP A 264 41.07 -4.10 5.05
CA ASP A 264 40.51 -5.46 4.93
C ASP A 264 41.51 -6.35 4.21
N TRP A 265 42.33 -5.75 3.34
CA TRP A 265 43.35 -6.51 2.57
C TRP A 265 44.48 -6.92 3.53
N TRP A 266 44.74 -6.13 4.58
CA TRP A 266 45.61 -6.56 5.70
C TRP A 266 45.05 -7.87 6.25
N SER A 267 43.79 -7.85 6.69
CA SER A 267 43.10 -8.99 7.34
C SER A 267 43.23 -10.25 6.46
N VAL A 268 43.25 -10.09 5.13
CA VAL A 268 43.38 -11.24 4.16
C VAL A 268 44.80 -11.79 4.23
N GLY A 269 45.79 -10.91 4.16
CA GLY A 269 47.22 -11.27 4.29
C GLY A 269 47.45 -12.11 5.54
N VAL A 270 46.91 -11.67 6.68
CA VAL A 270 47.01 -12.40 7.98
C VAL A 270 46.38 -13.77 7.79
N PHE A 271 45.19 -13.83 7.19
CA PHE A 271 44.45 -15.08 6.93
C PHE A 271 45.34 -16.02 6.11
N LEU A 272 45.84 -15.54 4.97
CA LEU A 272 46.66 -16.33 4.02
C LEU A 272 47.88 -16.88 4.75
N TYR A 273 48.55 -16.05 5.56
CA TYR A 273 49.72 -16.43 6.39
C TYR A 273 49.33 -17.63 7.25
N GLU A 274 48.28 -17.50 8.07
CA GLU A 274 47.85 -18.53 9.04
C GLU A 274 47.59 -19.85 8.31
N MET A 275 46.97 -19.75 7.12
CA MET A 275 46.47 -20.91 6.34
C MET A 275 47.66 -21.75 5.86
N LEU A 276 48.76 -21.10 5.48
CA LEU A 276 49.97 -21.75 4.90
C LEU A 276 51.01 -22.06 5.98
N VAL A 277 51.19 -21.16 6.96
CA VAL A 277 52.23 -21.29 8.02
C VAL A 277 51.72 -22.22 9.14
N GLY A 278 50.55 -21.92 9.71
CA GLY A 278 49.90 -22.76 10.74
C GLY A 278 49.68 -22.02 12.04
N ASP A 279 50.19 -20.79 12.18
CA ASP A 279 49.89 -19.84 13.29
C ASP A 279 49.69 -18.45 12.68
N THR A 280 49.05 -17.53 13.41
CA THR A 280 48.89 -16.12 12.98
C THR A 280 50.27 -15.47 13.06
N PRO A 281 50.57 -14.49 12.18
CA PRO A 281 51.91 -13.92 12.12
C PRO A 281 52.25 -12.97 13.27
N PHE A 282 51.27 -12.53 14.06
CA PHE A 282 51.50 -11.58 15.19
C PHE A 282 50.97 -12.19 16.48
N TYR A 283 50.98 -13.53 16.57
CA TYR A 283 50.54 -14.28 17.77
C TYR A 283 51.42 -13.87 18.96
N ALA A 284 50.80 -13.75 20.13
CA ALA A 284 51.47 -13.50 21.43
C ALA A 284 50.57 -14.01 22.57
N ASP A 285 51.16 -14.19 23.76
CA ASP A 285 50.49 -14.78 24.94
C ASP A 285 49.38 -13.85 25.44
N SER A 286 49.55 -12.53 25.32
CA SER A 286 48.56 -11.51 25.77
C SER A 286 47.90 -10.85 24.56
N LEU A 287 46.85 -10.07 24.79
CA LEU A 287 46.29 -9.11 23.81
C LEU A 287 47.38 -8.06 23.54
N VAL A 288 47.78 -7.34 24.58
CA VAL A 288 48.73 -6.19 24.49
C VAL A 288 50.03 -6.67 23.82
N GLY A 289 50.35 -7.96 23.89
CA GLY A 289 51.52 -8.56 23.21
C GLY A 289 51.33 -8.58 21.70
N THR A 290 50.19 -9.09 21.26
CA THR A 290 49.77 -9.15 19.85
C THR A 290 49.67 -7.72 19.30
N TYR A 291 49.10 -6.79 20.08
CA TYR A 291 48.95 -5.35 19.72
C TYR A 291 50.34 -4.75 19.48
N SER A 292 51.28 -4.97 20.39
CA SER A 292 52.67 -4.47 20.31
C SER A 292 53.34 -4.99 19.02
N LYS A 293 53.14 -6.27 18.71
CA LYS A 293 53.76 -6.97 17.55
C LYS A 293 53.24 -6.34 16.25
N ILE A 294 51.93 -6.12 16.17
CA ILE A 294 51.23 -5.58 14.97
C ILE A 294 51.77 -4.18 14.67
N MET A 295 51.83 -3.30 15.67
CA MET A 295 52.39 -1.92 15.54
C MET A 295 53.79 -2.00 14.94
N ASP A 296 54.54 -3.04 15.30
CA ASP A 296 55.98 -3.20 14.96
C ASP A 296 56.14 -4.17 13.77
N HIS A 297 55.20 -4.17 12.82
CA HIS A 297 55.05 -5.23 11.79
C HIS A 297 56.23 -5.21 10.82
N LYS A 298 56.86 -4.05 10.65
CA LYS A 298 58.07 -3.88 9.79
C LYS A 298 59.17 -4.79 10.34
N ASN A 299 59.30 -4.87 11.67
CA ASN A 299 60.27 -5.75 12.38
C ASN A 299 59.65 -7.13 12.60
N SER A 300 58.44 -7.17 13.16
CA SER A 300 57.86 -8.32 13.89
C SER A 300 57.47 -9.45 12.93
N LEU A 301 57.08 -9.12 11.69
CA LEU A 301 56.65 -10.13 10.69
C LEU A 301 57.89 -10.88 10.17
N CYS A 302 57.88 -12.20 10.28
CA CYS A 302 58.83 -13.12 9.57
C CYS A 302 58.31 -14.56 9.64
N PHE A 303 58.75 -15.39 8.70
CA PHE A 303 58.24 -16.76 8.42
C PHE A 303 59.22 -17.79 8.98
N PRO A 304 58.72 -18.88 9.63
CA PRO A 304 59.60 -19.89 10.21
C PRO A 304 60.58 -20.53 9.20
N GLU A 305 61.79 -20.84 9.69
CA GLU A 305 62.97 -21.27 8.89
C GLU A 305 62.70 -22.66 8.27
N ASP A 306 61.44 -23.13 8.33
CA ASP A 306 61.01 -24.48 7.86
C ASP A 306 59.73 -24.34 7.03
N ALA A 307 58.56 -24.27 7.67
CA ALA A 307 57.22 -24.20 7.02
C ALA A 307 57.38 -23.54 5.63
N GLU A 308 57.40 -24.36 4.58
CA GLU A 308 57.84 -23.97 3.20
C GLU A 308 56.69 -23.27 2.46
N ILE A 309 57.00 -22.19 1.74
CA ILE A 309 56.01 -21.30 1.06
C ILE A 309 56.62 -20.82 -0.27
N SER A 310 55.95 -21.05 -1.40
CA SER A 310 56.37 -20.56 -2.74
C SER A 310 56.55 -19.04 -2.68
N LYS A 311 57.55 -18.49 -3.37
CA LYS A 311 57.89 -17.04 -3.30
C LYS A 311 56.66 -16.21 -3.68
N HIS A 312 55.81 -16.72 -4.57
CA HIS A 312 54.54 -16.07 -4.99
C HIS A 312 53.61 -15.88 -3.78
N ALA A 313 53.36 -16.95 -3.03
CA ALA A 313 52.51 -16.95 -1.82
C ALA A 313 53.11 -15.97 -0.80
N LYS A 314 54.40 -16.11 -0.52
CA LYS A 314 55.12 -15.31 0.49
C LYS A 314 55.09 -13.83 0.05
N ASN A 315 55.19 -13.58 -1.26
CA ASN A 315 55.20 -12.21 -1.84
C ASN A 315 53.84 -11.54 -1.61
N LEU A 316 52.75 -12.26 -1.90
CA LEU A 316 51.36 -11.77 -1.72
C LEU A 316 51.14 -11.39 -0.25
N ILE A 317 51.53 -12.28 0.67
CA ILE A 317 51.37 -12.07 2.14
C ILE A 317 52.03 -10.75 2.53
N CYS A 318 53.28 -10.54 2.12
CA CYS A 318 54.10 -9.35 2.49
C CYS A 318 53.61 -8.12 1.75
N ALA A 319 53.00 -8.31 0.58
CA ALA A 319 52.36 -7.25 -0.23
C ALA A 319 51.13 -6.73 0.50
N PHE A 320 50.51 -7.59 1.31
CA PHE A 320 49.28 -7.31 2.11
C PHE A 320 49.65 -6.76 3.49
N LEU A 321 50.65 -7.35 4.12
CA LEU A 321 51.09 -6.98 5.49
C LEU A 321 52.15 -5.88 5.39
N THR A 322 51.77 -4.74 4.82
CA THR A 322 52.57 -3.48 4.80
C THR A 322 51.71 -2.33 5.29
N ASP A 323 52.29 -1.14 5.41
CA ASP A 323 51.59 0.12 5.73
C ASP A 323 50.47 0.30 4.69
N ARG A 324 49.45 1.10 5.02
CA ARG A 324 48.24 1.30 4.17
C ARG A 324 48.61 1.91 2.83
N GLU A 325 49.64 2.76 2.82
CA GLU A 325 50.02 3.66 1.70
C GLU A 325 50.54 2.84 0.51
N VAL A 326 51.12 1.66 0.78
CA VAL A 326 51.79 0.79 -0.23
C VAL A 326 51.16 -0.60 -0.23
N ARG A 327 50.04 -0.79 0.44
CA ARG A 327 49.38 -2.12 0.57
C ARG A 327 48.69 -2.49 -0.75
N LEU A 328 48.91 -3.72 -1.20
CA LEU A 328 48.24 -4.31 -2.40
C LEU A 328 46.73 -4.13 -2.24
N GLY A 329 46.08 -3.49 -3.22
CA GLY A 329 44.63 -3.23 -3.23
C GLY A 329 44.32 -1.79 -2.87
N ARG A 330 45.34 -0.93 -2.79
CA ARG A 330 45.12 0.52 -2.57
C ARG A 330 44.53 1.14 -3.83
N ASN A 331 45.02 0.75 -5.01
CA ASN A 331 44.58 1.32 -6.31
C ASN A 331 43.34 0.61 -6.81
N GLY A 332 42.92 -0.46 -6.13
CA GLY A 332 41.70 -1.22 -6.44
C GLY A 332 42.00 -2.70 -6.51
N VAL A 333 40.94 -3.52 -6.58
CA VAL A 333 40.96 -4.99 -6.35
C VAL A 333 41.62 -5.70 -7.55
N GLU A 334 41.82 -5.03 -8.68
CA GLU A 334 42.36 -5.75 -9.88
C GLU A 334 43.85 -6.03 -9.65
N GLU A 335 44.62 -5.13 -9.01
CA GLU A 335 46.01 -5.41 -8.56
C GLU A 335 46.08 -6.82 -7.96
N ILE A 336 45.19 -7.09 -6.98
CA ILE A 336 45.10 -8.38 -6.23
C ILE A 336 44.94 -9.49 -7.25
N ARG A 337 43.90 -9.35 -8.08
CA ARG A 337 43.35 -10.43 -8.94
C ARG A 337 44.44 -10.98 -9.85
N GLN A 338 45.29 -10.12 -10.40
CA GLN A 338 46.33 -10.54 -11.38
C GLN A 338 47.68 -10.58 -10.66
N HIS A 339 47.70 -11.06 -9.42
CA HIS A 339 48.94 -11.41 -8.70
C HIS A 339 49.35 -12.82 -9.10
N PRO A 340 50.65 -13.06 -9.35
CA PRO A 340 51.16 -14.37 -9.73
C PRO A 340 50.59 -15.56 -8.94
N PHE A 341 50.39 -15.41 -7.63
CA PHE A 341 49.98 -16.49 -6.70
C PHE A 341 48.67 -17.12 -7.17
N PHE A 342 47.78 -16.32 -7.75
CA PHE A 342 46.37 -16.70 -8.08
C PHE A 342 46.29 -17.44 -9.42
N LYS A 343 47.31 -17.27 -10.29
CA LYS A 343 47.39 -17.98 -11.58
C LYS A 343 47.23 -19.48 -11.32
N ASN A 344 46.22 -20.11 -11.93
CA ASN A 344 45.90 -21.55 -11.70
C ASN A 344 45.08 -22.10 -12.89
N ASP A 345 44.89 -23.42 -12.92
CA ASP A 345 44.24 -24.18 -14.02
C ASP A 345 42.78 -24.47 -13.68
N GLN A 346 42.40 -24.38 -12.39
CA GLN A 346 41.12 -24.91 -11.86
C GLN A 346 39.98 -23.94 -12.16
N TRP A 347 40.21 -22.62 -11.99
CA TRP A 347 39.16 -21.57 -11.97
C TRP A 347 39.72 -20.24 -12.48
N HIS A 348 38.86 -19.42 -13.11
CA HIS A 348 39.05 -17.94 -13.32
C HIS A 348 38.13 -17.20 -12.34
N TRP A 349 38.29 -15.87 -12.25
CA TRP A 349 37.61 -15.03 -11.24
C TRP A 349 36.12 -14.90 -11.60
N ASP A 350 35.77 -15.06 -12.88
CA ASP A 350 34.38 -14.91 -13.41
C ASP A 350 33.52 -16.07 -12.94
N ASN A 351 34.11 -17.23 -12.62
CA ASN A 351 33.39 -18.54 -12.55
C ASN A 351 33.85 -19.37 -11.34
N ILE A 352 34.65 -18.83 -10.42
CA ILE A 352 35.25 -19.62 -9.31
C ILE A 352 34.12 -20.33 -8.53
N ARG A 353 33.02 -19.64 -8.26
CA ARG A 353 31.99 -20.10 -7.27
C ARG A 353 31.09 -21.18 -7.89
N GLU A 354 31.41 -21.62 -9.12
CA GLU A 354 30.72 -22.76 -9.76
C GLU A 354 31.76 -23.79 -10.23
N THR A 355 33.01 -23.72 -9.74
CA THR A 355 33.99 -24.83 -9.80
C THR A 355 33.82 -25.72 -8.57
N ALA A 356 34.53 -26.84 -8.51
CA ALA A 356 34.51 -27.78 -7.37
C ALA A 356 35.38 -27.19 -6.24
N ALA A 357 34.79 -26.99 -5.07
CA ALA A 357 35.49 -26.53 -3.85
C ALA A 357 36.53 -27.59 -3.44
N PRO A 358 37.65 -27.17 -2.81
CA PRO A 358 38.61 -28.12 -2.23
C PRO A 358 38.01 -29.10 -1.23
N VAL A 359 37.09 -28.65 -0.39
CA VAL A 359 36.37 -29.50 0.61
C VAL A 359 34.88 -29.33 0.38
N VAL A 360 34.27 -30.32 -0.29
CA VAL A 360 32.80 -30.47 -0.42
C VAL A 360 32.32 -31.33 0.75
N PRO A 361 31.43 -30.82 1.61
CA PRO A 361 31.08 -31.50 2.85
C PRO A 361 30.24 -32.76 2.58
N GLU A 362 30.36 -33.78 3.42
CA GLU A 362 29.50 -34.99 3.37
C GLU A 362 28.32 -34.80 4.34
N LEU A 363 27.22 -34.28 3.83
CA LEU A 363 25.97 -34.04 4.60
C LEU A 363 25.06 -35.27 4.44
N SER A 364 24.48 -35.76 5.56
CA SER A 364 23.62 -36.97 5.60
C SER A 364 22.14 -36.58 5.49
N SER A 365 21.80 -35.37 5.98
CA SER A 365 20.41 -34.84 6.02
C SER A 365 20.42 -33.31 6.11
N ASP A 366 19.22 -32.72 6.21
CA ASP A 366 19.03 -31.25 6.20
C ASP A 366 19.39 -30.66 7.56
N ILE A 367 19.63 -31.51 8.58
CA ILE A 367 20.00 -31.07 9.97
C ILE A 367 21.38 -31.62 10.39
N ASP A 368 22.19 -32.12 9.45
CA ASP A 368 23.56 -32.61 9.73
C ASP A 368 24.41 -31.40 10.13
N SER A 369 24.92 -31.40 11.36
CA SER A 369 25.70 -30.29 11.97
C SER A 369 27.06 -30.80 12.43
N SER A 370 27.63 -31.74 11.68
CA SER A 370 28.83 -32.52 12.08
C SER A 370 30.10 -31.68 11.81
N ASN A 371 29.98 -30.59 11.06
CA ASN A 371 31.09 -29.63 10.80
C ASN A 371 31.02 -28.49 11.83
N PHE A 372 30.22 -28.67 12.88
CA PHE A 372 30.14 -27.75 14.03
C PHE A 372 30.43 -28.53 15.31
N ASP A 373 31.28 -27.97 16.16
CA ASP A 373 31.65 -28.54 17.48
C ASP A 373 30.46 -28.38 18.43
N ASP A 374 30.41 -29.22 19.47
CA ASP A 374 29.32 -29.23 20.48
C ASP A 374 29.48 -28.04 21.42
N ILE A 375 28.47 -27.84 22.27
CA ILE A 375 28.36 -26.70 23.22
C ILE A 375 27.62 -27.20 24.47
N GLU A 376 27.81 -26.60 25.66
CA GLU A 376 26.84 -26.77 26.78
C GLU A 376 27.08 -25.77 27.91
N VAL A 382 19.13 -16.89 31.86
CA VAL A 382 19.13 -16.62 33.32
C VAL A 382 19.83 -15.27 33.54
N GLU A 383 19.13 -14.14 33.30
CA GLU A 383 19.65 -12.76 33.52
C GLU A 383 18.75 -11.70 32.85
N THR A 384 17.51 -11.56 33.33
CA THR A 384 16.52 -10.57 32.79
C THR A 384 16.80 -9.18 33.39
N PHE A 385 15.95 -8.20 33.02
CA PHE A 385 15.99 -6.78 33.41
C PHE A 385 15.30 -6.59 34.77
N PRO A 386 15.69 -5.60 35.59
CA PRO A 386 14.95 -5.24 36.80
C PRO A 386 13.82 -4.24 36.51
N ILE A 387 12.70 -4.35 37.23
CA ILE A 387 11.54 -3.40 37.14
C ILE A 387 12.07 -1.98 37.36
N PRO A 388 11.77 -1.02 36.46
CA PRO A 388 12.34 0.32 36.56
C PRO A 388 11.62 1.20 37.60
N LYS A 389 12.38 2.13 38.15
CA LYS A 389 11.91 3.20 39.08
C LYS A 389 11.13 4.21 38.24
N ALA A 390 11.82 4.84 37.27
CA ALA A 390 11.30 5.77 36.25
C ALA A 390 11.72 5.25 34.87
N PHE A 391 11.37 5.97 33.80
CA PHE A 391 11.54 5.50 32.40
C PHE A 391 13.04 5.32 32.10
N VAL A 392 13.43 4.09 31.75
CA VAL A 392 14.83 3.71 31.43
C VAL A 392 14.98 3.56 29.91
N GLY A 393 13.92 3.10 29.24
CA GLY A 393 13.86 2.97 27.77
C GLY A 393 14.76 1.84 27.27
N ASN A 394 14.60 0.65 27.83
CA ASN A 394 15.47 -0.53 27.57
C ASN A 394 15.19 -1.12 26.18
N GLN A 395 14.00 -0.90 25.61
CA GLN A 395 13.56 -1.51 24.33
C GLN A 395 13.79 -0.53 23.16
N LEU A 396 14.11 0.73 23.46
CA LEU A 396 14.28 1.81 22.46
C LEU A 396 15.42 1.47 21.49
N PRO A 397 16.54 0.87 21.94
CA PRO A 397 17.67 0.61 21.05
C PRO A 397 17.38 -0.38 19.92
N PHE A 398 16.24 -1.10 19.98
CA PHE A 398 15.91 -2.23 19.05
C PHE A 398 14.65 -1.95 18.24
N ILE A 399 14.08 -0.74 18.34
CA ILE A 399 13.00 -0.28 17.43
C ILE A 399 13.55 -0.29 16.00
N GLY A 400 12.96 -1.10 15.13
CA GLY A 400 13.24 -1.13 13.68
C GLY A 400 13.93 -2.40 13.25
N PHE A 401 14.20 -3.32 14.18
CA PHE A 401 14.93 -4.58 13.91
C PHE A 401 14.04 -5.48 13.06
N THR A 402 12.82 -5.74 13.55
CA THR A 402 11.85 -6.68 12.95
C THR A 402 11.92 -6.55 11.43
N TYR A 403 12.12 -7.68 10.73
CA TYR A 403 12.23 -7.79 9.25
C TYR A 403 11.65 -9.14 8.79
N TYR A 404 10.80 -9.10 7.76
CA TYR A 404 10.28 -10.29 7.04
C TYR A 404 10.70 -10.19 5.58
N ARG A 405 11.06 -11.32 4.99
CA ARG A 405 11.40 -11.46 3.55
C ARG A 405 10.13 -11.75 2.74
N GLN B 15 -15.66 0.56 0.54
CA GLN B 15 -14.78 0.41 -0.68
C GLN B 15 -13.45 -0.22 -0.30
N ARG B 16 -13.21 -0.38 1.02
CA ARG B 16 -12.08 -1.14 1.63
C ARG B 16 -12.23 -2.64 1.35
N LYS B 17 -13.46 -3.11 1.15
CA LYS B 17 -13.78 -4.55 0.92
C LYS B 17 -13.03 -5.02 -0.33
N LEU B 18 -12.94 -4.14 -1.32
CA LEU B 18 -12.23 -4.33 -2.61
C LEU B 18 -10.74 -4.57 -2.32
N GLU B 19 -10.15 -3.73 -1.50
CA GLU B 19 -8.70 -3.70 -1.17
C GLU B 19 -8.26 -5.07 -0.62
N ALA B 20 -9.15 -5.75 0.10
CA ALA B 20 -8.92 -7.08 0.73
C ALA B 20 -8.76 -8.17 -0.34
N LEU B 21 -9.66 -8.18 -1.32
CA LEU B 21 -9.69 -9.16 -2.44
C LEU B 21 -8.34 -9.11 -3.15
N ILE B 22 -7.86 -7.91 -3.50
CA ILE B 22 -6.57 -7.67 -4.21
C ILE B 22 -5.40 -8.23 -3.36
N ARG B 23 -5.47 -8.04 -2.04
CA ARG B 23 -4.35 -8.29 -1.09
C ARG B 23 -4.20 -9.79 -0.84
N ASP B 24 -5.24 -10.59 -1.10
CA ASP B 24 -5.17 -12.08 -1.02
C ASP B 24 -4.48 -12.61 -2.28
N PRO B 25 -3.37 -13.38 -2.17
CA PRO B 25 -2.71 -13.96 -3.35
C PRO B 25 -3.49 -15.15 -3.94
N ARG B 26 -4.46 -15.68 -3.18
CA ARG B 26 -5.36 -16.79 -3.60
C ARG B 26 -6.45 -16.23 -4.53
N SER B 27 -6.71 -14.92 -4.49
CA SER B 27 -7.88 -14.25 -5.13
C SER B 27 -7.59 -13.94 -6.59
N PRO B 28 -8.57 -14.23 -7.50
CA PRO B 28 -8.36 -14.12 -8.94
C PRO B 28 -8.24 -12.68 -9.44
N ILE B 29 -8.62 -11.71 -8.60
CA ILE B 29 -8.49 -10.25 -8.85
C ILE B 29 -7.46 -9.68 -7.88
N ASN B 30 -6.25 -10.25 -7.86
CA ASN B 30 -5.06 -9.60 -7.26
C ASN B 30 -4.33 -8.83 -8.36
N VAL B 31 -3.52 -7.84 -7.99
CA VAL B 31 -2.83 -6.89 -8.92
C VAL B 31 -2.19 -7.66 -10.09
N GLU B 32 -1.46 -8.74 -9.79
CA GLU B 32 -0.70 -9.54 -10.80
C GLU B 32 -1.66 -10.06 -11.86
N SER B 33 -2.87 -10.48 -11.45
CA SER B 33 -3.95 -11.03 -12.30
C SER B 33 -4.67 -9.92 -13.05
N LEU B 34 -4.67 -8.69 -12.50
CA LEU B 34 -5.31 -7.51 -13.13
C LEU B 34 -4.38 -6.98 -14.22
N LEU B 35 -3.07 -7.05 -13.98
CA LEU B 35 -2.01 -6.67 -14.94
C LEU B 35 -1.92 -7.73 -16.06
N ASP B 36 -2.06 -9.01 -15.71
CA ASP B 36 -2.19 -10.09 -16.73
C ASP B 36 -3.37 -9.69 -17.63
N GLY B 37 -4.48 -9.28 -17.03
CA GLY B 37 -5.73 -8.90 -17.72
C GLY B 37 -5.51 -7.88 -18.81
N LEU B 38 -4.84 -6.77 -18.48
CA LEU B 38 -4.57 -5.66 -19.42
C LEU B 38 -3.56 -6.12 -20.48
N ASN B 39 -2.52 -6.86 -20.08
CA ASN B 39 -1.41 -7.27 -20.98
C ASN B 39 -1.94 -8.24 -22.04
N SER B 40 -2.78 -9.19 -21.66
CA SER B 40 -3.33 -10.25 -22.54
C SER B 40 -4.29 -9.63 -23.55
N LEU B 41 -5.02 -8.60 -23.13
CA LEU B 41 -5.95 -7.83 -24.01
C LEU B 41 -5.12 -7.11 -25.09
N VAL B 42 -4.04 -6.44 -24.70
CA VAL B 42 -3.16 -5.68 -25.64
C VAL B 42 -2.46 -6.67 -26.59
N LEU B 43 -2.11 -7.86 -26.13
CA LEU B 43 -1.39 -8.87 -26.96
C LEU B 43 -2.34 -9.44 -28.01
N ASP B 44 -3.65 -9.46 -27.73
CA ASP B 44 -4.65 -10.18 -28.55
C ASP B 44 -5.39 -9.21 -29.49
N LEU B 45 -5.18 -7.90 -29.32
CA LEU B 45 -5.84 -6.84 -30.13
C LEU B 45 -4.85 -6.21 -31.12
N ASP B 46 -3.61 -5.98 -30.69
CA ASP B 46 -2.54 -5.33 -31.49
C ASP B 46 -2.16 -6.23 -32.65
N PHE B 47 -2.93 -6.15 -33.74
CA PHE B 47 -2.68 -6.81 -35.05
C PHE B 47 -3.24 -5.91 -36.13
N PRO B 48 -2.65 -5.93 -37.35
CA PRO B 48 -3.05 -4.99 -38.41
C PRO B 48 -4.58 -4.96 -38.59
N ALA B 49 -5.16 -6.16 -38.74
CA ALA B 49 -6.56 -6.39 -39.14
C ALA B 49 -7.52 -5.70 -38.16
N LEU B 50 -7.35 -6.00 -36.87
CA LEU B 50 -8.28 -5.63 -35.78
C LEU B 50 -8.23 -4.12 -35.52
N ARG B 51 -7.06 -3.50 -35.74
CA ARG B 51 -6.79 -2.06 -35.48
C ARG B 51 -7.62 -1.16 -36.43
N LYS B 52 -8.12 -1.72 -37.54
CA LYS B 52 -9.05 -0.98 -38.42
C LYS B 52 -10.34 -0.64 -37.63
N ASN B 53 -10.62 -1.38 -36.55
CA ASN B 53 -11.69 -1.06 -35.56
C ASN B 53 -11.23 0.13 -34.69
N LYS B 54 -11.95 1.25 -34.75
CA LYS B 54 -11.69 2.47 -33.93
C LYS B 54 -11.54 2.07 -32.45
N ASN B 55 -12.61 1.56 -31.84
CA ASN B 55 -12.67 1.05 -30.44
C ASN B 55 -11.31 0.44 -30.04
N ILE B 56 -10.78 -0.45 -30.87
CA ILE B 56 -9.55 -1.24 -30.58
C ILE B 56 -8.32 -0.35 -30.75
N ASP B 57 -8.34 0.57 -31.70
CA ASP B 57 -7.21 1.52 -31.94
C ASP B 57 -7.17 2.55 -30.80
N ASN B 58 -8.32 3.09 -30.37
CA ASN B 58 -8.45 4.06 -29.24
C ASN B 58 -7.83 3.47 -27.98
N PHE B 59 -8.12 2.20 -27.71
CA PHE B 59 -7.63 1.45 -26.54
C PHE B 59 -6.11 1.25 -26.63
N LEU B 60 -5.65 0.73 -27.75
CA LEU B 60 -4.22 0.38 -27.97
C LEU B 60 -3.37 1.66 -28.06
N ASN B 61 -3.93 2.76 -28.55
CA ASN B 61 -3.26 4.09 -28.53
C ASN B 61 -3.01 4.46 -27.07
N ARG B 62 -4.05 4.41 -26.24
CA ARG B 62 -3.98 4.81 -24.80
C ARG B 62 -2.95 3.94 -24.05
N TYR B 63 -2.98 2.62 -24.24
CA TYR B 63 -2.38 1.64 -23.29
C TYR B 63 -1.13 0.98 -23.86
N GLU B 64 -1.07 0.70 -25.16
CA GLU B 64 0.04 -0.03 -25.83
C GLU B 64 1.39 0.41 -25.22
N LYS B 65 1.61 1.73 -25.14
CA LYS B 65 2.91 2.36 -24.77
C LYS B 65 3.32 1.93 -23.35
N ILE B 66 2.44 2.13 -22.37
CA ILE B 66 2.70 1.85 -20.92
C ILE B 66 2.75 0.34 -20.70
N VAL B 67 1.99 -0.42 -21.48
CA VAL B 67 1.96 -1.92 -21.37
C VAL B 67 3.36 -2.47 -21.68
N LYS B 68 4.05 -1.90 -22.68
CA LYS B 68 5.46 -2.29 -23.01
C LYS B 68 6.36 -1.91 -21.84
N LYS B 69 6.25 -0.67 -21.34
CA LYS B 69 7.03 -0.14 -20.19
C LYS B 69 6.91 -1.10 -18.99
N ILE B 70 5.69 -1.60 -18.71
CA ILE B 70 5.40 -2.53 -17.58
C ILE B 70 6.08 -3.87 -17.84
N ARG B 71 5.83 -4.46 -19.01
CA ARG B 71 6.41 -5.77 -19.41
C ARG B 71 7.93 -5.69 -19.21
N GLY B 72 8.51 -4.51 -19.39
CA GLY B 72 9.94 -4.23 -19.13
C GLY B 72 10.35 -4.64 -17.74
N LEU B 73 9.59 -4.22 -16.73
CA LEU B 73 9.98 -4.21 -15.30
C LEU B 73 9.67 -5.56 -14.65
N GLN B 74 8.45 -6.05 -14.86
CA GLN B 74 7.98 -7.31 -14.26
C GLN B 74 8.82 -8.47 -14.83
N MET B 75 8.95 -9.55 -14.05
CA MET B 75 9.92 -10.66 -14.24
C MET B 75 9.83 -11.20 -15.66
N LYS B 76 10.99 -11.30 -16.31
CA LYS B 76 11.14 -11.67 -17.74
C LYS B 76 11.87 -13.00 -17.80
N ALA B 77 11.91 -13.61 -18.99
CA ALA B 77 12.73 -14.80 -19.29
C ALA B 77 14.21 -14.41 -19.24
N GLU B 78 14.56 -13.24 -19.79
CA GLU B 78 15.96 -12.74 -19.96
C GLU B 78 16.60 -12.50 -18.59
N ASP B 79 15.80 -12.40 -17.53
CA ASP B 79 16.29 -12.20 -16.14
C ASP B 79 17.15 -13.40 -15.71
N TYR B 80 16.98 -14.55 -16.37
CA TYR B 80 17.65 -15.84 -16.04
C TYR B 80 18.67 -16.21 -17.13
N ASP B 81 19.80 -16.79 -16.70
CA ASP B 81 20.78 -17.50 -17.56
C ASP B 81 20.36 -18.98 -17.62
N VAL B 82 20.34 -19.55 -18.82
CA VAL B 82 19.95 -20.97 -19.04
C VAL B 82 21.22 -21.82 -18.97
N VAL B 83 21.52 -22.38 -17.80
CA VAL B 83 22.75 -23.16 -17.55
C VAL B 83 22.74 -24.41 -18.45
N LYS B 84 21.68 -25.22 -18.39
CA LYS B 84 21.40 -26.24 -19.43
C LYS B 84 19.99 -26.80 -19.27
N VAL B 85 19.56 -27.56 -20.27
CA VAL B 85 18.21 -28.21 -20.36
C VAL B 85 18.28 -29.57 -19.66
N ILE B 86 17.40 -29.82 -18.68
CA ILE B 86 17.40 -31.05 -17.84
C ILE B 86 16.14 -31.89 -18.11
N GLY B 87 15.35 -31.54 -19.12
CA GLY B 87 14.19 -32.36 -19.54
C GLY B 87 13.28 -31.61 -20.49
N ARG B 88 12.72 -32.32 -21.47
CA ARG B 88 11.83 -31.73 -22.50
C ARG B 88 10.51 -32.50 -22.51
N GLY B 89 9.41 -31.79 -22.28
CA GLY B 89 8.03 -32.29 -22.37
C GLY B 89 7.48 -32.07 -23.76
N ALA B 90 6.20 -32.40 -23.94
CA ALA B 90 5.43 -32.17 -25.19
C ALA B 90 4.94 -30.72 -25.19
N PHE B 91 4.89 -30.09 -24.02
CA PHE B 91 4.44 -28.69 -23.86
C PHE B 91 5.67 -27.80 -23.66
N GLY B 92 6.86 -28.33 -23.93
CA GLY B 92 8.14 -27.58 -23.85
C GLY B 92 8.97 -28.02 -22.65
N GLU B 93 10.11 -27.34 -22.44
CA GLU B 93 11.27 -27.92 -21.72
C GLU B 93 11.36 -27.41 -20.29
N VAL B 94 12.21 -28.07 -19.50
CA VAL B 94 12.61 -27.67 -18.12
C VAL B 94 14.10 -27.32 -18.17
N GLN B 95 14.44 -26.12 -17.72
CA GLN B 95 15.81 -25.57 -17.76
C GLN B 95 16.34 -25.49 -16.33
N LEU B 96 17.57 -25.94 -16.12
CA LEU B 96 18.41 -25.46 -15.02
C LEU B 96 18.83 -24.04 -15.39
N VAL B 97 18.51 -23.08 -14.53
CA VAL B 97 18.77 -21.64 -14.79
C VAL B 97 19.43 -21.03 -13.55
N ARG B 98 20.14 -19.93 -13.76
CA ARG B 98 20.64 -19.04 -12.70
C ARG B 98 20.01 -17.65 -12.92
N HIS B 99 19.29 -17.13 -11.94
CA HIS B 99 18.79 -15.74 -11.92
C HIS B 99 19.99 -14.80 -11.88
N LYS B 100 20.04 -13.83 -12.79
CA LYS B 100 21.27 -13.05 -13.08
C LYS B 100 21.66 -12.24 -11.84
N ALA B 101 20.79 -11.34 -11.37
CA ALA B 101 21.04 -10.40 -10.25
C ALA B 101 21.38 -11.17 -8.96
N SER B 102 20.48 -12.07 -8.55
CA SER B 102 20.52 -12.80 -7.27
C SER B 102 21.56 -13.93 -7.32
N GLN B 103 21.85 -14.43 -8.52
CA GLN B 103 22.88 -15.47 -8.77
C GLN B 103 22.43 -16.82 -8.21
N LYS B 104 21.14 -16.96 -7.89
CA LYS B 104 20.55 -18.20 -7.33
C LYS B 104 20.17 -19.12 -8.49
N VAL B 105 20.30 -20.43 -8.27
CA VAL B 105 20.02 -21.48 -9.27
C VAL B 105 18.58 -21.99 -9.04
N TYR B 106 17.83 -22.19 -10.10
CA TYR B 106 16.45 -22.74 -10.04
C TYR B 106 16.28 -23.76 -11.17
N ALA B 107 15.21 -24.53 -11.11
CA ALA B 107 14.63 -25.24 -12.26
C ALA B 107 13.48 -24.39 -12.79
N MET B 108 13.47 -24.11 -14.09
CA MET B 108 12.40 -23.33 -14.74
C MET B 108 11.71 -24.20 -15.79
N LYS B 109 10.41 -24.46 -15.60
CA LYS B 109 9.60 -25.23 -16.55
C LYS B 109 8.92 -24.25 -17.49
N LEU B 110 9.06 -24.47 -18.81
CA LEU B 110 8.36 -23.72 -19.88
C LEU B 110 7.16 -24.54 -20.35
N LEU B 111 5.99 -23.89 -20.49
CA LEU B 111 4.78 -24.45 -21.13
C LEU B 111 4.40 -23.59 -22.33
N SER B 112 4.49 -24.15 -23.55
CA SER B 112 4.07 -23.49 -24.81
C SER B 112 2.57 -23.23 -24.79
N LYS B 113 2.17 -21.96 -24.81
CA LYS B 113 0.76 -21.53 -24.92
C LYS B 113 0.17 -22.06 -26.23
N PHE B 114 0.98 -22.07 -27.30
CA PHE B 114 0.60 -22.55 -28.65
C PHE B 114 0.14 -24.00 -28.56
N GLU B 115 0.94 -24.85 -27.90
CA GLU B 115 0.72 -26.32 -27.84
C GLU B 115 -0.48 -26.61 -26.95
N MET B 116 -0.64 -25.88 -25.86
CA MET B 116 -1.73 -26.08 -24.88
C MET B 116 -3.07 -25.69 -25.53
N ILE B 117 -3.10 -24.54 -26.20
CA ILE B 117 -4.30 -24.05 -26.96
C ILE B 117 -4.62 -25.09 -28.05
N LYS B 118 -3.63 -25.47 -28.85
CA LYS B 118 -3.77 -26.39 -30.01
C LYS B 118 -4.32 -27.75 -29.55
N ARG B 119 -3.88 -28.25 -28.39
CA ARG B 119 -4.26 -29.58 -27.85
C ARG B 119 -5.56 -29.49 -27.04
N SER B 120 -6.21 -28.32 -27.00
CA SER B 120 -7.43 -28.03 -26.20
C SER B 120 -7.17 -28.40 -24.73
N ASP B 121 -5.96 -28.13 -24.23
CA ASP B 121 -5.47 -28.61 -22.91
C ASP B 121 -4.82 -27.43 -22.18
N SER B 122 -5.64 -26.58 -21.55
CA SER B 122 -5.25 -25.22 -21.07
C SER B 122 -5.73 -24.98 -19.63
N ALA B 123 -5.83 -26.04 -18.82
CA ALA B 123 -6.35 -26.02 -17.42
C ALA B 123 -5.40 -26.74 -16.47
N PHE B 124 -4.63 -27.71 -16.97
CA PHE B 124 -3.82 -28.64 -16.13
C PHE B 124 -2.87 -27.85 -15.23
N PHE B 125 -2.41 -26.68 -15.69
CA PHE B 125 -1.30 -25.92 -15.04
C PHE B 125 -1.78 -25.20 -13.79
N TRP B 126 -3.07 -24.85 -13.69
CA TRP B 126 -3.60 -24.12 -12.51
C TRP B 126 -3.28 -24.93 -11.24
N GLU B 127 -3.72 -26.20 -11.17
CA GLU B 127 -3.50 -27.12 -10.03
C GLU B 127 -2.00 -27.25 -9.76
N GLU B 128 -1.21 -27.36 -10.82
CA GLU B 128 0.26 -27.55 -10.73
C GLU B 128 0.89 -26.35 -10.02
N ARG B 129 0.52 -25.15 -10.43
CA ARG B 129 1.03 -23.88 -9.84
C ARG B 129 0.53 -23.75 -8.41
N ASP B 130 -0.77 -23.88 -8.20
CA ASP B 130 -1.43 -23.86 -6.87
C ASP B 130 -0.69 -24.78 -5.89
N ILE B 131 -0.43 -26.04 -6.27
CA ILE B 131 0.16 -27.07 -5.37
C ILE B 131 1.58 -26.64 -5.00
N MET B 132 2.40 -26.27 -5.98
CA MET B 132 3.84 -26.00 -5.78
C MET B 132 4.00 -24.68 -5.01
N ALA B 133 3.09 -23.74 -5.22
CA ALA B 133 3.14 -22.37 -4.65
C ALA B 133 2.75 -22.39 -3.18
N PHE B 134 1.78 -23.24 -2.80
CA PHE B 134 1.01 -23.12 -1.53
C PHE B 134 1.06 -24.40 -0.70
N ALA B 135 1.49 -25.53 -1.25
CA ALA B 135 1.55 -26.83 -0.52
C ALA B 135 2.36 -26.66 0.77
N ASN B 136 3.50 -25.97 0.68
CA ASN B 136 4.37 -25.66 1.84
C ASN B 136 4.83 -26.95 2.53
N SER B 137 4.93 -28.04 1.77
CA SER B 137 5.33 -29.37 2.29
C SER B 137 6.77 -29.64 1.89
N PRO B 138 7.54 -30.35 2.74
CA PRO B 138 8.87 -30.80 2.36
C PRO B 138 8.81 -31.94 1.34
N TRP B 139 7.60 -32.44 1.03
CA TRP B 139 7.35 -33.54 0.07
C TRP B 139 7.02 -32.97 -1.32
N VAL B 140 6.69 -31.68 -1.41
CA VAL B 140 6.24 -31.01 -2.67
C VAL B 140 7.33 -30.04 -3.11
N VAL B 141 7.87 -30.23 -4.31
CA VAL B 141 8.78 -29.25 -4.96
C VAL B 141 8.10 -27.88 -4.92
N GLN B 142 8.87 -26.84 -4.66
CA GLN B 142 8.38 -25.49 -4.30
C GLN B 142 8.45 -24.55 -5.51
N LEU B 143 7.40 -23.75 -5.72
CA LEU B 143 7.34 -22.70 -6.77
C LEU B 143 7.63 -21.32 -6.14
N PHE B 144 8.59 -20.59 -6.70
CA PHE B 144 8.96 -19.22 -6.26
C PHE B 144 8.29 -18.19 -7.14
N TYR B 145 8.26 -18.43 -8.45
CA TYR B 145 7.75 -17.48 -9.48
C TYR B 145 7.01 -18.23 -10.58
N ALA B 146 5.79 -17.80 -10.85
CA ALA B 146 5.12 -17.98 -12.14
C ALA B 146 5.11 -16.63 -12.86
N PHE B 147 5.44 -16.62 -14.14
CA PHE B 147 5.28 -15.45 -15.04
C PHE B 147 5.09 -15.96 -16.46
N GLN B 148 4.60 -15.12 -17.37
CA GLN B 148 4.28 -15.52 -18.77
C GLN B 148 4.85 -14.47 -19.72
N ASP B 149 5.03 -14.83 -20.99
CA ASP B 149 5.18 -13.89 -22.13
C ASP B 149 4.20 -14.36 -23.21
N ASP B 150 4.28 -13.82 -24.42
CA ASP B 150 3.30 -14.08 -25.51
C ASP B 150 3.30 -15.57 -25.88
N ARG B 151 4.44 -16.27 -25.67
CA ARG B 151 4.69 -17.65 -26.17
C ARG B 151 4.55 -18.69 -25.04
N TYR B 152 5.01 -18.35 -23.83
CA TYR B 152 5.37 -19.34 -22.80
C TYR B 152 4.76 -18.97 -21.44
N LEU B 153 4.36 -19.99 -20.68
CA LEU B 153 4.20 -19.98 -19.20
C LEU B 153 5.54 -20.38 -18.59
N TYR B 154 5.96 -19.73 -17.52
CA TYR B 154 7.20 -20.05 -16.78
C TYR B 154 6.87 -20.33 -15.34
N MET B 155 7.34 -21.47 -14.85
CA MET B 155 7.36 -21.82 -13.42
C MET B 155 8.82 -21.96 -12.96
N VAL B 156 9.26 -21.09 -12.06
CA VAL B 156 10.62 -21.10 -11.43
C VAL B 156 10.52 -21.85 -10.11
N MET B 157 11.01 -23.09 -10.09
CA MET B 157 10.96 -24.03 -8.93
C MET B 157 12.35 -24.18 -8.31
N GLU B 158 12.44 -24.74 -7.10
CA GLU B 158 13.76 -25.14 -6.51
C GLU B 158 14.31 -26.31 -7.32
N TYR B 159 15.61 -26.28 -7.59
CA TYR B 159 16.37 -27.31 -8.35
C TYR B 159 16.53 -28.55 -7.46
N MET B 160 16.25 -29.72 -8.02
CA MET B 160 16.34 -31.03 -7.35
C MET B 160 17.50 -31.78 -8.00
N PRO B 161 18.74 -31.57 -7.53
CA PRO B 161 19.91 -31.96 -8.30
C PRO B 161 20.21 -33.46 -8.27
N GLY B 162 19.43 -34.21 -7.48
CA GLY B 162 19.59 -35.67 -7.30
C GLY B 162 19.01 -36.47 -8.46
N GLY B 163 18.37 -35.78 -9.42
CA GLY B 163 17.66 -36.41 -10.54
C GLY B 163 16.39 -37.08 -10.07
N ASP B 164 15.72 -37.80 -10.97
CA ASP B 164 14.46 -38.53 -10.66
C ASP B 164 14.82 -39.98 -10.35
N LEU B 165 13.82 -40.77 -9.93
CA LEU B 165 14.00 -42.17 -9.51
C LEU B 165 14.13 -43.07 -10.74
N VAL B 166 13.58 -42.67 -11.89
CA VAL B 166 13.70 -43.44 -13.15
C VAL B 166 15.19 -43.65 -13.41
N ASN B 167 16.00 -42.63 -13.09
CA ASN B 167 17.46 -42.57 -13.33
C ASN B 167 18.20 -43.33 -12.21
N LEU B 168 17.67 -43.29 -10.98
CA LEU B 168 18.24 -44.05 -9.83
C LEU B 168 18.07 -45.54 -10.09
N MET B 169 16.85 -45.97 -10.40
CA MET B 169 16.48 -47.40 -10.55
C MET B 169 17.30 -48.02 -11.69
N SER B 170 17.68 -47.22 -12.68
CA SER B 170 18.43 -47.66 -13.89
C SER B 170 19.94 -47.51 -13.68
N ASN B 171 20.38 -47.14 -12.47
CA ASN B 171 21.82 -46.95 -12.13
C ASN B 171 22.24 -47.85 -10.95
N TYR B 172 21.33 -48.65 -10.36
CA TYR B 172 21.61 -49.40 -9.10
C TYR B 172 20.94 -50.80 -9.10
N VAL B 174 18.65 -52.35 -6.78
CA VAL B 174 17.94 -51.67 -5.65
C VAL B 174 17.47 -52.73 -4.65
N PRO B 175 18.04 -52.78 -3.43
CA PRO B 175 17.61 -53.74 -2.41
C PRO B 175 16.28 -53.33 -1.75
N GLU B 176 15.65 -54.26 -1.04
CA GLU B 176 14.38 -54.03 -0.33
C GLU B 176 14.56 -52.87 0.65
N LYS B 177 15.71 -52.83 1.34
CA LYS B 177 16.06 -51.78 2.34
C LYS B 177 15.89 -50.39 1.73
N TRP B 178 16.30 -50.20 0.48
CA TRP B 178 16.15 -48.94 -0.30
C TRP B 178 14.67 -48.71 -0.61
N ALA B 179 14.02 -49.70 -1.20
CA ALA B 179 12.59 -49.66 -1.61
C ALA B 179 11.70 -49.30 -0.41
N LYS B 180 11.93 -49.92 0.74
CA LYS B 180 11.25 -49.56 2.02
C LYS B 180 11.25 -48.05 2.18
N PHE B 181 12.43 -47.44 2.13
CA PHE B 181 12.67 -45.99 2.34
C PHE B 181 11.88 -45.21 1.28
N TYR B 182 12.23 -45.43 0.01
CA TYR B 182 11.70 -44.65 -1.14
C TYR B 182 10.17 -44.79 -1.17
N THR B 183 9.64 -45.99 -0.89
CA THR B 183 8.18 -46.26 -0.88
C THR B 183 7.51 -45.45 0.24
N ALA B 184 8.09 -45.48 1.44
CA ALA B 184 7.59 -44.76 2.65
C ALA B 184 7.51 -43.26 2.36
N GLU B 185 8.58 -42.70 1.79
CA GLU B 185 8.67 -41.25 1.44
C GLU B 185 7.59 -40.91 0.40
N VAL B 186 7.39 -41.74 -0.63
CA VAL B 186 6.29 -41.55 -1.63
C VAL B 186 4.95 -41.59 -0.89
N VAL B 187 4.78 -42.52 0.05
CA VAL B 187 3.48 -42.72 0.77
C VAL B 187 3.16 -41.44 1.55
N LEU B 188 4.13 -40.90 2.27
CA LEU B 188 3.96 -39.67 3.09
C LEU B 188 3.69 -38.47 2.18
N ALA B 189 4.34 -38.43 1.03
CA ALA B 189 4.21 -37.35 0.04
C ALA B 189 2.78 -37.33 -0.48
N LEU B 190 2.26 -38.47 -0.92
CA LEU B 190 0.88 -38.57 -1.45
C LEU B 190 -0.10 -38.24 -0.34
N ASP B 191 0.17 -38.66 0.90
CA ASP B 191 -0.71 -38.37 2.04
C ASP B 191 -0.79 -36.85 2.23
N ALA B 192 0.31 -36.15 1.98
CA ALA B 192 0.39 -34.67 1.99
C ALA B 192 -0.54 -34.10 0.91
N ILE B 193 -0.37 -34.58 -0.33
CA ILE B 193 -1.19 -34.19 -1.52
C ILE B 193 -2.67 -34.44 -1.22
N HIS B 194 -3.00 -35.62 -0.70
CA HIS B 194 -4.39 -36.01 -0.35
C HIS B 194 -4.95 -35.06 0.70
N SER B 195 -4.12 -34.66 1.66
CA SER B 195 -4.50 -33.78 2.79
C SER B 195 -4.88 -32.39 2.29
N MET B 196 -4.48 -32.04 1.07
CA MET B 196 -4.82 -30.75 0.41
C MET B 196 -6.08 -30.92 -0.45
N GLY B 197 -6.76 -32.05 -0.34
CA GLY B 197 -8.03 -32.34 -1.03
C GLY B 197 -7.81 -32.68 -2.49
N LEU B 198 -6.65 -33.24 -2.83
CA LEU B 198 -6.26 -33.57 -4.22
C LEU B 198 -5.88 -35.05 -4.30
N ILE B 199 -6.25 -35.72 -5.38
CA ILE B 199 -5.68 -37.05 -5.76
C ILE B 199 -4.82 -36.82 -7.01
N HIS B 200 -3.70 -37.52 -7.11
CA HIS B 200 -2.61 -37.26 -8.08
C HIS B 200 -2.89 -37.99 -9.41
N ARG B 201 -3.17 -39.30 -9.35
CA ARG B 201 -3.74 -40.14 -10.44
C ARG B 201 -2.61 -40.82 -11.24
N ASP B 202 -1.56 -40.07 -11.60
CA ASP B 202 -0.44 -40.54 -12.46
C ASP B 202 0.88 -40.45 -11.67
N VAL B 203 0.95 -41.17 -10.55
CA VAL B 203 2.17 -41.23 -9.72
C VAL B 203 3.15 -42.15 -10.43
N LYS B 204 4.39 -41.72 -10.60
CA LYS B 204 5.43 -42.54 -11.26
C LYS B 204 6.81 -41.99 -10.94
N PRO B 205 7.88 -42.80 -11.11
CA PRO B 205 9.23 -42.37 -10.80
C PRO B 205 9.70 -41.08 -11.49
N ASP B 206 9.09 -40.68 -12.61
CA ASP B 206 9.47 -39.44 -13.34
C ASP B 206 9.03 -38.21 -12.54
N ASN B 207 7.97 -38.35 -11.74
CA ASN B 207 7.38 -37.26 -10.90
C ASN B 207 8.04 -37.24 -9.52
N MET B 208 8.89 -38.22 -9.21
CA MET B 208 9.62 -38.35 -7.93
C MET B 208 11.05 -37.82 -8.12
N LEU B 209 11.39 -36.72 -7.44
CA LEU B 209 12.71 -36.05 -7.57
C LEU B 209 13.46 -36.12 -6.23
N LEU B 210 14.79 -36.16 -6.32
CA LEU B 210 15.70 -36.25 -5.14
C LEU B 210 16.39 -34.91 -4.91
N ASP B 211 16.29 -34.36 -3.70
CA ASP B 211 16.96 -33.10 -3.26
C ASP B 211 18.46 -33.37 -3.03
N LYS B 212 19.21 -32.35 -2.62
CA LYS B 212 20.70 -32.43 -2.47
C LYS B 212 21.08 -33.46 -1.40
N HIS B 213 20.14 -33.93 -0.59
CA HIS B 213 20.39 -34.83 0.58
C HIS B 213 19.89 -36.25 0.31
N GLY B 214 19.30 -36.50 -0.87
CA GLY B 214 18.94 -37.83 -1.39
C GLY B 214 17.48 -38.20 -1.11
N HIS B 215 16.72 -37.24 -0.57
CA HIS B 215 15.31 -37.40 -0.09
C HIS B 215 14.33 -36.90 -1.16
N LEU B 216 13.11 -37.44 -1.14
CA LEU B 216 12.13 -37.44 -2.26
C LEU B 216 11.26 -36.18 -2.23
N LYS B 217 10.78 -35.75 -3.38
CA LYS B 217 9.79 -34.65 -3.54
C LYS B 217 8.97 -34.92 -4.81
N LEU B 218 7.64 -34.93 -4.73
CA LEU B 218 6.73 -34.99 -5.90
C LEU B 218 6.81 -33.65 -6.66
N ALA B 219 6.67 -33.65 -8.00
CA ALA B 219 7.15 -32.54 -8.84
C ALA B 219 6.21 -32.25 -10.02
N ASP B 220 5.63 -33.27 -10.62
CA ASP B 220 4.68 -33.06 -11.74
C ASP B 220 3.27 -33.27 -11.18
N PHE B 221 2.34 -32.37 -11.50
CA PHE B 221 1.00 -32.31 -10.85
C PHE B 221 -0.10 -32.02 -11.87
N GLY B 222 0.20 -32.17 -13.16
CA GLY B 222 -0.71 -31.84 -14.27
C GLY B 222 -1.99 -32.66 -14.22
N THR B 223 -1.98 -33.80 -13.53
CA THR B 223 -3.08 -34.81 -13.55
C THR B 223 -3.95 -34.68 -12.27
N CYS B 224 -3.58 -33.81 -11.34
CA CYS B 224 -4.20 -33.73 -9.99
C CYS B 224 -5.60 -33.10 -10.09
N MET B 225 -6.49 -33.50 -9.19
CA MET B 225 -7.94 -33.21 -9.24
C MET B 225 -8.47 -33.00 -7.82
N LYS B 226 -9.21 -31.90 -7.60
CA LYS B 226 -9.97 -31.62 -6.36
C LYS B 226 -10.97 -32.77 -6.14
N MET B 227 -11.19 -33.22 -4.90
CA MET B 227 -12.16 -34.33 -4.67
C MET B 227 -13.45 -33.79 -4.01
N ASP B 228 -14.51 -34.61 -4.06
CA ASP B 228 -15.91 -34.31 -3.66
C ASP B 228 -16.08 -33.78 -2.23
N GLU B 229 -15.17 -34.12 -1.32
CA GLU B 229 -15.45 -34.03 0.14
C GLU B 229 -16.50 -35.11 0.51
N THR B 230 -16.79 -36.06 -0.40
CA THR B 230 -16.95 -37.53 -0.10
C THR B 230 -15.75 -38.29 -0.70
N GLY B 231 -14.71 -37.58 -1.13
CA GLY B 231 -13.38 -38.15 -1.40
C GLY B 231 -13.23 -38.71 -2.80
N MET B 232 -14.32 -38.68 -3.60
CA MET B 232 -14.38 -39.18 -5.01
C MET B 232 -14.19 -37.99 -5.97
N VAL B 233 -14.12 -38.25 -7.29
CA VAL B 233 -14.04 -37.21 -8.37
C VAL B 233 -15.19 -37.42 -9.38
N VAL B 239 -6.53 -38.49 -20.91
CA VAL B 239 -5.80 -37.98 -19.73
C VAL B 239 -4.97 -39.16 -19.15
N GLY B 240 -3.68 -39.21 -19.48
CA GLY B 240 -2.75 -40.31 -19.13
C GLY B 240 -2.62 -41.31 -20.26
N THR B 241 -1.53 -42.11 -20.25
CA THR B 241 -1.30 -43.36 -21.05
C THR B 241 -0.70 -44.50 -20.23
N PRO B 242 0.37 -44.19 -19.46
CA PRO B 242 1.03 -45.10 -18.53
C PRO B 242 0.54 -46.48 -18.04
N ASP B 243 1.56 -47.16 -17.49
CA ASP B 243 1.62 -48.53 -16.95
C ASP B 243 1.39 -48.46 -15.44
N TYR B 244 1.38 -47.23 -14.88
CA TYR B 244 1.25 -46.94 -13.42
C TYR B 244 -0.19 -46.53 -13.05
N ILE B 245 -1.08 -46.42 -14.05
CA ILE B 245 -2.48 -46.00 -13.82
C ILE B 245 -3.25 -47.22 -13.31
N SER B 246 -4.26 -46.94 -12.49
CA SER B 246 -5.14 -47.89 -11.77
C SER B 246 -6.28 -48.32 -12.69
N PRO B 247 -6.80 -49.55 -12.54
CA PRO B 247 -7.92 -50.02 -13.35
C PRO B 247 -9.13 -49.10 -13.31
N GLU B 248 -9.46 -48.57 -12.13
CA GLU B 248 -10.69 -47.77 -11.91
C GLU B 248 -10.58 -46.45 -12.68
N VAL B 249 -9.36 -45.88 -12.79
CA VAL B 249 -9.07 -44.59 -13.47
C VAL B 249 -9.14 -44.82 -14.99
N LEU B 250 -8.62 -45.95 -15.47
CA LEU B 250 -8.61 -46.33 -16.90
C LEU B 250 -10.04 -46.49 -17.39
N LYS B 251 -10.87 -47.25 -16.65
CA LYS B 251 -12.31 -47.47 -16.95
C LYS B 251 -13.07 -46.13 -16.98
N SER B 252 -12.67 -45.18 -16.13
CA SER B 252 -13.44 -43.93 -15.86
C SER B 252 -13.33 -42.97 -17.04
N GLN B 253 -12.33 -43.21 -17.89
CA GLN B 253 -12.00 -42.37 -19.06
C GLN B 253 -12.95 -42.80 -20.21
N GLY B 254 -13.67 -43.92 -20.01
CA GLY B 254 -14.80 -44.36 -20.84
C GLY B 254 -16.09 -43.63 -20.50
N GLY B 255 -16.19 -43.00 -19.31
CA GLY B 255 -17.36 -42.19 -18.89
C GLY B 255 -17.08 -41.36 -17.65
N TYR B 258 -15.73 -42.35 -11.45
CA TYR B 258 -16.10 -42.31 -9.99
C TYR B 258 -15.09 -43.11 -9.19
N TYR B 259 -14.06 -42.45 -8.66
CA TYR B 259 -12.98 -43.10 -7.89
C TYR B 259 -12.42 -42.14 -6.84
N GLY B 260 -11.81 -42.70 -5.78
CA GLY B 260 -11.19 -41.93 -4.68
C GLY B 260 -9.68 -42.04 -4.72
N ARG B 261 -9.03 -41.69 -3.61
CA ARG B 261 -7.56 -41.50 -3.57
C ARG B 261 -6.86 -42.86 -3.53
N GLU B 262 -7.58 -43.95 -3.30
CA GLU B 262 -6.99 -45.33 -3.24
C GLU B 262 -6.38 -45.68 -4.60
N CYS B 263 -6.70 -44.90 -5.64
CA CYS B 263 -6.16 -45.01 -7.02
C CYS B 263 -4.67 -44.66 -7.05
N ASP B 264 -4.15 -44.05 -6.00
CA ASP B 264 -2.74 -43.62 -5.92
C ASP B 264 -1.93 -44.73 -5.26
N TRP B 265 -2.58 -45.52 -4.39
CA TRP B 265 -1.90 -46.63 -3.68
C TRP B 265 -1.63 -47.75 -4.67
N TRP B 266 -2.46 -47.89 -5.71
CA TRP B 266 -2.16 -48.75 -6.88
C TRP B 266 -0.82 -48.31 -7.45
N SER B 267 -0.72 -47.04 -7.84
CA SER B 267 0.47 -46.44 -8.49
C SER B 267 1.73 -46.73 -7.64
N VAL B 268 1.60 -46.80 -6.32
CA VAL B 268 2.75 -47.10 -5.38
C VAL B 268 3.14 -48.56 -5.54
N GLY B 269 2.17 -49.47 -5.49
CA GLY B 269 2.37 -50.91 -5.70
C GLY B 269 3.16 -51.17 -6.96
N VAL B 270 2.76 -50.52 -8.06
CA VAL B 270 3.44 -50.62 -9.39
C VAL B 270 4.89 -50.18 -9.20
N PHE B 271 5.08 -49.04 -8.55
CA PHE B 271 6.40 -48.45 -8.28
C PHE B 271 7.26 -49.48 -7.52
N LEU B 272 6.75 -49.97 -6.39
CA LEU B 272 7.47 -50.91 -5.49
C LEU B 272 7.88 -52.15 -6.29
N TYR B 273 6.97 -52.68 -7.11
CA TYR B 273 7.22 -53.85 -7.99
C TYR B 273 8.43 -53.54 -8.88
N GLU B 274 8.39 -52.44 -9.63
CA GLU B 274 9.45 -52.05 -10.60
C GLU B 274 10.79 -51.99 -9.88
N MET B 275 10.79 -51.43 -8.67
CA MET B 275 12.02 -51.12 -7.89
C MET B 275 12.73 -52.42 -7.50
N LEU B 276 11.97 -53.48 -7.20
CA LEU B 276 12.50 -54.79 -6.74
C LEU B 276 12.71 -55.74 -7.93
N VAL B 277 11.77 -55.77 -8.88
CA VAL B 277 11.77 -56.74 -10.02
C VAL B 277 12.67 -56.21 -11.15
N GLY B 278 12.44 -54.98 -11.62
CA GLY B 278 13.29 -54.34 -12.65
C GLY B 278 12.50 -53.89 -13.86
N ASP B 279 11.24 -54.32 -14.00
CA ASP B 279 10.27 -53.80 -14.99
C ASP B 279 8.92 -53.59 -14.30
N THR B 280 8.03 -52.79 -14.90
CA THR B 280 6.65 -52.57 -14.38
C THR B 280 5.90 -53.89 -14.54
N PRO B 281 4.93 -54.18 -13.65
CA PRO B 281 4.26 -55.48 -13.66
C PRO B 281 3.25 -55.67 -14.81
N PHE B 282 2.89 -54.61 -15.53
CA PHE B 282 1.90 -54.66 -16.64
C PHE B 282 2.52 -54.13 -17.92
N TYR B 283 3.85 -54.22 -18.03
CA TYR B 283 4.62 -53.75 -19.21
C TYR B 283 4.15 -54.53 -20.44
N ALA B 284 4.06 -53.84 -21.58
CA ALA B 284 3.77 -54.44 -22.90
C ALA B 284 4.35 -53.55 -24.00
N ASP B 285 4.52 -54.10 -25.21
CA ASP B 285 5.13 -53.42 -26.37
C ASP B 285 4.22 -52.26 -26.83
N SER B 286 2.89 -52.43 -26.70
CA SER B 286 1.88 -51.45 -27.15
C SER B 286 1.25 -50.75 -25.95
N LEU B 287 0.52 -49.66 -26.22
CA LEU B 287 -0.44 -49.01 -25.28
C LEU B 287 -1.50 -50.05 -24.92
N VAL B 288 -2.26 -50.45 -25.93
CA VAL B 288 -3.45 -51.33 -25.82
C VAL B 288 -3.04 -52.60 -25.09
N GLY B 289 -1.78 -53.01 -25.21
CA GLY B 289 -1.22 -54.20 -24.53
C GLY B 289 -1.15 -54.00 -23.03
N THR B 290 -0.55 -52.89 -22.60
CA THR B 290 -0.42 -52.48 -21.19
C THR B 290 -1.83 -52.26 -20.61
N TYR B 291 -2.72 -51.60 -21.36
CA TYR B 291 -4.13 -51.35 -20.96
C TYR B 291 -4.84 -52.68 -20.70
N SER B 292 -4.75 -53.63 -21.63
CA SER B 292 -5.36 -54.98 -21.56
C SER B 292 -4.88 -55.69 -20.30
N LYS B 293 -3.57 -55.62 -20.04
CA LYS B 293 -2.91 -56.34 -18.92
C LYS B 293 -3.44 -55.81 -17.60
N ILE B 294 -3.52 -54.47 -17.45
CA ILE B 294 -3.93 -53.79 -16.19
C ILE B 294 -5.37 -54.20 -15.85
N MET B 295 -6.29 -54.11 -16.81
CA MET B 295 -7.70 -54.50 -16.65
C MET B 295 -7.77 -55.94 -16.11
N ASP B 296 -6.83 -56.80 -16.56
CA ASP B 296 -6.85 -58.25 -16.30
C ASP B 296 -5.84 -58.60 -15.20
N HIS B 297 -5.70 -57.75 -14.20
CA HIS B 297 -4.60 -57.77 -13.21
C HIS B 297 -4.71 -59.01 -12.32
N LYS B 298 -5.92 -59.57 -12.15
CA LYS B 298 -6.14 -60.82 -11.39
C LYS B 298 -5.36 -61.95 -12.07
N ASN B 299 -5.35 -61.98 -13.39
CA ASN B 299 -4.59 -62.96 -14.21
C ASN B 299 -3.16 -62.46 -14.45
N SER B 300 -3.04 -61.21 -14.91
CA SER B 300 -1.85 -60.69 -15.64
C SER B 300 -0.67 -60.47 -14.69
N LEU B 301 -0.91 -60.15 -13.42
CA LEU B 301 0.17 -59.90 -12.43
C LEU B 301 0.83 -61.23 -12.05
N CYS B 302 2.14 -61.35 -12.22
CA CYS B 302 2.98 -62.45 -11.67
C CYS B 302 4.46 -62.07 -11.73
N PHE B 303 5.25 -62.66 -10.83
CA PHE B 303 6.68 -62.36 -10.57
C PHE B 303 7.55 -63.47 -11.17
N PRO B 304 8.73 -63.18 -11.77
CA PRO B 304 9.64 -64.21 -12.26
C PRO B 304 10.17 -65.16 -11.15
N GLU B 308 13.76 -62.47 -7.00
CA GLU B 308 13.64 -62.94 -5.57
C GLU B 308 13.18 -61.78 -4.68
N ILE B 309 12.15 -62.00 -3.86
CA ILE B 309 11.39 -60.95 -3.12
C ILE B 309 10.90 -61.54 -1.79
N SER B 310 11.23 -60.92 -0.65
CA SER B 310 10.71 -61.32 0.70
C SER B 310 9.19 -61.30 0.67
N LYS B 311 8.55 -62.25 1.35
CA LYS B 311 7.07 -62.43 1.31
C LYS B 311 6.38 -61.13 1.78
N HIS B 312 7.01 -60.38 2.68
CA HIS B 312 6.51 -59.06 3.15
C HIS B 312 6.41 -58.08 1.99
N ALA B 313 7.49 -57.91 1.22
CA ALA B 313 7.54 -57.02 0.03
C ALA B 313 6.49 -57.48 -0.98
N LYS B 314 6.48 -58.78 -1.30
CA LYS B 314 5.57 -59.38 -2.32
C LYS B 314 4.12 -59.20 -1.85
N ASN B 315 3.87 -59.31 -0.54
CA ASN B 315 2.53 -59.18 0.08
C ASN B 315 2.02 -57.74 -0.09
N LEU B 316 2.86 -56.75 0.21
CA LEU B 316 2.51 -55.31 0.09
C LEU B 316 2.13 -55.01 -1.37
N ILE B 317 2.94 -55.45 -2.33
CA ILE B 317 2.73 -55.21 -3.78
C ILE B 317 1.33 -55.72 -4.15
N CYS B 318 1.00 -56.96 -3.78
CA CYS B 318 -0.27 -57.64 -4.16
C CYS B 318 -1.43 -57.04 -3.37
N ALA B 319 -1.15 -56.51 -2.18
CA ALA B 319 -2.12 -55.80 -1.32
C ALA B 319 -2.52 -54.49 -2.00
N PHE B 320 -1.62 -53.92 -2.80
CA PHE B 320 -1.79 -52.64 -3.52
C PHE B 320 -2.41 -52.87 -4.89
N LEU B 321 -1.95 -53.91 -5.61
CA LEU B 321 -2.39 -54.24 -6.97
C LEU B 321 -3.62 -55.16 -6.89
N THR B 322 -4.69 -54.69 -6.25
CA THR B 322 -6.03 -55.34 -6.22
C THR B 322 -7.09 -54.33 -6.62
N ASP B 323 -8.34 -54.79 -6.75
CA ASP B 323 -9.51 -53.92 -7.00
C ASP B 323 -9.62 -52.91 -5.86
N ARG B 324 -10.33 -51.81 -6.11
CA ARG B 324 -10.50 -50.64 -5.22
C ARG B 324 -10.99 -51.07 -3.84
N GLU B 325 -11.92 -52.01 -3.80
CA GLU B 325 -12.77 -52.30 -2.61
C GLU B 325 -11.96 -52.99 -1.52
N VAL B 326 -10.87 -53.67 -1.90
CA VAL B 326 -10.02 -54.50 -1.00
C VAL B 326 -8.57 -54.01 -1.04
N ARG B 327 -8.32 -52.86 -1.66
CA ARG B 327 -6.94 -52.31 -1.82
C ARG B 327 -6.46 -51.74 -0.49
N LEU B 328 -5.24 -52.07 -0.08
CA LEU B 328 -4.53 -51.47 1.07
C LEU B 328 -4.56 -49.95 0.94
N GLY B 329 -5.10 -49.27 1.94
CA GLY B 329 -5.24 -47.81 1.99
C GLY B 329 -6.68 -47.37 1.73
N ARG B 330 -7.61 -48.32 1.66
CA ARG B 330 -9.06 -48.03 1.62
C ARG B 330 -9.51 -47.42 2.95
N ASN B 331 -9.04 -47.94 4.09
CA ASN B 331 -9.46 -47.50 5.45
C ASN B 331 -8.68 -46.25 5.86
N GLY B 332 -7.66 -45.90 5.10
CA GLY B 332 -6.77 -44.76 5.38
C GLY B 332 -5.33 -45.21 5.34
N VAL B 333 -4.42 -44.25 5.43
CA VAL B 333 -2.96 -44.41 5.17
C VAL B 333 -2.31 -45.16 6.33
N GLU B 334 -3.01 -45.31 7.48
CA GLU B 334 -2.52 -46.04 8.67
C GLU B 334 -2.24 -47.51 8.31
N GLU B 335 -3.18 -48.17 7.66
CA GLU B 335 -3.03 -49.56 7.15
C GLU B 335 -1.65 -49.73 6.53
N ILE B 336 -1.31 -48.85 5.58
CA ILE B 336 -0.02 -48.85 4.82
C ILE B 336 1.11 -48.83 5.83
N ARG B 337 1.09 -47.84 6.70
CA ARG B 337 2.23 -47.43 7.55
C ARG B 337 2.66 -48.60 8.43
N GLN B 338 1.71 -49.37 8.95
CA GLN B 338 2.00 -50.48 9.89
C GLN B 338 1.91 -51.80 9.12
N HIS B 339 2.41 -51.82 7.89
CA HIS B 339 2.61 -53.07 7.12
C HIS B 339 3.95 -53.66 7.51
N PRO B 340 4.04 -54.99 7.72
CA PRO B 340 5.30 -55.66 8.06
C PRO B 340 6.53 -55.19 7.26
N PHE B 341 6.37 -54.96 5.96
CA PHE B 341 7.47 -54.63 5.02
C PHE B 341 8.26 -53.41 5.51
N PHE B 342 7.58 -52.45 6.15
CA PHE B 342 8.14 -51.13 6.51
C PHE B 342 8.89 -51.19 7.85
N LYS B 343 8.62 -52.20 8.68
CA LYS B 343 9.35 -52.40 9.97
C LYS B 343 10.85 -52.42 9.66
N ASN B 344 11.62 -51.51 10.28
CA ASN B 344 13.08 -51.34 10.01
C ASN B 344 13.77 -50.64 11.19
N ASP B 345 15.11 -50.58 11.16
CA ASP B 345 15.98 -50.06 12.25
C ASP B 345 16.39 -48.62 11.96
N GLN B 346 16.29 -48.18 10.70
CA GLN B 346 16.96 -46.94 10.21
C GLN B 346 16.11 -45.72 10.58
N TRP B 347 14.78 -45.81 10.43
CA TRP B 347 13.85 -44.65 10.46
C TRP B 347 12.47 -45.07 11.01
N HIS B 348 11.76 -44.14 11.67
CA HIS B 348 10.30 -44.16 11.93
C HIS B 348 9.62 -43.18 10.99
N TRP B 349 8.28 -43.17 10.96
CA TRP B 349 7.49 -42.34 10.02
C TRP B 349 7.57 -40.86 10.41
N ASP B 350 7.80 -40.56 11.69
CA ASP B 350 7.83 -39.17 12.23
C ASP B 350 9.11 -38.46 11.78
N ASN B 351 10.18 -39.21 11.46
CA ASN B 351 11.57 -38.67 11.36
C ASN B 351 12.31 -39.16 10.10
N ILE B 352 11.63 -39.84 9.17
CA ILE B 352 12.30 -40.49 8.01
C ILE B 352 13.11 -39.42 7.25
N ARG B 353 12.56 -38.22 7.05
CA ARG B 353 13.10 -37.23 6.07
C ARG B 353 14.30 -36.50 6.66
N GLU B 354 14.75 -36.91 7.85
CA GLU B 354 16.00 -36.39 8.47
C GLU B 354 16.90 -37.57 8.87
N THR B 355 16.65 -38.77 8.33
CA THR B 355 17.63 -39.90 8.31
C THR B 355 18.50 -39.77 7.06
N ALA B 356 19.54 -40.59 6.94
CA ALA B 356 20.45 -40.64 5.78
C ALA B 356 19.74 -41.41 4.66
N ALA B 357 19.56 -40.78 3.50
CA ALA B 357 18.96 -41.41 2.29
C ALA B 357 19.85 -42.55 1.82
N PRO B 358 19.28 -43.59 1.18
CA PRO B 358 20.07 -44.64 0.52
C PRO B 358 21.09 -44.12 -0.51
N VAL B 359 20.71 -43.11 -1.30
CA VAL B 359 21.61 -42.50 -2.32
C VAL B 359 21.67 -41.00 -2.07
N VAL B 360 22.76 -40.53 -1.44
CA VAL B 360 23.11 -39.10 -1.28
C VAL B 360 23.97 -38.72 -2.49
N PRO B 361 23.54 -37.74 -3.31
CA PRO B 361 24.20 -37.48 -4.59
C PRO B 361 25.57 -36.83 -4.37
N GLU B 362 26.51 -37.07 -5.28
CA GLU B 362 27.85 -36.42 -5.29
C GLU B 362 27.78 -35.18 -6.20
N LEU B 363 27.42 -34.04 -5.63
CA LEU B 363 27.32 -32.74 -6.32
C LEU B 363 28.66 -32.01 -6.18
N SER B 364 29.17 -31.44 -7.27
CA SER B 364 30.46 -30.70 -7.30
C SER B 364 30.21 -29.20 -7.08
N SER B 365 29.06 -28.71 -7.53
CA SER B 365 28.70 -27.27 -7.53
C SER B 365 27.18 -27.08 -7.53
N ASP B 366 26.75 -25.81 -7.57
CA ASP B 366 25.32 -25.42 -7.44
C ASP B 366 24.62 -25.65 -8.78
N ILE B 367 25.38 -25.95 -9.85
CA ILE B 367 24.83 -26.17 -11.23
C ILE B 367 25.17 -27.58 -11.75
N ASP B 368 25.62 -28.50 -10.88
CA ASP B 368 25.96 -29.89 -11.26
C ASP B 368 24.66 -30.60 -11.63
N SER B 369 24.54 -31.04 -12.89
CA SER B 369 23.32 -31.66 -13.47
C SER B 369 23.67 -33.03 -14.04
N SER B 370 24.56 -33.75 -13.35
CA SER B 370 25.13 -35.05 -13.79
C SER B 370 24.13 -36.18 -13.52
N ASN B 371 23.06 -35.90 -12.76
CA ASN B 371 21.96 -36.86 -12.48
C ASN B 371 20.84 -36.65 -13.52
N PHE B 372 21.11 -35.87 -14.57
CA PHE B 372 20.20 -35.57 -15.71
C PHE B 372 20.93 -35.69 -17.08
N ASP B 373 20.22 -35.69 -18.23
CA ASP B 373 20.84 -36.04 -19.55
C ASP B 373 20.53 -34.98 -20.64
N PHE B 385 1.87 -19.02 -32.73
CA PHE B 385 0.46 -18.70 -33.08
C PHE B 385 0.40 -18.02 -34.46
N PRO B 386 -0.69 -18.20 -35.24
CA PRO B 386 -0.89 -17.44 -36.47
C PRO B 386 -1.58 -16.09 -36.23
N ILE B 387 -1.20 -15.05 -36.97
CA ILE B 387 -1.79 -13.67 -36.89
C ILE B 387 -3.29 -13.80 -37.07
N PRO B 388 -4.15 -13.27 -36.17
CA PRO B 388 -5.59 -13.46 -36.28
C PRO B 388 -6.25 -12.50 -37.30
N LYS B 389 -7.35 -12.97 -37.89
CA LYS B 389 -8.22 -12.17 -38.79
C LYS B 389 -9.03 -11.21 -37.92
N ALA B 390 -9.82 -11.77 -37.00
CA ALA B 390 -10.58 -11.07 -35.93
C ALA B 390 -10.19 -11.67 -34.58
N PHE B 391 -10.74 -11.14 -33.48
CA PHE B 391 -10.33 -11.45 -32.08
C PHE B 391 -10.60 -12.93 -31.80
N VAL B 392 -9.55 -13.66 -31.44
CA VAL B 392 -9.56 -15.12 -31.14
C VAL B 392 -9.46 -15.32 -29.63
N GLY B 393 -8.75 -14.42 -28.95
CA GLY B 393 -8.59 -14.41 -27.47
C GLY B 393 -7.69 -15.54 -27.02
N ASN B 394 -6.50 -15.65 -27.61
CA ASN B 394 -5.55 -16.77 -27.39
C ASN B 394 -4.86 -16.63 -26.02
N GLN B 395 -4.80 -15.42 -25.46
CA GLN B 395 -4.06 -15.14 -24.19
C GLN B 395 -5.02 -15.14 -23.00
N LEU B 396 -6.33 -15.22 -23.24
CA LEU B 396 -7.37 -15.15 -22.18
C LEU B 396 -7.23 -16.34 -21.22
N PRO B 397 -6.89 -17.55 -21.69
CA PRO B 397 -6.80 -18.71 -20.80
C PRO B 397 -5.71 -18.61 -19.72
N PHE B 398 -4.79 -17.64 -19.82
CA PHE B 398 -3.58 -17.53 -18.94
C PHE B 398 -3.57 -16.22 -18.13
N ILE B 399 -4.65 -15.44 -18.19
CA ILE B 399 -4.89 -14.33 -17.22
C ILE B 399 -4.98 -14.94 -15.82
N GLY B 400 -4.05 -14.55 -14.94
CA GLY B 400 -4.08 -14.89 -13.50
C GLY B 400 -2.95 -15.82 -13.11
N PHE B 401 -2.13 -16.25 -14.07
CA PHE B 401 -1.00 -17.19 -13.84
C PHE B 401 0.07 -16.50 -13.00
N THR B 402 0.54 -15.34 -13.47
CA THR B 402 1.68 -14.59 -12.88
C THR B 402 1.54 -14.62 -11.37
N TYR B 403 2.59 -15.06 -10.65
CA TYR B 403 2.66 -15.18 -9.16
C TYR B 403 4.11 -14.97 -8.71
N TYR B 404 4.29 -14.11 -7.70
CA TYR B 404 5.57 -13.92 -6.97
C TYR B 404 5.37 -14.30 -5.51
N ARG B 405 6.31 -15.05 -4.94
CA ARG B 405 6.33 -15.44 -3.51
C ARG B 405 6.49 -14.15 -2.68
N ARG C 16 9.74 -2.93 -8.78
CA ARG C 16 9.39 -2.19 -7.51
C ARG C 16 9.07 -0.73 -7.83
N LYS C 17 9.77 -0.16 -8.82
CA LYS C 17 9.40 1.10 -9.53
C LYS C 17 7.98 0.94 -10.08
N LEU C 18 7.62 -0.28 -10.49
CA LEU C 18 6.29 -0.75 -10.95
C LEU C 18 5.22 -0.43 -9.90
N GLU C 19 5.48 -0.76 -8.64
CA GLU C 19 4.54 -0.60 -7.49
C GLU C 19 4.02 0.85 -7.43
N ALA C 20 4.88 1.83 -7.74
CA ALA C 20 4.61 3.28 -7.71
C ALA C 20 3.60 3.67 -8.79
N LEU C 21 3.80 3.20 -10.02
CA LEU C 21 2.88 3.44 -11.18
C LEU C 21 1.45 3.06 -10.79
N ILE C 22 1.25 1.85 -10.26
CA ILE C 22 -0.08 1.33 -9.83
C ILE C 22 -0.67 2.23 -8.74
N ARG C 23 0.16 2.74 -7.83
CA ARG C 23 -0.30 3.42 -6.59
C ARG C 23 -0.68 4.88 -6.91
N ASP C 24 -0.20 5.40 -8.04
CA ASP C 24 -0.42 6.81 -8.48
C ASP C 24 -1.81 6.90 -9.12
N PRO C 25 -2.70 7.79 -8.62
CA PRO C 25 -4.02 7.98 -9.23
C PRO C 25 -3.98 8.72 -10.58
N ARG C 26 -2.85 9.35 -10.88
CA ARG C 26 -2.59 10.08 -12.16
C ARG C 26 -2.30 9.07 -13.27
N SER C 27 -1.86 7.86 -12.92
CA SER C 27 -1.27 6.84 -13.83
C SER C 27 -2.36 6.01 -14.50
N PRO C 28 -2.26 5.74 -15.82
CA PRO C 28 -3.29 5.02 -16.56
C PRO C 28 -3.45 3.53 -16.18
N ILE C 29 -2.46 2.98 -15.48
CA ILE C 29 -2.46 1.61 -14.92
C ILE C 29 -2.47 1.71 -13.39
N ASN C 30 -3.42 2.44 -12.83
CA ASN C 30 -3.75 2.37 -11.38
C ASN C 30 -4.87 1.33 -11.23
N VAL C 31 -5.03 0.78 -10.03
CA VAL C 31 -5.96 -0.36 -9.74
C VAL C 31 -7.35 -0.07 -10.32
N GLU C 32 -7.90 1.14 -10.14
CA GLU C 32 -9.27 1.50 -10.63
C GLU C 32 -9.36 1.36 -12.16
N SER C 33 -8.28 1.68 -12.86
CA SER C 33 -8.14 1.59 -14.34
C SER C 33 -7.88 0.13 -14.77
N LEU C 34 -7.31 -0.69 -13.88
CA LEU C 34 -7.04 -2.11 -14.14
C LEU C 34 -8.32 -2.90 -13.93
N LEU C 35 -9.15 -2.48 -12.96
CA LEU C 35 -10.49 -3.04 -12.67
C LEU C 35 -11.47 -2.63 -13.77
N ASP C 36 -11.38 -1.40 -14.27
CA ASP C 36 -12.11 -0.99 -15.49
C ASP C 36 -11.74 -2.00 -16.59
N GLY C 37 -10.44 -2.27 -16.75
CA GLY C 37 -9.89 -3.18 -17.77
C GLY C 37 -10.55 -4.55 -17.76
N LEU C 38 -10.63 -5.18 -16.59
CA LEU C 38 -11.23 -6.54 -16.42
C LEU C 38 -12.74 -6.46 -16.67
N ASN C 39 -13.41 -5.44 -16.13
CA ASN C 39 -14.89 -5.29 -16.20
C ASN C 39 -15.33 -5.08 -17.66
N SER C 40 -14.62 -4.24 -18.42
CA SER C 40 -14.95 -3.87 -19.82
C SER C 40 -14.74 -5.07 -20.74
N LEU C 41 -13.74 -5.90 -20.44
CA LEU C 41 -13.47 -7.16 -21.17
C LEU C 41 -14.64 -8.13 -20.96
N VAL C 42 -15.10 -8.30 -19.72
CA VAL C 42 -16.22 -9.21 -19.37
C VAL C 42 -17.52 -8.68 -19.99
N LEU C 43 -17.71 -7.37 -20.07
CA LEU C 43 -18.95 -6.76 -20.62
C LEU C 43 -19.00 -6.95 -22.15
N ASP C 44 -17.84 -7.07 -22.79
CA ASP C 44 -17.73 -7.05 -24.28
C ASP C 44 -17.57 -8.46 -24.84
N LEU C 45 -17.42 -9.46 -23.97
CA LEU C 45 -17.25 -10.90 -24.36
C LEU C 45 -18.53 -11.68 -24.04
N ASP C 46 -19.14 -11.42 -22.88
CA ASP C 46 -20.36 -12.14 -22.39
C ASP C 46 -21.53 -11.81 -23.32
N PHE C 47 -21.63 -12.56 -24.40
CA PHE C 47 -22.77 -12.59 -25.35
C PHE C 47 -22.88 -14.00 -25.88
N PRO C 48 -24.10 -14.49 -26.19
CA PRO C 48 -24.28 -15.87 -26.66
C PRO C 48 -23.29 -16.23 -27.77
N ALA C 49 -23.20 -15.36 -28.79
CA ALA C 49 -22.44 -15.57 -30.05
C ALA C 49 -20.98 -15.91 -29.75
N LEU C 50 -20.31 -15.05 -28.99
CA LEU C 50 -18.84 -15.05 -28.78
C LEU C 50 -18.44 -16.21 -27.87
N ARG C 51 -19.34 -16.62 -26.98
CA ARG C 51 -19.13 -17.70 -25.98
C ARG C 51 -19.00 -19.07 -26.68
N LYS C 52 -19.40 -19.18 -27.95
CA LYS C 52 -19.12 -20.38 -28.80
C LYS C 52 -17.60 -20.60 -28.85
N ASN C 53 -16.81 -19.55 -28.68
CA ASN C 53 -15.33 -19.59 -28.55
C ASN C 53 -14.97 -20.12 -27.15
N LYS C 54 -14.30 -21.27 -27.06
CA LYS C 54 -13.86 -21.89 -25.78
C LYS C 54 -13.08 -20.85 -24.98
N ASN C 55 -11.94 -20.37 -25.51
CA ASN C 55 -11.08 -19.32 -24.90
C ASN C 55 -11.93 -18.30 -24.13
N ILE C 56 -12.97 -17.79 -24.77
CA ILE C 56 -13.83 -16.69 -24.22
C ILE C 56 -14.73 -17.25 -23.13
N ASP C 57 -15.21 -18.49 -23.28
CA ASP C 57 -16.09 -19.15 -22.28
C ASP C 57 -15.26 -19.48 -21.02
N ASN C 58 -14.05 -20.04 -21.21
CA ASN C 58 -13.09 -20.41 -20.12
C ASN C 58 -12.81 -19.19 -19.25
N PHE C 59 -12.57 -18.04 -19.89
CA PHE C 59 -12.27 -16.75 -19.22
C PHE C 59 -13.49 -16.27 -18.43
N LEU C 60 -14.64 -16.21 -19.08
CA LEU C 60 -15.90 -15.68 -18.48
C LEU C 60 -16.38 -16.62 -17.37
N ASN C 61 -16.16 -17.92 -17.51
CA ASN C 61 -16.46 -18.90 -16.44
C ASN C 61 -15.62 -18.52 -15.20
N ARG C 62 -14.30 -18.36 -15.38
CA ARG C 62 -13.35 -18.07 -14.27
C ARG C 62 -13.71 -16.76 -13.56
N TYR C 63 -14.04 -15.69 -14.29
CA TYR C 63 -14.02 -14.30 -13.78
C TYR C 63 -15.44 -13.73 -13.60
N GLU C 64 -16.35 -14.06 -14.52
CA GLU C 64 -17.69 -13.42 -14.63
C GLU C 64 -18.31 -13.23 -13.24
N LYS C 65 -18.25 -14.25 -12.38
CA LYS C 65 -18.98 -14.27 -11.08
C LYS C 65 -18.45 -13.17 -10.14
N ILE C 66 -17.13 -13.08 -9.95
CA ILE C 66 -16.50 -12.09 -9.03
C ILE C 66 -16.59 -10.68 -9.65
N VAL C 67 -16.58 -10.59 -10.98
CA VAL C 67 -16.70 -9.31 -11.72
C VAL C 67 -18.07 -8.67 -11.39
N LYS C 68 -19.13 -9.47 -11.30
CA LYS C 68 -20.50 -9.02 -10.90
C LYS C 68 -20.44 -8.53 -9.45
N LYS C 69 -19.86 -9.33 -8.55
CA LYS C 69 -19.69 -8.99 -7.11
C LYS C 69 -19.02 -7.61 -6.96
N ILE C 70 -17.99 -7.33 -7.76
CA ILE C 70 -17.23 -6.04 -7.77
C ILE C 70 -18.15 -4.92 -8.26
N ARG C 71 -18.76 -5.10 -9.43
CA ARG C 71 -19.70 -4.13 -10.06
C ARG C 71 -20.73 -3.71 -8.98
N GLY C 72 -21.08 -4.64 -8.10
CA GLY C 72 -21.99 -4.43 -6.97
C GLY C 72 -21.57 -3.24 -6.13
N LEU C 73 -20.28 -3.18 -5.77
CA LEU C 73 -19.72 -2.19 -4.82
C LEU C 73 -19.48 -0.85 -5.53
N GLN C 74 -19.22 -0.89 -6.84
CA GLN C 74 -18.89 0.27 -7.69
C GLN C 74 -19.98 1.36 -7.58
N MET C 75 -19.59 2.64 -7.55
CA MET C 75 -20.54 3.78 -7.40
C MET C 75 -21.50 3.74 -8.60
N LYS C 76 -22.79 3.86 -8.33
CA LYS C 76 -23.88 3.65 -9.31
C LYS C 76 -24.60 4.97 -9.54
N ALA C 77 -25.44 5.02 -10.56
CA ALA C 77 -26.35 6.16 -10.84
C ALA C 77 -27.38 6.27 -9.70
N GLU C 78 -27.92 5.13 -9.24
CA GLU C 78 -29.04 5.05 -8.25
C GLU C 78 -28.58 5.59 -6.90
N ASP C 79 -27.26 5.70 -6.68
CA ASP C 79 -26.68 6.24 -5.43
C ASP C 79 -27.10 7.71 -5.25
N TYR C 80 -27.53 8.38 -6.33
CA TYR C 80 -27.88 9.82 -6.37
C TYR C 80 -29.39 10.01 -6.61
N ASP C 81 -29.97 11.04 -5.99
CA ASP C 81 -31.31 11.58 -6.32
C ASP C 81 -31.15 12.69 -7.34
N VAL C 82 -31.96 12.68 -8.39
CA VAL C 82 -31.89 13.68 -9.49
C VAL C 82 -32.84 14.82 -9.17
N VAL C 83 -32.33 15.90 -8.55
CA VAL C 83 -33.14 17.06 -8.09
C VAL C 83 -33.78 17.71 -9.31
N LYS C 84 -33.00 18.09 -10.32
CA LYS C 84 -33.52 18.42 -11.68
C LYS C 84 -32.37 18.55 -12.69
N VAL C 85 -32.75 18.65 -13.98
CA VAL C 85 -31.83 18.77 -15.15
C VAL C 85 -31.52 20.26 -15.36
N ILE C 86 -30.23 20.61 -15.38
CA ILE C 86 -29.75 22.03 -15.49
C ILE C 86 -29.04 22.26 -16.82
N GLY C 87 -29.07 21.30 -17.75
CA GLY C 87 -28.50 21.48 -19.10
C GLY C 87 -28.35 20.18 -19.85
N ARG C 88 -28.52 20.21 -21.16
CA ARG C 88 -28.43 19.01 -22.04
C ARG C 88 -27.40 19.27 -23.13
N GLY C 89 -26.39 18.40 -23.22
CA GLY C 89 -25.40 18.36 -24.31
C GLY C 89 -25.86 17.46 -25.43
N ALA C 90 -24.98 17.24 -26.41
CA ALA C 90 -25.22 16.34 -27.55
C ALA C 90 -24.93 14.90 -27.13
N PHE C 91 -24.15 14.73 -26.07
CA PHE C 91 -23.74 13.42 -25.54
C PHE C 91 -24.55 13.13 -24.28
N GLY C 92 -25.62 13.91 -24.03
CA GLY C 92 -26.51 13.71 -22.87
C GLY C 92 -26.35 14.83 -21.85
N GLU C 93 -27.05 14.70 -20.73
CA GLU C 93 -27.49 15.86 -19.89
C GLU C 93 -26.58 16.06 -18.68
N VAL C 94 -26.74 17.21 -18.04
CA VAL C 94 -26.13 17.57 -16.73
C VAL C 94 -27.25 17.70 -15.71
N GLN C 95 -27.15 16.95 -14.61
CA GLN C 95 -28.17 16.88 -13.55
C GLN C 95 -27.64 17.56 -12.31
N LEU C 96 -28.46 18.41 -11.69
CA LEU C 96 -28.35 18.73 -10.25
C LEU C 96 -28.81 17.49 -9.50
N VAL C 97 -27.96 16.94 -8.65
CA VAL C 97 -28.23 15.67 -7.92
C VAL C 97 -27.87 15.86 -6.45
N ARG C 98 -28.48 15.05 -5.60
CA ARG C 98 -28.07 14.88 -4.19
C ARG C 98 -27.67 13.42 -3.98
N HIS C 99 -26.44 13.18 -3.54
CA HIS C 99 -25.96 11.83 -3.12
C HIS C 99 -26.77 11.41 -1.90
N LYS C 100 -27.35 10.21 -1.94
CA LYS C 100 -28.39 9.78 -0.98
C LYS C 100 -27.79 9.72 0.43
N ALA C 101 -26.75 8.89 0.64
CA ALA C 101 -26.13 8.63 1.96
C ALA C 101 -25.59 9.94 2.58
N SER C 102 -24.72 10.63 1.83
CA SER C 102 -23.95 11.81 2.30
C SER C 102 -24.86 13.05 2.32
N GLN C 103 -25.90 13.07 1.49
CA GLN C 103 -26.91 14.16 1.42
C GLN C 103 -26.28 15.42 0.81
N LYS C 104 -25.11 15.28 0.18
CA LYS C 104 -24.39 16.40 -0.46
C LYS C 104 -24.93 16.59 -1.89
N VAL C 105 -24.97 17.84 -2.35
CA VAL C 105 -25.48 18.24 -3.68
C VAL C 105 -24.30 18.32 -4.64
N TYR C 106 -24.45 17.80 -5.85
CA TYR C 106 -23.43 17.90 -6.90
C TYR C 106 -24.10 18.26 -8.23
N ALA C 107 -23.31 18.65 -9.21
CA ALA C 107 -23.68 18.61 -10.64
C ALA C 107 -23.10 17.34 -11.26
N MET C 108 -23.92 16.54 -11.92
CA MET C 108 -23.47 15.27 -12.53
C MET C 108 -23.71 15.36 -14.04
N LYS C 109 -22.63 15.29 -14.81
CA LYS C 109 -22.68 15.26 -16.30
C LYS C 109 -22.73 13.81 -16.77
N LEU C 110 -23.72 13.47 -17.60
CA LEU C 110 -23.84 12.15 -18.28
C LEU C 110 -23.32 12.25 -19.70
N LEU C 111 -22.52 11.26 -20.13
CA LEU C 111 -22.08 11.07 -21.54
C LEU C 111 -22.56 9.69 -22.04
N SER C 112 -23.46 9.67 -23.02
CA SER C 112 -23.94 8.42 -23.68
C SER C 112 -22.77 7.74 -24.40
N LYS C 113 -22.42 6.53 -23.99
CA LYS C 113 -21.39 5.70 -24.68
C LYS C 113 -21.88 5.38 -26.10
N PHE C 114 -23.17 5.20 -26.31
CA PHE C 114 -23.75 4.89 -27.64
C PHE C 114 -23.47 6.05 -28.61
N GLU C 115 -23.66 7.30 -28.17
CA GLU C 115 -23.52 8.51 -29.03
C GLU C 115 -22.04 8.75 -29.31
N MET C 116 -21.18 8.52 -28.33
CA MET C 116 -19.72 8.74 -28.45
C MET C 116 -19.14 7.70 -29.43
N ILE C 117 -19.51 6.44 -29.27
CA ILE C 117 -19.11 5.32 -30.18
C ILE C 117 -19.61 5.65 -31.59
N LYS C 118 -20.90 5.99 -31.72
CA LYS C 118 -21.57 6.26 -33.02
C LYS C 118 -20.88 7.41 -33.78
N ARG C 119 -20.42 8.46 -33.09
CA ARG C 119 -19.74 9.64 -33.71
C ARG C 119 -18.24 9.38 -33.92
N SER C 120 -17.74 8.18 -33.57
CA SER C 120 -16.29 7.84 -33.50
C SER C 120 -15.56 8.90 -32.65
N ASP C 121 -16.17 9.35 -31.55
CA ASP C 121 -15.73 10.50 -30.72
C ASP C 121 -15.74 10.08 -29.25
N SER C 122 -14.69 9.37 -28.82
CA SER C 122 -14.59 8.69 -27.50
C SER C 122 -13.21 8.95 -26.84
N ALA C 123 -12.66 10.15 -27.04
CA ALA C 123 -11.35 10.58 -26.47
C ALA C 123 -11.46 11.95 -25.79
N PHE C 124 -12.42 12.79 -26.18
CA PHE C 124 -12.51 14.22 -25.75
C PHE C 124 -12.52 14.33 -24.21
N PHE C 125 -13.07 13.33 -23.52
CA PHE C 125 -13.38 13.41 -22.07
C PHE C 125 -12.11 13.21 -21.22
N TRP C 126 -11.09 12.53 -21.74
CA TRP C 126 -9.87 12.23 -20.94
C TRP C 126 -9.28 13.52 -20.35
N GLU C 127 -8.98 14.53 -21.18
CA GLU C 127 -8.35 15.80 -20.73
C GLU C 127 -9.31 16.51 -19.77
N GLU C 128 -10.60 16.44 -20.05
CA GLU C 128 -11.66 17.07 -19.22
C GLU C 128 -11.64 16.47 -17.81
N ARG C 129 -11.57 15.15 -17.71
CA ARG C 129 -11.54 14.40 -16.42
C ARG C 129 -10.24 14.73 -15.69
N ASP C 130 -9.11 14.55 -16.38
CA ASP C 130 -7.76 14.87 -15.87
C ASP C 130 -7.75 16.27 -15.25
N ILE C 131 -8.22 17.29 -15.97
CA ILE C 131 -8.14 18.71 -15.53
C ILE C 131 -9.01 18.92 -14.29
N MET C 132 -10.24 18.44 -14.29
CA MET C 132 -11.21 18.70 -13.19
C MET C 132 -10.80 17.92 -11.94
N ALA C 133 -10.20 16.75 -12.13
CA ALA C 133 -9.81 15.81 -11.05
C ALA C 133 -8.56 16.32 -10.33
N PHE C 134 -7.62 16.93 -11.05
CA PHE C 134 -6.21 17.13 -10.61
C PHE C 134 -5.76 18.59 -10.70
N ALA C 135 -6.50 19.47 -11.39
CA ALA C 135 -6.10 20.89 -11.59
C ALA C 135 -5.88 21.54 -10.23
N ASN C 136 -6.77 21.27 -9.29
CA ASN C 136 -6.65 21.73 -7.88
C ASN C 136 -6.62 23.26 -7.83
N SER C 137 -7.22 23.91 -8.83
CA SER C 137 -7.26 25.39 -8.92
C SER C 137 -8.64 25.88 -8.50
N PRO C 138 -8.73 27.07 -7.86
CA PRO C 138 -10.02 27.69 -7.58
C PRO C 138 -10.66 28.23 -8.86
N TRP C 139 -9.95 28.18 -9.99
CA TRP C 139 -10.43 28.63 -11.33
C TRP C 139 -11.04 27.48 -12.13
N VAL C 140 -10.79 26.24 -11.70
CA VAL C 140 -11.25 25.01 -12.41
C VAL C 140 -12.32 24.33 -11.57
N VAL C 141 -13.52 24.17 -12.11
CA VAL C 141 -14.60 23.35 -11.49
C VAL C 141 -14.00 22.00 -11.15
N GLN C 142 -14.37 21.44 -9.99
CA GLN C 142 -13.72 20.29 -9.36
C GLN C 142 -14.51 19.01 -9.60
N LEU C 143 -13.83 17.90 -9.94
CA LEU C 143 -14.42 16.55 -10.12
C LEU C 143 -14.19 15.73 -8.85
N PHE C 144 -15.25 15.17 -8.27
CA PHE C 144 -15.20 14.29 -7.07
C PHE C 144 -15.22 12.83 -7.48
N TYR C 145 -16.07 12.48 -8.45
CA TYR C 145 -16.28 11.10 -8.94
C TYR C 145 -16.47 11.07 -10.44
N ALA C 146 -15.63 10.30 -11.13
CA ALA C 146 -15.95 9.71 -12.44
C ALA C 146 -16.26 8.23 -12.23
N PHE C 147 -17.35 7.76 -12.78
CA PHE C 147 -17.70 6.32 -12.80
C PHE C 147 -18.52 6.06 -14.07
N GLN C 148 -18.64 4.80 -14.46
CA GLN C 148 -19.33 4.40 -15.71
C GLN C 148 -20.28 3.24 -15.39
N ASP C 149 -21.28 3.02 -16.24
CA ASP C 149 -22.00 1.73 -16.35
C ASP C 149 -21.99 1.35 -17.84
N ASP C 150 -22.75 0.33 -18.23
CA ASP C 150 -22.71 -0.23 -19.61
C ASP C 150 -23.10 0.87 -20.63
N ARG C 151 -23.91 1.85 -20.22
CA ARG C 151 -24.56 2.82 -21.16
C ARG C 151 -23.96 4.23 -21.02
N TYR C 152 -23.47 4.63 -19.85
CA TYR C 152 -23.17 6.07 -19.54
C TYR C 152 -21.81 6.23 -18.87
N LEU C 153 -21.13 7.34 -19.18
CA LEU C 153 -20.05 7.95 -18.36
C LEU C 153 -20.69 8.96 -17.42
N TYR C 154 -20.24 9.03 -16.16
CA TYR C 154 -20.73 9.99 -15.15
C TYR C 154 -19.56 10.78 -14.59
N MET C 155 -19.67 12.11 -14.61
CA MET C 155 -18.76 13.03 -13.89
C MET C 155 -19.56 13.81 -12.83
N VAL C 156 -19.26 13.58 -11.56
CA VAL C 156 -19.89 14.24 -10.38
C VAL C 156 -18.99 15.41 -9.97
N MET C 157 -19.40 16.64 -10.31
CA MET C 157 -18.62 17.89 -10.11
C MET C 157 -19.26 18.71 -8.99
N GLU C 158 -18.57 19.72 -8.46
CA GLU C 158 -19.19 20.70 -7.54
C GLU C 158 -20.19 21.53 -8.34
N TYR C 159 -21.35 21.77 -7.73
CA TYR C 159 -22.47 22.57 -8.30
C TYR C 159 -22.08 24.05 -8.29
N MET C 160 -22.30 24.72 -9.42
CA MET C 160 -22.01 26.16 -9.63
C MET C 160 -23.34 26.88 -9.75
N PRO C 161 -23.97 27.28 -8.64
CA PRO C 161 -25.39 27.65 -8.64
C PRO C 161 -25.65 29.04 -9.24
N GLY C 162 -24.59 29.77 -9.58
CA GLY C 162 -24.66 31.14 -10.14
C GLY C 162 -25.00 31.15 -11.62
N GLY C 163 -25.14 29.97 -12.24
CA GLY C 163 -25.35 29.80 -13.68
C GLY C 163 -24.10 30.13 -14.46
N ASP C 164 -24.20 30.13 -15.79
CA ASP C 164 -23.08 30.50 -16.70
C ASP C 164 -23.21 31.97 -17.06
N LEU C 165 -22.23 32.51 -17.79
CA LEU C 165 -22.16 33.94 -18.17
C LEU C 165 -23.10 34.20 -19.34
N VAL C 166 -23.40 33.19 -20.16
CA VAL C 166 -24.36 33.36 -21.29
C VAL C 166 -25.69 33.87 -20.70
N ASN C 167 -26.02 33.40 -19.49
CA ASN C 167 -27.28 33.71 -18.77
C ASN C 167 -27.14 35.07 -18.06
N LEU C 168 -25.95 35.41 -17.58
CA LEU C 168 -25.67 36.73 -16.95
C LEU C 168 -25.79 37.83 -18.02
N MET C 169 -25.10 37.67 -19.14
CA MET C 169 -25.00 38.68 -20.22
C MET C 169 -26.39 38.96 -20.79
N SER C 170 -27.29 37.97 -20.75
CA SER C 170 -28.66 38.06 -21.31
C SER C 170 -29.65 38.50 -20.22
N ASN C 171 -29.18 38.87 -19.03
CA ASN C 171 -30.03 39.33 -17.90
C ASN C 171 -29.63 40.74 -17.47
N TYR C 172 -28.53 41.27 -18.01
CA TYR C 172 -27.91 42.56 -17.59
C TYR C 172 -27.25 43.20 -18.82
N ASP C 173 -27.35 44.53 -18.92
CA ASP C 173 -26.36 45.35 -19.66
C ASP C 173 -25.09 45.38 -18.81
N VAL C 174 -23.99 44.84 -19.34
CA VAL C 174 -22.71 44.65 -18.59
C VAL C 174 -21.81 45.87 -18.83
N PRO C 175 -21.54 46.70 -17.80
CA PRO C 175 -20.65 47.85 -17.94
C PRO C 175 -19.17 47.45 -17.96
N GLU C 176 -18.27 48.37 -18.35
CA GLU C 176 -16.81 48.10 -18.45
C GLU C 176 -16.30 47.57 -17.10
N LYS C 177 -16.73 48.20 -16.00
CA LYS C 177 -16.30 47.85 -14.62
C LYS C 177 -16.53 46.35 -14.36
N TRP C 178 -17.66 45.80 -14.83
CA TRP C 178 -18.00 44.35 -14.71
C TRP C 178 -17.08 43.55 -15.63
N ALA C 179 -17.00 43.92 -16.91
CA ALA C 179 -16.19 43.24 -17.94
C ALA C 179 -14.73 43.15 -17.50
N LYS C 180 -14.17 44.24 -16.95
CA LYS C 180 -12.82 44.25 -16.34
C LYS C 180 -12.66 43.04 -15.43
N PHE C 181 -13.58 42.89 -14.49
CA PHE C 181 -13.60 41.81 -13.46
C PHE C 181 -13.64 40.46 -14.16
N TYR C 182 -14.74 40.21 -14.90
CA TYR C 182 -15.06 38.91 -15.52
C TYR C 182 -13.91 38.53 -16.46
N THR C 183 -13.36 39.49 -17.21
CA THR C 183 -12.25 39.26 -18.18
C THR C 183 -10.99 38.84 -17.41
N ALA C 184 -10.66 39.55 -16.32
CA ALA C 184 -9.47 39.30 -15.47
C ALA C 184 -9.55 37.88 -14.91
N GLU C 185 -10.71 37.50 -14.37
CA GLU C 185 -10.95 36.15 -13.80
C GLU C 185 -10.77 35.08 -14.90
N VAL C 186 -11.31 35.29 -16.10
CA VAL C 186 -11.10 34.37 -17.26
C VAL C 186 -9.60 34.31 -17.57
N VAL C 187 -8.91 35.45 -17.53
CA VAL C 187 -7.46 35.52 -17.91
C VAL C 187 -6.67 34.66 -16.92
N LEU C 188 -6.93 34.81 -15.63
CA LEU C 188 -6.21 34.07 -14.56
C LEU C 188 -6.54 32.57 -14.65
N ALA C 189 -7.79 32.26 -15.02
CA ALA C 189 -8.28 30.87 -15.17
C ALA C 189 -7.49 30.19 -16.28
N LEU C 190 -7.41 30.82 -17.46
CA LEU C 190 -6.68 30.26 -18.61
C LEU C 190 -5.20 30.15 -18.27
N ASP C 191 -4.64 31.12 -17.55
CA ASP C 191 -3.22 31.10 -17.15
C ASP C 191 -2.98 29.85 -16.29
N ALA C 192 -3.96 29.48 -15.47
CA ALA C 192 -3.94 28.26 -14.64
C ALA C 192 -3.91 27.02 -15.56
N ILE C 193 -4.85 26.95 -16.50
CA ILE C 193 -4.97 25.86 -17.51
C ILE C 193 -3.65 25.75 -18.30
N HIS C 194 -3.10 26.87 -18.76
CA HIS C 194 -1.82 26.94 -19.53
C HIS C 194 -0.68 26.40 -18.67
N SER C 195 -0.69 26.72 -17.38
CA SER C 195 0.36 26.33 -16.41
C SER C 195 0.37 24.81 -16.21
N MET C 196 -0.71 24.13 -16.59
CA MET C 196 -0.83 22.65 -16.52
C MET C 196 -0.42 22.02 -17.85
N GLY C 197 0.13 22.81 -18.76
CA GLY C 197 0.67 22.33 -20.06
C GLY C 197 -0.45 22.09 -21.07
N LEU C 198 -1.57 22.79 -20.93
CA LEU C 198 -2.78 22.61 -21.76
C LEU C 198 -3.18 23.94 -22.39
N ILE C 199 -3.64 23.93 -23.63
CA ILE C 199 -4.36 25.07 -24.27
C ILE C 199 -5.81 24.62 -24.45
N HIS C 200 -6.78 25.52 -24.26
CA HIS C 200 -8.21 25.18 -24.04
C HIS C 200 -8.96 25.11 -25.38
N ARG C 201 -8.89 26.15 -26.21
CA ARG C 201 -9.27 26.17 -27.66
C ARG C 201 -10.74 26.57 -27.87
N ASP C 202 -11.64 26.15 -26.97
CA ASP C 202 -13.09 26.48 -26.98
C ASP C 202 -13.43 27.29 -25.73
N VAL C 203 -12.77 28.42 -25.51
CA VAL C 203 -13.14 29.36 -24.41
C VAL C 203 -14.38 30.11 -24.85
N LYS C 204 -15.43 30.13 -24.03
CA LYS C 204 -16.69 30.84 -24.35
C LYS C 204 -17.56 30.92 -23.10
N PRO C 205 -18.50 31.90 -23.04
CA PRO C 205 -19.32 32.12 -21.87
C PRO C 205 -20.11 30.92 -21.36
N ASP C 206 -20.37 29.92 -22.20
CA ASP C 206 -21.13 28.69 -21.82
C ASP C 206 -20.27 27.83 -20.88
N ASN C 207 -18.94 27.91 -21.01
CA ASN C 207 -17.94 27.12 -20.22
C ASN C 207 -17.51 27.90 -18.99
N MET C 208 -17.98 29.14 -18.85
CA MET C 208 -17.66 30.04 -17.70
C MET C 208 -18.84 29.98 -16.72
N LEU C 209 -18.60 29.44 -15.52
CA LEU C 209 -19.64 29.21 -14.50
C LEU C 209 -19.36 30.06 -13.25
N LEU C 210 -20.42 30.48 -12.57
CA LEU C 210 -20.36 31.36 -11.38
C LEU C 210 -20.68 30.54 -10.13
N ASP C 211 -19.79 30.58 -9.12
CA ASP C 211 -19.97 29.91 -7.80
C ASP C 211 -20.98 30.71 -6.96
N LYS C 212 -21.25 30.25 -5.73
CA LYS C 212 -22.28 30.83 -4.83
C LYS C 212 -21.97 32.29 -4.53
N HIS C 213 -20.73 32.76 -4.77
CA HIS C 213 -20.23 34.11 -4.39
C HIS C 213 -20.08 35.04 -5.61
N GLY C 214 -20.36 34.53 -6.81
CA GLY C 214 -20.47 35.30 -8.06
C GLY C 214 -19.19 35.27 -8.87
N HIS C 215 -18.21 34.46 -8.44
CA HIS C 215 -16.83 34.35 -8.99
C HIS C 215 -16.76 33.17 -9.97
N LEU C 216 -15.84 33.26 -10.93
CA LEU C 216 -15.83 32.48 -12.20
C LEU C 216 -15.07 31.16 -12.03
N LYS C 217 -15.44 30.15 -12.81
CA LYS C 217 -14.72 28.85 -12.92
C LYS C 217 -14.95 28.28 -14.31
N LEU C 218 -13.89 27.90 -15.03
CA LEU C 218 -13.96 27.16 -16.32
C LEU C 218 -14.46 25.72 -16.06
N ALA C 219 -15.22 25.12 -16.98
CA ALA C 219 -16.07 23.95 -16.64
C ALA C 219 -16.08 22.89 -17.76
N ASP C 220 -16.08 23.28 -19.01
CA ASP C 220 -16.02 22.33 -20.15
C ASP C 220 -14.59 22.34 -20.69
N PHE C 221 -14.01 21.18 -20.95
CA PHE C 221 -12.56 21.02 -21.27
C PHE C 221 -12.34 20.01 -22.40
N GLY C 222 -13.40 19.63 -23.12
CA GLY C 222 -13.37 18.55 -24.10
C GLY C 222 -12.39 18.82 -25.24
N THR C 223 -12.00 20.07 -25.44
CA THR C 223 -11.22 20.55 -26.62
C THR C 223 -9.74 20.74 -26.23
N CYS C 224 -9.37 20.52 -24.97
CA CYS C 224 -8.02 20.84 -24.42
C CYS C 224 -6.96 19.89 -25.00
N MET C 225 -5.74 20.38 -25.16
CA MET C 225 -4.62 19.66 -25.82
C MET C 225 -3.31 19.92 -25.06
N LYS C 226 -2.58 18.84 -24.76
CA LYS C 226 -1.18 18.87 -24.23
C LYS C 226 -0.31 19.65 -25.22
N MET C 227 0.63 20.44 -24.73
CA MET C 227 1.57 21.22 -25.59
C MET C 227 2.84 20.39 -25.82
N ASP C 228 3.66 20.80 -26.80
CA ASP C 228 5.06 20.34 -27.06
C ASP C 228 5.88 20.57 -25.79
N GLU C 229 7.16 20.22 -25.83
CA GLU C 229 8.16 20.72 -24.86
C GLU C 229 8.37 22.23 -25.10
N THR C 230 7.92 22.74 -26.25
CA THR C 230 8.13 24.13 -26.72
C THR C 230 6.82 24.93 -26.65
N GLY C 231 5.75 24.35 -26.08
CA GLY C 231 4.49 25.05 -25.76
C GLY C 231 3.58 25.20 -26.96
N MET C 232 3.95 24.63 -28.11
CA MET C 232 3.13 24.63 -29.36
C MET C 232 2.35 23.29 -29.44
N VAL C 233 1.33 23.21 -30.31
CA VAL C 233 0.64 21.94 -30.67
C VAL C 233 0.63 21.82 -32.18
N HIS C 234 0.70 20.60 -32.71
CA HIS C 234 0.61 20.29 -34.16
C HIS C 234 -0.72 19.57 -34.41
N CYS C 235 -1.82 20.32 -34.57
CA CYS C 235 -3.20 19.79 -34.77
C CYS C 235 -3.74 20.29 -36.12
N ASP C 236 -4.16 19.36 -36.98
CA ASP C 236 -4.80 19.64 -38.30
C ASP C 236 -6.29 19.26 -38.20
N THR C 237 -6.93 19.66 -37.10
CA THR C 237 -8.41 19.77 -36.94
C THR C 237 -8.75 21.17 -36.39
N ALA C 238 -9.69 21.84 -37.05
CA ALA C 238 -10.32 23.12 -36.62
C ALA C 238 -11.44 22.82 -35.61
N VAL C 239 -11.15 22.94 -34.31
CA VAL C 239 -12.01 22.50 -33.16
C VAL C 239 -12.49 23.72 -32.38
N GLY C 240 -13.57 23.57 -31.62
CA GLY C 240 -14.23 24.66 -30.87
C GLY C 240 -15.37 25.26 -31.65
N THR C 241 -16.12 26.19 -31.03
CA THR C 241 -17.37 26.80 -31.56
C THR C 241 -17.03 27.95 -32.51
N PRO C 242 -17.75 28.05 -33.66
CA PRO C 242 -17.42 29.00 -34.72
C PRO C 242 -17.24 30.48 -34.33
N ASP C 243 -18.11 31.06 -33.50
CA ASP C 243 -18.06 32.53 -33.21
C ASP C 243 -16.71 32.90 -32.60
N TYR C 244 -16.17 32.02 -31.73
CA TYR C 244 -15.04 32.29 -30.79
C TYR C 244 -13.73 31.68 -31.28
N ILE C 245 -13.74 31.02 -32.44
CA ILE C 245 -12.58 30.25 -32.94
C ILE C 245 -11.56 31.22 -33.54
N SER C 246 -10.28 30.88 -33.41
CA SER C 246 -9.11 31.72 -33.78
C SER C 246 -8.76 31.49 -35.23
N PRO C 247 -8.23 32.52 -35.94
CA PRO C 247 -7.81 32.36 -37.34
C PRO C 247 -6.84 31.20 -37.57
N GLU C 248 -5.87 31.04 -36.67
CA GLU C 248 -4.77 30.03 -36.84
C GLU C 248 -5.35 28.62 -36.75
N VAL C 249 -6.38 28.42 -35.91
CA VAL C 249 -7.05 27.10 -35.68
C VAL C 249 -7.93 26.78 -36.89
N LEU C 250 -8.63 27.79 -37.43
CA LEU C 250 -9.52 27.66 -38.62
C LEU C 250 -8.68 27.24 -39.83
N LYS C 251 -7.57 27.95 -40.07
CA LYS C 251 -6.58 27.68 -41.16
C LYS C 251 -6.02 26.26 -41.04
N SER C 252 -5.87 25.75 -39.81
CA SER C 252 -5.14 24.48 -39.52
C SER C 252 -5.97 23.27 -39.94
N GLN C 253 -6.66 23.29 -41.08
CA GLN C 253 -7.58 22.19 -41.49
C GLN C 253 -6.85 21.13 -42.33
N TYR C 259 0.40 25.95 -33.85
CA TYR C 259 0.02 27.13 -33.01
C TYR C 259 0.18 26.80 -31.52
N GLY C 260 0.33 27.84 -30.71
CA GLY C 260 0.47 27.78 -29.25
C GLY C 260 -0.76 28.29 -28.52
N ARG C 261 -0.60 28.67 -27.27
CA ARG C 261 -1.71 28.95 -26.32
C ARG C 261 -2.34 30.32 -26.63
N GLU C 262 -1.68 31.15 -27.45
CA GLU C 262 -2.16 32.52 -27.77
C GLU C 262 -3.51 32.42 -28.49
N CYS C 263 -3.89 31.21 -28.95
CA CYS C 263 -5.21 30.93 -29.59
C CYS C 263 -6.36 31.08 -28.59
N ASP C 264 -6.04 31.15 -27.30
CA ASP C 264 -7.05 31.30 -26.22
C ASP C 264 -7.28 32.78 -25.94
N TRP C 265 -6.26 33.59 -26.16
CA TRP C 265 -6.34 35.06 -25.93
C TRP C 265 -7.21 35.68 -27.02
N TRP C 266 -7.23 35.09 -28.22
CA TRP C 266 -8.23 35.44 -29.26
C TRP C 266 -9.62 35.27 -28.66
N SER C 267 -9.91 34.05 -28.19
CA SER C 267 -11.24 33.65 -27.65
C SER C 267 -11.66 34.66 -26.57
N VAL C 268 -10.72 35.22 -25.79
CA VAL C 268 -11.01 36.20 -24.71
C VAL C 268 -11.44 37.52 -25.34
N GLY C 269 -10.68 38.00 -26.31
CA GLY C 269 -11.00 39.22 -27.08
C GLY C 269 -12.43 39.19 -27.59
N VAL C 270 -12.81 38.06 -28.21
CA VAL C 270 -14.18 37.83 -28.75
C VAL C 270 -15.16 37.96 -27.59
N PHE C 271 -14.86 37.29 -26.47
CA PHE C 271 -15.70 37.30 -25.24
C PHE C 271 -15.90 38.75 -24.80
N LEU C 272 -14.80 39.48 -24.60
CA LEU C 272 -14.80 40.87 -24.10
C LEU C 272 -15.67 41.74 -25.02
N TYR C 273 -15.50 41.58 -26.34
CA TYR C 273 -16.29 42.30 -27.37
C TYR C 273 -17.78 42.05 -27.12
N GLU C 274 -18.19 40.79 -27.08
CA GLU C 274 -19.61 40.38 -26.93
C GLU C 274 -20.20 41.02 -25.67
N MET C 275 -19.41 41.04 -24.59
CA MET C 275 -19.85 41.45 -23.24
C MET C 275 -20.17 42.95 -23.22
N LEU C 276 -19.41 43.75 -23.99
CA LEU C 276 -19.52 45.23 -24.03
C LEU C 276 -20.46 45.66 -25.17
N VAL C 277 -20.37 45.02 -26.34
CA VAL C 277 -21.11 45.41 -27.58
C VAL C 277 -22.52 44.82 -27.55
N GLY C 278 -22.64 43.49 -27.36
CA GLY C 278 -23.94 42.81 -27.25
C GLY C 278 -24.14 41.73 -28.32
N ASP C 279 -23.24 41.65 -29.30
CA ASP C 279 -23.15 40.53 -30.28
C ASP C 279 -21.68 40.14 -30.45
N THR C 280 -21.41 38.95 -30.98
CA THR C 280 -20.04 38.50 -31.31
C THR C 280 -19.54 39.34 -32.47
N PRO C 281 -18.22 39.63 -32.56
CA PRO C 281 -17.70 40.54 -33.56
C PRO C 281 -17.65 39.95 -34.98
N PHE C 282 -17.83 38.63 -35.15
CA PHE C 282 -17.77 37.96 -36.46
C PHE C 282 -19.08 37.21 -36.72
N TYR C 283 -20.17 37.71 -36.16
CA TYR C 283 -21.52 37.11 -36.29
C TYR C 283 -21.91 37.08 -37.76
N ALA C 284 -22.58 36.00 -38.18
CA ALA C 284 -23.20 35.84 -39.52
C ALA C 284 -24.33 34.81 -39.42
N ASP C 285 -25.24 34.83 -40.40
CA ASP C 285 -26.43 33.92 -40.45
C ASP C 285 -25.99 32.48 -40.63
N SER C 286 -24.89 32.22 -41.34
CA SER C 286 -24.36 30.85 -41.59
C SER C 286 -23.10 30.59 -40.76
N LEU C 287 -22.67 29.33 -40.68
CA LEU C 287 -21.33 28.94 -40.19
C LEU C 287 -20.30 29.53 -41.16
N VAL C 288 -20.38 29.13 -42.43
CA VAL C 288 -19.35 29.48 -43.45
C VAL C 288 -19.28 31.02 -43.56
N GLY C 289 -20.34 31.72 -43.19
CA GLY C 289 -20.36 33.19 -43.11
C GLY C 289 -19.46 33.74 -42.03
N THR C 290 -19.63 33.20 -40.81
CA THR C 290 -18.82 33.54 -39.62
C THR C 290 -17.37 33.14 -39.89
N TYR C 291 -17.13 31.98 -40.51
CA TYR C 291 -15.77 31.49 -40.88
C TYR C 291 -15.09 32.50 -41.83
N SER C 292 -15.81 32.92 -42.88
CA SER C 292 -15.31 33.91 -43.88
C SER C 292 -14.93 35.22 -43.18
N LYS C 293 -15.78 35.68 -42.25
CA LYS C 293 -15.60 36.97 -41.53
C LYS C 293 -14.35 36.90 -40.67
N ILE C 294 -14.14 35.80 -39.95
CA ILE C 294 -13.00 35.59 -39.01
C ILE C 294 -11.70 35.68 -39.79
N MET C 295 -11.60 34.95 -40.90
CA MET C 295 -10.41 34.95 -41.79
C MET C 295 -10.08 36.39 -42.20
N ASP C 296 -11.11 37.21 -42.37
CA ASP C 296 -11.03 38.57 -42.94
C ASP C 296 -11.08 39.63 -41.83
N HIS C 297 -10.51 39.34 -40.64
CA HIS C 297 -10.37 40.33 -39.54
C HIS C 297 -9.31 41.40 -39.94
N SER C 300 -13.11 42.87 -41.31
CA SER C 300 -14.47 42.46 -40.87
C SER C 300 -14.77 42.96 -39.46
N LEU C 301 -13.76 43.06 -38.59
CA LEU C 301 -13.90 43.55 -37.19
C LEU C 301 -14.16 45.05 -37.22
N CYS C 302 -15.25 45.51 -36.61
CA CYS C 302 -15.52 46.96 -36.36
C CYS C 302 -16.71 47.12 -35.41
N PHE C 303 -16.73 48.24 -34.66
CA PHE C 303 -17.63 48.50 -33.49
C PHE C 303 -18.67 49.52 -33.91
N PRO C 304 -19.97 49.37 -33.53
CA PRO C 304 -20.99 50.33 -33.93
C PRO C 304 -20.74 51.73 -33.32
N ALA C 307 -23.30 51.55 -29.47
CA ALA C 307 -22.71 51.56 -28.08
C ALA C 307 -21.47 52.45 -28.06
N GLU C 308 -20.89 52.65 -26.87
CA GLU C 308 -19.65 53.44 -26.64
C GLU C 308 -18.68 52.63 -25.78
N ILE C 309 -17.39 52.70 -26.10
CA ILE C 309 -16.30 51.86 -25.53
C ILE C 309 -15.05 52.72 -25.32
N SER C 310 -14.53 52.80 -24.10
CA SER C 310 -13.28 53.53 -23.75
C SER C 310 -12.15 53.01 -24.63
N LYS C 311 -11.24 53.88 -25.07
CA LYS C 311 -10.17 53.52 -26.04
C LYS C 311 -9.32 52.39 -25.44
N HIS C 312 -9.20 52.32 -24.11
CA HIS C 312 -8.49 51.22 -23.39
C HIS C 312 -9.16 49.87 -23.68
N ALA C 313 -10.47 49.78 -23.50
CA ALA C 313 -11.28 48.56 -23.76
C ALA C 313 -11.14 48.18 -25.24
N LYS C 314 -11.37 49.14 -26.12
CA LYS C 314 -11.35 48.95 -27.60
C LYS C 314 -9.94 48.52 -28.01
N ASN C 315 -8.90 49.07 -27.37
CA ASN C 315 -7.47 48.77 -27.65
C ASN C 315 -7.16 47.32 -27.28
N LEU C 316 -7.59 46.87 -26.10
CA LEU C 316 -7.37 45.47 -25.61
C LEU C 316 -8.02 44.50 -26.60
N ILE C 317 -9.27 44.76 -26.99
CA ILE C 317 -10.04 43.89 -27.93
C ILE C 317 -9.21 43.70 -29.21
N CYS C 318 -8.73 44.80 -29.80
CA CYS C 318 -8.02 44.81 -31.10
C CYS C 318 -6.61 44.25 -30.93
N ALA C 319 -6.05 44.38 -29.72
CA ALA C 319 -4.74 43.81 -29.34
C ALA C 319 -4.84 42.29 -29.31
N PHE C 320 -6.05 41.76 -29.02
CA PHE C 320 -6.36 40.31 -28.92
C PHE C 320 -6.77 39.76 -30.29
N LEU C 321 -7.60 40.51 -31.03
CA LEU C 321 -8.14 40.09 -32.34
C LEU C 321 -7.18 40.53 -33.45
N THR C 322 -5.94 40.03 -33.39
CA THR C 322 -4.91 40.15 -34.45
C THR C 322 -4.35 38.77 -34.77
N ASP C 323 -3.47 38.71 -35.77
CA ASP C 323 -2.74 37.48 -36.17
C ASP C 323 -1.93 37.00 -34.95
N ARG C 324 -1.55 35.72 -34.96
CA ARG C 324 -0.85 35.01 -33.86
C ARG C 324 0.43 35.74 -33.44
N GLU C 325 1.16 36.25 -34.44
CA GLU C 325 2.58 36.69 -34.27
C GLU C 325 2.64 37.98 -33.46
N VAL C 326 1.57 38.78 -33.47
CA VAL C 326 1.51 40.15 -32.87
C VAL C 326 0.40 40.21 -31.81
N ARG C 327 -0.20 39.07 -31.45
CA ARG C 327 -1.33 39.02 -30.50
C ARG C 327 -0.82 39.24 -29.07
N LEU C 328 -1.50 40.10 -28.31
CA LEU C 328 -1.27 40.32 -26.86
C LEU C 328 -1.28 38.95 -26.15
N GLY C 329 -0.21 38.63 -25.43
CA GLY C 329 -0.05 37.34 -24.73
C GLY C 329 0.92 36.41 -25.46
N ARG C 330 1.58 36.94 -26.49
CA ARG C 330 2.79 36.37 -27.17
C ARG C 330 3.89 36.04 -26.17
N ASN C 331 4.28 37.03 -25.36
CA ASN C 331 5.45 36.99 -24.45
C ASN C 331 5.04 36.34 -23.13
N GLY C 332 3.74 36.11 -22.94
CA GLY C 332 3.18 35.55 -21.70
C GLY C 332 2.11 36.46 -21.14
N VAL C 333 1.50 36.03 -20.03
CA VAL C 333 0.21 36.57 -19.49
C VAL C 333 0.47 37.92 -18.79
N GLU C 334 1.73 38.26 -18.54
CA GLU C 334 2.12 39.53 -17.84
C GLU C 334 1.68 40.73 -18.70
N GLU C 335 1.96 40.70 -20.00
CA GLU C 335 1.54 41.73 -20.98
C GLU C 335 0.08 42.09 -20.72
N ILE C 336 -0.77 41.06 -20.68
CA ILE C 336 -2.25 41.18 -20.48
C ILE C 336 -2.49 41.96 -19.20
N ARG C 337 -1.90 41.46 -18.11
CA ARG C 337 -2.22 41.87 -16.71
C ARG C 337 -2.01 43.37 -16.55
N GLN C 338 -0.96 43.92 -17.13
CA GLN C 338 -0.60 45.35 -16.96
C GLN C 338 -1.04 46.12 -18.21
N HIS C 339 -2.19 45.77 -18.77
CA HIS C 339 -2.88 46.56 -19.82
C HIS C 339 -3.70 47.65 -19.15
N PRO C 340 -3.66 48.89 -19.67
CA PRO C 340 -4.43 50.00 -19.11
C PRO C 340 -5.89 49.70 -18.75
N PHE C 341 -6.57 48.87 -19.53
CA PHE C 341 -8.01 48.56 -19.37
C PHE C 341 -8.29 48.01 -17.97
N PHE C 342 -7.35 47.25 -17.42
CA PHE C 342 -7.52 46.47 -16.15
C PHE C 342 -7.25 47.36 -14.93
N LYS C 343 -6.56 48.50 -15.09
CA LYS C 343 -6.34 49.50 -14.00
C LYS C 343 -7.72 49.83 -13.40
N ASN C 344 -7.91 49.60 -12.09
CA ASN C 344 -9.21 49.78 -11.39
C ASN C 344 -8.99 49.92 -9.87
N ASP C 345 -10.05 50.31 -9.15
CA ASP C 345 -10.03 50.63 -7.70
C ASP C 345 -10.55 49.44 -6.90
N GLN C 346 -11.25 48.50 -7.53
CA GLN C 346 -12.05 47.44 -6.86
C GLN C 346 -11.13 46.31 -6.39
N TRP C 347 -10.16 45.90 -7.22
CA TRP C 347 -9.37 44.64 -7.05
C TRP C 347 -7.96 44.79 -7.65
N HIS C 348 -6.97 44.08 -7.09
CA HIS C 348 -5.67 43.74 -7.74
C HIS C 348 -5.70 42.27 -8.18
N TRP C 349 -4.69 41.82 -8.94
CA TRP C 349 -4.65 40.44 -9.51
C TRP C 349 -4.39 39.42 -8.40
N ASP C 350 -3.72 39.83 -7.32
CA ASP C 350 -3.34 38.93 -6.19
C ASP C 350 -4.57 38.55 -5.37
N ASN C 351 -5.64 39.35 -5.41
CA ASN C 351 -6.76 39.28 -4.44
C ASN C 351 -8.15 39.34 -5.12
N ILE C 352 -8.24 39.30 -6.45
CA ILE C 352 -9.53 39.54 -7.17
C ILE C 352 -10.60 38.58 -6.65
N ARG C 353 -10.26 37.31 -6.45
CA ARG C 353 -11.26 36.21 -6.26
C ARG C 353 -11.76 36.22 -4.81
N GLU C 354 -11.36 37.22 -4.02
CA GLU C 354 -11.90 37.43 -2.65
C GLU C 354 -12.40 38.89 -2.51
N THR C 355 -12.59 39.60 -3.64
CA THR C 355 -13.39 40.85 -3.69
C THR C 355 -14.85 40.48 -3.94
N ALA C 356 -15.76 41.46 -3.87
CA ALA C 356 -17.21 41.28 -4.13
C ALA C 356 -17.42 41.19 -5.64
N ALA C 357 -17.99 40.09 -6.12
CA ALA C 357 -18.35 39.87 -7.55
C ALA C 357 -19.39 40.90 -7.97
N PRO C 358 -19.40 41.30 -9.26
CA PRO C 358 -20.48 42.14 -9.80
C PRO C 358 -21.90 41.60 -9.59
N VAL C 359 -22.09 40.29 -9.74
CA VAL C 359 -23.40 39.62 -9.54
C VAL C 359 -23.22 38.49 -8.55
N VAL C 360 -23.63 38.72 -7.29
CA VAL C 360 -23.70 37.69 -6.22
C VAL C 360 -25.10 37.08 -6.27
N PRO C 361 -25.22 35.75 -6.48
CA PRO C 361 -26.52 35.13 -6.73
C PRO C 361 -27.39 35.13 -5.48
N GLU C 362 -28.72 35.19 -5.64
CA GLU C 362 -29.69 35.01 -4.54
C GLU C 362 -30.13 33.55 -4.50
N LEU C 363 -29.44 32.73 -3.73
CA LEU C 363 -29.73 31.30 -3.52
C LEU C 363 -30.62 31.17 -2.27
N SER C 364 -31.70 30.39 -2.35
CA SER C 364 -32.66 30.15 -1.23
C SER C 364 -32.27 28.90 -0.44
N SER C 365 -31.66 27.92 -1.12
CA SER C 365 -31.31 26.59 -0.55
C SER C 365 -30.17 25.93 -1.34
N ASP C 366 -29.81 24.71 -0.96
CA ASP C 366 -28.65 23.98 -1.54
C ASP C 366 -29.03 23.41 -2.90
N ILE C 367 -30.32 23.45 -3.27
CA ILE C 367 -30.85 22.89 -4.56
C ILE C 367 -31.53 23.99 -5.39
N ASP C 368 -31.32 25.26 -5.07
CA ASP C 368 -31.84 26.40 -5.87
C ASP C 368 -31.09 26.41 -7.20
N SER C 369 -31.81 26.20 -8.31
CA SER C 369 -31.28 26.11 -9.70
C SER C 369 -32.00 27.14 -10.57
N SER C 370 -32.29 28.31 -10.01
CA SER C 370 -33.11 29.37 -10.64
C SER C 370 -32.25 30.19 -11.61
N ASN C 371 -30.92 30.01 -11.57
CA ASN C 371 -29.96 30.63 -12.52
C ASN C 371 -29.70 29.66 -13.67
N PHE C 372 -30.52 28.60 -13.79
CA PHE C 372 -30.51 27.65 -14.92
C PHE C 372 -31.91 27.61 -15.53
N ASP C 373 -31.97 27.69 -16.86
CA ASP C 373 -33.22 27.53 -17.65
C ASP C 373 -33.62 26.06 -17.63
N ASP C 374 -34.90 25.77 -17.83
CA ASP C 374 -35.46 24.40 -17.75
C ASP C 374 -35.10 23.62 -19.01
N ILE C 375 -35.40 22.33 -19.02
CA ILE C 375 -35.05 21.39 -20.12
C ILE C 375 -36.18 20.35 -20.25
N GLU C 376 -36.47 19.89 -21.47
CA GLU C 376 -37.64 19.01 -21.79
C GLU C 376 -37.20 17.54 -21.91
N VAL C 382 -33.99 5.09 -24.39
CA VAL C 382 -33.98 4.93 -25.87
C VAL C 382 -32.51 4.95 -26.33
N GLU C 383 -32.11 3.99 -27.18
CA GLU C 383 -30.91 4.01 -28.06
C GLU C 383 -29.77 3.22 -27.41
N THR C 384 -30.01 1.95 -27.06
CA THR C 384 -29.01 1.02 -26.46
C THR C 384 -28.10 0.46 -27.55
N PHE C 385 -27.13 -0.39 -27.18
CA PHE C 385 -26.23 -1.14 -28.12
C PHE C 385 -26.93 -2.40 -28.60
N PRO C 386 -26.70 -2.84 -29.86
CA PRO C 386 -27.17 -4.16 -30.32
C PRO C 386 -26.17 -5.28 -29.97
N ILE C 387 -26.66 -6.47 -29.63
CA ILE C 387 -25.85 -7.68 -29.31
C ILE C 387 -24.89 -7.92 -30.48
N PRO C 388 -23.56 -8.05 -30.25
CA PRO C 388 -22.62 -8.17 -31.36
C PRO C 388 -22.55 -9.59 -31.96
N LYS C 389 -22.21 -9.65 -33.25
CA LYS C 389 -21.94 -10.88 -34.02
C LYS C 389 -20.61 -11.46 -33.53
N ALA C 390 -19.54 -10.69 -33.71
CA ALA C 390 -18.16 -10.95 -33.22
C ALA C 390 -17.71 -9.75 -32.39
N PHE C 391 -16.50 -9.82 -31.81
CA PHE C 391 -16.00 -8.84 -30.81
C PHE C 391 -15.90 -7.46 -31.45
N VAL C 392 -16.62 -6.48 -30.88
CA VAL C 392 -16.67 -5.07 -31.35
C VAL C 392 -15.82 -4.20 -30.41
N GLY C 393 -15.81 -4.54 -29.11
CA GLY C 393 -15.00 -3.86 -28.07
C GLY C 393 -15.54 -2.47 -27.79
N ASN C 394 -16.84 -2.37 -27.47
CA ASN C 394 -17.55 -1.07 -27.31
C ASN C 394 -17.14 -0.37 -26.01
N GLN C 395 -16.66 -1.11 -25.00
CA GLN C 395 -16.35 -0.57 -23.65
C GLN C 395 -14.85 -0.25 -23.52
N LEU C 396 -14.05 -0.67 -24.49
CA LEU C 396 -12.56 -0.51 -24.46
C LEU C 396 -12.18 0.97 -24.44
N PRO C 397 -12.88 1.88 -25.15
CA PRO C 397 -12.48 3.28 -25.18
C PRO C 397 -12.58 4.01 -23.82
N PHE C 398 -13.24 3.40 -22.82
CA PHE C 398 -13.56 4.04 -21.51
C PHE C 398 -12.90 3.31 -20.33
N ILE C 399 -12.02 2.34 -20.59
CA ILE C 399 -11.12 1.76 -19.57
C ILE C 399 -10.22 2.90 -19.06
N GLY C 400 -10.32 3.20 -17.76
CA GLY C 400 -9.43 4.16 -17.06
C GLY C 400 -10.18 5.38 -16.59
N PHE C 401 -11.48 5.49 -16.90
CA PHE C 401 -12.32 6.66 -16.56
C PHE C 401 -12.53 6.72 -15.05
N THR C 402 -13.05 5.63 -14.48
CA THR C 402 -13.47 5.52 -13.07
C THR C 402 -12.41 6.22 -12.20
N TYR C 403 -12.84 7.15 -11.34
CA TYR C 403 -11.98 7.97 -10.43
C TYR C 403 -12.69 8.30 -9.08
N TYR C 404 -11.93 8.36 -7.97
CA TYR C 404 -12.38 8.76 -6.60
C TYR C 404 -11.38 9.76 -5.97
N ARG D 14 -1.04 -15.44 8.01
CA ARG D 14 -0.02 -14.41 7.69
C ARG D 14 -0.38 -13.13 8.42
N GLN D 15 0.64 -12.39 8.89
CA GLN D 15 0.54 -10.96 9.29
C GLN D 15 -0.07 -10.18 8.09
N ARG D 16 -0.94 -10.83 7.31
CA ARG D 16 -1.89 -10.20 6.36
C ARG D 16 -3.03 -9.55 7.16
N LYS D 17 -3.37 -10.19 8.28
CA LYS D 17 -4.42 -9.78 9.25
C LYS D 17 -4.09 -8.36 9.73
N LEU D 18 -2.79 -8.10 9.91
CA LEU D 18 -2.19 -6.83 10.36
C LEU D 18 -2.54 -5.71 9.37
N GLU D 19 -2.37 -5.98 8.07
CA GLU D 19 -2.57 -5.03 6.95
C GLU D 19 -3.97 -4.40 7.04
N ALA D 20 -4.97 -5.20 7.45
CA ALA D 20 -6.40 -4.81 7.54
C ALA D 20 -6.60 -3.76 8.62
N LEU D 21 -6.03 -4.03 9.82
CA LEU D 21 -6.12 -3.13 11.00
C LEU D 21 -5.66 -1.72 10.62
N ILE D 22 -4.48 -1.62 9.98
CA ILE D 22 -3.85 -0.34 9.56
C ILE D 22 -4.77 0.39 8.58
N ARG D 23 -5.43 -0.35 7.67
CA ARG D 23 -6.14 0.22 6.51
C ARG D 23 -7.51 0.75 6.96
N ASP D 24 -8.02 0.34 8.12
CA ASP D 24 -9.26 0.89 8.73
C ASP D 24 -8.95 2.23 9.38
N PRO D 25 -9.63 3.34 8.99
CA PRO D 25 -9.40 4.65 9.63
C PRO D 25 -10.01 4.72 11.06
N ARG D 26 -10.89 3.78 11.39
CA ARG D 26 -11.53 3.65 12.73
C ARG D 26 -10.56 3.03 13.73
N SER D 27 -9.52 2.33 13.23
CA SER D 27 -8.59 1.48 14.04
C SER D 27 -7.48 2.33 14.65
N PRO D 28 -7.15 2.13 15.95
CA PRO D 28 -6.20 3.00 16.66
C PRO D 28 -4.74 2.83 16.21
N ILE D 29 -4.46 1.76 15.46
CA ILE D 29 -3.14 1.55 14.80
C ILE D 29 -3.37 1.68 13.28
N ASN D 30 -2.99 2.81 12.73
CA ASN D 30 -3.23 3.17 11.31
C ASN D 30 -2.19 4.20 10.91
N VAL D 31 -1.11 3.78 10.23
CA VAL D 31 0.05 4.60 9.79
C VAL D 31 0.10 5.97 10.51
N GLU D 32 -0.93 6.80 10.38
CA GLU D 32 -0.98 8.19 10.93
C GLU D 32 -0.79 8.16 12.45
N SER D 33 -1.38 7.16 13.12
CA SER D 33 -1.34 6.95 14.59
C SER D 33 -0.01 6.31 14.99
N LEU D 34 0.63 5.59 14.07
CA LEU D 34 1.94 4.92 14.32
C LEU D 34 3.04 5.98 14.19
N LEU D 35 2.86 6.92 13.24
CA LEU D 35 3.75 8.08 13.00
C LEU D 35 3.58 9.09 14.13
N ASP D 36 2.37 9.30 14.62
CA ASP D 36 2.13 10.10 15.85
C ASP D 36 2.99 9.47 16.95
N GLY D 37 2.94 8.15 17.06
CA GLY D 37 3.67 7.36 18.08
C GLY D 37 5.15 7.68 18.11
N LEU D 38 5.81 7.62 16.95
CA LEU D 38 7.26 7.87 16.80
C LEU D 38 7.57 9.35 17.07
N ASN D 39 6.74 10.25 16.55
CA ASN D 39 6.96 11.72 16.63
C ASN D 39 6.87 12.18 18.08
N SER D 40 5.87 11.70 18.83
CA SER D 40 5.60 12.08 20.24
C SER D 40 6.72 11.56 21.15
N LEU D 41 7.27 10.40 20.82
CA LEU D 41 8.42 9.80 21.54
C LEU D 41 9.65 10.69 21.35
N VAL D 42 9.93 11.11 20.12
CA VAL D 42 11.11 11.98 19.79
C VAL D 42 10.93 13.34 20.45
N LEU D 43 9.70 13.86 20.53
CA LEU D 43 9.44 15.20 21.10
C LEU D 43 9.63 15.18 22.61
N ASP D 44 9.44 14.02 23.25
CA ASP D 44 9.38 13.89 24.72
C ASP D 44 10.72 13.40 25.29
N LEU D 45 11.64 12.97 24.43
CA LEU D 45 12.96 12.40 24.84
C LEU D 45 14.09 13.40 24.54
N ASP D 46 14.02 14.08 23.38
CA ASP D 46 15.06 15.03 22.90
C ASP D 46 15.10 16.24 23.84
N PHE D 47 15.82 16.11 24.94
CA PHE D 47 16.14 17.18 25.91
C PHE D 47 17.52 16.88 26.51
N PRO D 48 18.31 17.91 26.87
CA PRO D 48 19.69 17.71 27.28
C PRO D 48 19.81 16.61 28.36
N ALA D 49 18.96 16.71 29.40
CA ALA D 49 19.01 15.91 30.64
C ALA D 49 18.93 14.41 30.31
N LEU D 50 17.89 14.03 29.56
CA LEU D 50 17.47 12.63 29.31
C LEU D 50 18.47 11.95 28.37
N ARG D 51 19.09 12.72 27.48
CA ARG D 51 20.05 12.24 26.46
C ARG D 51 21.34 11.69 27.11
N LYS D 52 21.59 12.03 28.37
CA LYS D 52 22.70 11.42 29.17
C LYS D 52 22.50 9.89 29.21
N ASN D 53 21.25 9.44 29.10
CA ASN D 53 20.86 8.01 28.99
C ASN D 53 21.24 7.49 27.59
N LYS D 54 22.14 6.50 27.50
CA LYS D 54 22.57 5.83 26.23
C LYS D 54 21.31 5.46 25.43
N ASN D 55 20.51 4.53 25.96
CA ASN D 55 19.24 4.04 25.37
C ASN D 55 18.53 5.16 24.61
N ILE D 56 18.36 6.33 25.24
CA ILE D 56 17.59 7.47 24.68
C ILE D 56 18.41 8.16 23.59
N ASP D 57 19.73 8.23 23.75
CA ASP D 57 20.65 8.86 22.74
C ASP D 57 20.72 7.96 21.49
N ASN D 58 20.85 6.64 21.68
CA ASN D 58 20.90 5.62 20.58
C ASN D 58 19.66 5.76 19.70
N PHE D 59 18.49 5.89 20.33
CA PHE D 59 17.18 6.02 19.66
C PHE D 59 17.11 7.34 18.88
N LEU D 60 17.42 8.45 19.56
CA LEU D 60 17.29 9.82 18.98
C LEU D 60 18.34 10.03 17.90
N ASN D 61 19.51 9.39 18.02
CA ASN D 61 20.54 9.42 16.95
C ASN D 61 19.93 8.77 15.71
N ARG D 62 19.38 7.56 15.85
CA ARG D 62 18.90 6.77 14.68
C ARG D 62 17.69 7.47 14.03
N TYR D 63 16.77 8.06 14.79
CA TYR D 63 15.44 8.47 14.29
C TYR D 63 15.30 9.99 14.16
N GLU D 64 15.89 10.76 15.06
CA GLU D 64 15.70 12.23 15.13
C GLU D 64 15.69 12.84 13.72
N LYS D 65 16.66 12.46 12.88
CA LYS D 65 16.91 13.11 11.56
C LYS D 65 15.72 12.90 10.63
N ILE D 66 15.28 11.65 10.46
CA ILE D 66 14.17 11.25 9.55
C ILE D 66 12.85 11.76 10.12
N VAL D 67 12.71 11.84 11.45
CA VAL D 67 11.48 12.33 12.13
C VAL D 67 11.24 13.78 11.73
N LYS D 68 12.30 14.61 11.65
CA LYS D 68 12.22 16.01 11.18
C LYS D 68 11.78 16.02 9.72
N LYS D 69 12.45 15.23 8.87
CA LYS D 69 12.14 15.08 7.42
C LYS D 69 10.65 14.78 7.23
N ILE D 70 10.07 13.88 8.05
CA ILE D 70 8.65 13.46 8.00
C ILE D 70 7.76 14.65 8.41
N ARG D 71 8.04 15.24 9.57
CA ARG D 71 7.27 16.41 10.09
C ARG D 71 7.21 17.48 8.99
N GLY D 72 8.24 17.54 8.15
CA GLY D 72 8.31 18.44 6.98
C GLY D 72 7.12 18.23 6.07
N LEU D 73 6.81 16.97 5.73
CA LEU D 73 5.94 16.57 4.60
C LEU D 73 4.48 16.54 5.05
N GLN D 74 4.22 15.91 6.19
CA GLN D 74 2.84 15.77 6.73
C GLN D 74 2.32 17.17 7.09
N MET D 75 1.00 17.33 7.04
CA MET D 75 0.27 18.63 7.05
C MET D 75 0.73 19.46 8.24
N LYS D 76 1.06 20.72 7.98
CA LYS D 76 1.65 21.66 8.95
C LYS D 76 0.67 22.81 9.16
N ALA D 77 0.93 23.65 10.15
CA ALA D 77 0.19 24.91 10.40
C ALA D 77 0.46 25.88 9.25
N GLU D 78 1.72 25.98 8.80
CA GLU D 78 2.21 26.96 7.81
C GLU D 78 1.54 26.71 6.45
N ASP D 79 0.95 25.51 6.25
CA ASP D 79 0.25 25.15 5.00
C ASP D 79 -0.96 26.07 4.79
N TYR D 80 -1.44 26.72 5.85
CA TYR D 80 -2.65 27.59 5.86
C TYR D 80 -2.28 29.06 6.05
N ASP D 81 -3.00 29.94 5.35
CA ASP D 81 -3.03 31.41 5.59
C ASP D 81 -4.16 31.71 6.58
N VAL D 82 -3.88 32.51 7.61
CA VAL D 82 -4.88 32.85 8.66
C VAL D 82 -5.58 34.15 8.24
N VAL D 83 -6.74 34.04 7.60
CA VAL D 83 -7.52 35.20 7.10
C VAL D 83 -7.91 36.08 8.28
N LYS D 84 -8.58 35.51 9.29
CA LYS D 84 -8.74 36.17 10.61
C LYS D 84 -9.29 35.19 11.66
N VAL D 85 -9.27 35.62 12.92
CA VAL D 85 -9.75 34.88 14.11
C VAL D 85 -11.25 35.13 14.29
N ILE D 86 -12.07 34.07 14.34
CA ILE D 86 -13.57 34.16 14.38
C ILE D 86 -14.09 33.61 15.72
N GLY D 87 -13.22 33.33 16.68
CA GLY D 87 -13.63 32.89 18.03
C GLY D 87 -12.45 32.38 18.83
N ARG D 88 -12.38 32.73 20.12
CA ARG D 88 -11.25 32.35 21.00
C ARG D 88 -11.81 31.65 22.23
N GLY D 89 -11.38 30.40 22.44
CA GLY D 89 -11.69 29.61 23.64
C GLY D 89 -10.63 29.80 24.69
N ALA D 90 -10.73 29.06 25.78
CA ALA D 90 -9.72 28.99 26.86
C ALA D 90 -8.65 27.98 26.46
N PHE D 91 -8.95 27.11 25.49
CA PHE D 91 -7.99 26.11 24.97
C PHE D 91 -7.40 26.61 23.65
N GLY D 92 -7.63 27.88 23.32
CA GLY D 92 -7.12 28.52 22.10
C GLY D 92 -8.21 28.76 21.09
N GLU D 93 -7.86 29.29 19.94
CA GLU D 93 -8.76 30.05 19.05
C GLU D 93 -9.26 29.19 17.88
N VAL D 94 -10.26 29.71 17.19
CA VAL D 94 -10.76 29.22 15.88
C VAL D 94 -10.44 30.26 14.82
N GLN D 95 -9.75 29.86 13.77
CA GLN D 95 -9.28 30.74 12.67
C GLN D 95 -10.09 30.43 11.42
N LEU D 96 -10.58 31.45 10.75
CA LEU D 96 -10.89 31.40 9.31
C LEU D 96 -9.55 31.39 8.59
N VAL D 97 -9.31 30.36 7.78
CA VAL D 97 -8.02 30.12 7.09
C VAL D 97 -8.29 29.80 5.63
N ARG D 98 -7.28 30.04 4.80
CA ARG D 98 -7.23 29.53 3.41
C ARG D 98 -6.01 28.61 3.28
N HIS D 99 -6.22 27.37 2.86
CA HIS D 99 -5.14 26.42 2.52
C HIS D 99 -4.41 26.98 1.30
N LYS D 100 -3.08 27.07 1.37
CA LYS D 100 -2.26 27.84 0.41
C LYS D 100 -2.39 27.23 -0.98
N ALA D 101 -1.99 25.97 -1.15
CA ALA D 101 -1.95 25.25 -2.46
C ALA D 101 -3.35 25.20 -3.09
N SER D 102 -4.32 24.67 -2.35
CA SER D 102 -5.69 24.37 -2.83
C SER D 102 -6.53 25.64 -2.93
N GLN D 103 -6.19 26.65 -2.12
CA GLN D 103 -6.83 27.99 -2.12
C GLN D 103 -8.26 27.89 -1.54
N LYS D 104 -8.57 26.78 -0.88
CA LYS D 104 -9.90 26.55 -0.26
C LYS D 104 -9.92 27.17 1.13
N VAL D 105 -11.08 27.69 1.54
CA VAL D 105 -11.31 28.34 2.85
C VAL D 105 -11.84 27.31 3.84
N TYR D 106 -11.33 27.31 5.05
CA TYR D 106 -11.79 26.41 6.14
C TYR D 106 -11.91 27.21 7.43
N ALA D 107 -12.57 26.63 8.43
CA ALA D 107 -12.43 27.00 9.85
C ALA D 107 -11.43 26.04 10.49
N MET D 108 -10.42 26.56 11.17
CA MET D 108 -9.40 25.74 11.85
C MET D 108 -9.45 26.05 13.34
N LYS D 109 -9.77 25.05 14.16
CA LYS D 109 -9.78 25.15 15.63
C LYS D 109 -8.42 24.72 16.16
N LEU D 110 -7.80 25.57 16.98
CA LEU D 110 -6.54 25.26 17.72
C LEU D 110 -6.89 24.87 19.15
N LEU D 111 -6.27 23.79 19.65
CA LEU D 111 -6.32 23.38 21.08
C LEU D 111 -4.89 23.36 21.65
N SER D 112 -4.58 24.22 22.62
CA SER D 112 -3.27 24.27 23.30
C SER D 112 -3.06 22.99 24.11
N LYS D 113 -2.03 22.19 23.75
CA LYS D 113 -1.64 20.98 24.49
C LYS D 113 -1.23 21.37 25.91
N PHE D 114 -0.58 22.54 26.06
CA PHE D 114 -0.10 23.02 27.38
C PHE D 114 -1.29 23.24 28.31
N GLU D 115 -2.36 23.88 27.81
CA GLU D 115 -3.56 24.25 28.62
C GLU D 115 -4.34 22.99 28.96
N MET D 116 -4.43 22.05 28.03
CA MET D 116 -5.20 20.79 28.23
C MET D 116 -4.48 19.91 29.27
N ILE D 117 -3.15 19.78 29.16
CA ILE D 117 -2.31 19.04 30.16
C ILE D 117 -2.46 19.73 31.52
N LYS D 118 -2.27 21.05 31.56
CA LYS D 118 -2.26 21.88 32.79
C LYS D 118 -3.62 21.77 33.51
N ARG D 119 -4.73 21.72 32.77
CA ARG D 119 -6.12 21.67 33.31
C ARG D 119 -6.54 20.23 33.58
N SER D 120 -5.63 19.26 33.41
CA SER D 120 -5.89 17.80 33.55
C SER D 120 -7.08 17.40 32.68
N ASP D 121 -7.16 17.95 31.46
CA ASP D 121 -8.35 17.86 30.57
C ASP D 121 -7.86 17.53 29.15
N SER D 122 -7.50 16.27 28.87
CA SER D 122 -6.74 15.85 27.65
C SER D 122 -7.40 14.63 26.96
N ALA D 123 -8.73 14.52 27.07
CA ALA D 123 -9.55 13.42 26.49
C ALA D 123 -10.75 13.98 25.71
N PHE D 124 -11.22 15.19 26.04
CA PHE D 124 -12.52 15.73 25.56
C PHE D 124 -12.55 15.73 24.02
N PHE D 125 -11.38 15.88 23.38
CA PHE D 125 -11.25 16.16 21.94
C PHE D 125 -11.49 14.91 21.11
N TRP D 126 -11.26 13.72 21.65
CA TRP D 126 -11.43 12.45 20.90
C TRP D 126 -12.84 12.40 20.30
N GLU D 127 -13.87 12.52 21.13
CA GLU D 127 -15.30 12.45 20.72
C GLU D 127 -15.58 13.54 19.70
N GLU D 128 -15.03 14.73 19.92
CA GLU D 128 -15.21 15.92 19.05
C GLU D 128 -14.68 15.59 17.64
N ARG D 129 -13.47 15.04 17.55
CA ARG D 129 -12.82 14.67 16.26
C ARG D 129 -13.60 13.54 15.60
N ASP D 130 -13.82 12.47 16.35
CA ASP D 130 -14.62 11.29 15.91
C ASP D 130 -15.95 11.74 15.30
N ILE D 131 -16.71 12.61 15.97
CA ILE D 131 -18.08 13.01 15.52
C ILE D 131 -17.97 13.78 14.21
N MET D 132 -17.06 14.76 14.14
CA MET D 132 -16.98 15.68 12.98
C MET D 132 -16.42 14.92 11.77
N ALA D 133 -15.54 13.94 12.02
CA ALA D 133 -14.83 13.16 10.99
C ALA D 133 -15.75 12.15 10.35
N PHE D 134 -16.66 11.54 11.13
CA PHE D 134 -17.34 10.27 10.77
C PHE D 134 -18.87 10.38 10.86
N ALA D 135 -19.42 11.44 11.43
CA ALA D 135 -20.88 11.60 11.62
C ALA D 135 -21.58 11.51 10.26
N ASN D 136 -21.00 12.14 9.24
CA ASN D 136 -21.48 12.09 7.83
C ASN D 136 -22.91 12.63 7.75
N SER D 137 -23.28 13.53 8.66
CA SER D 137 -24.64 14.11 8.72
C SER D 137 -24.58 15.53 8.19
N PRO D 138 -25.66 16.00 7.51
CA PRO D 138 -25.77 17.39 7.12
C PRO D 138 -26.05 18.29 8.33
N TRP D 139 -26.28 17.68 9.51
CA TRP D 139 -26.54 18.39 10.79
C TRP D 139 -25.24 18.58 11.60
N VAL D 140 -24.17 17.87 11.24
CA VAL D 140 -22.87 17.90 11.96
C VAL D 140 -21.82 18.58 11.08
N VAL D 141 -21.25 19.67 11.56
CA VAL D 141 -20.08 20.35 10.90
C VAL D 141 -19.02 19.28 10.65
N GLN D 142 -18.37 19.36 9.50
CA GLN D 142 -17.52 18.29 8.93
C GLN D 142 -16.05 18.58 9.19
N LEU D 143 -15.27 17.56 9.58
CA LEU D 143 -13.81 17.63 9.76
C LEU D 143 -13.11 17.04 8.52
N PHE D 144 -12.20 17.79 7.91
CA PHE D 144 -11.39 17.35 6.74
C PHE D 144 -10.02 16.85 7.21
N TYR D 145 -9.41 17.55 8.16
CA TYR D 145 -8.04 17.28 8.66
C TYR D 145 -7.95 17.53 10.16
N ALA D 146 -7.46 16.53 10.89
CA ALA D 146 -6.82 16.71 12.21
C ALA D 146 -5.32 16.52 12.05
N PHE D 147 -4.52 17.41 12.61
CA PHE D 147 -3.05 17.26 12.71
C PHE D 147 -2.58 18.01 13.96
N GLN D 148 -1.35 17.74 14.41
CA GLN D 148 -0.78 18.34 15.65
C GLN D 148 0.63 18.83 15.36
N ASP D 149 1.14 19.74 16.19
CA ASP D 149 2.59 20.02 16.33
C ASP D 149 2.92 19.96 17.83
N ASP D 150 4.11 20.39 18.23
CA ASP D 150 4.60 20.25 19.63
C ASP D 150 3.67 20.98 20.59
N ARG D 151 2.99 22.05 20.14
CA ARG D 151 2.25 22.99 21.02
C ARG D 151 0.72 22.85 20.86
N TYR D 152 0.23 22.48 19.68
CA TYR D 152 -1.22 22.65 19.31
C TYR D 152 -1.79 21.38 18.67
N LEU D 153 -3.07 21.10 18.95
CA LEU D 153 -3.97 20.25 18.13
C LEU D 153 -4.68 21.14 17.12
N TYR D 154 -4.85 20.68 15.88
CA TYR D 154 -5.55 21.43 14.81
C TYR D 154 -6.67 20.56 14.25
N MET D 155 -7.87 21.14 14.18
CA MET D 155 -9.02 20.58 13.44
C MET D 155 -9.41 21.55 12.33
N VAL D 156 -9.28 21.12 11.07
CA VAL D 156 -9.67 21.88 9.85
C VAL D 156 -11.09 21.44 9.45
N MET D 157 -12.08 22.29 9.74
CA MET D 157 -13.53 22.04 9.50
C MET D 157 -14.03 22.88 8.33
N GLU D 158 -15.22 22.59 7.80
CA GLU D 158 -15.90 23.48 6.82
C GLU D 158 -16.32 24.75 7.56
N TYR D 159 -16.13 25.89 6.90
CA TYR D 159 -16.49 27.24 7.40
C TYR D 159 -18.01 27.40 7.35
N MET D 160 -18.59 27.90 8.44
CA MET D 160 -20.05 28.14 8.59
C MET D 160 -20.26 29.65 8.64
N PRO D 161 -20.37 30.32 7.47
CA PRO D 161 -20.20 31.76 7.41
C PRO D 161 -21.42 32.55 7.95
N GLY D 162 -22.50 31.84 8.29
CA GLY D 162 -23.77 32.42 8.77
C GLY D 162 -23.71 32.84 10.21
N GLY D 163 -22.59 32.57 10.89
CA GLY D 163 -22.43 32.82 12.34
C GLY D 163 -23.22 31.82 13.16
N ASP D 164 -23.22 32.00 14.49
CA ASP D 164 -23.98 31.14 15.42
C ASP D 164 -25.33 31.79 15.70
N LEU D 165 -26.19 31.11 16.44
CA LEU D 165 -27.56 31.59 16.77
C LEU D 165 -27.51 32.64 17.88
N VAL D 166 -26.48 32.61 18.73
CA VAL D 166 -26.34 33.63 19.81
C VAL D 166 -26.31 35.01 19.13
N ASN D 167 -25.70 35.08 17.94
CA ASN D 167 -25.51 36.32 17.13
C ASN D 167 -26.80 36.63 16.36
N LEU D 168 -27.54 35.61 15.91
CA LEU D 168 -28.85 35.77 15.21
C LEU D 168 -29.87 36.34 16.20
N MET D 169 -30.00 35.71 17.37
CA MET D 169 -31.04 36.05 18.38
C MET D 169 -30.82 37.49 18.86
N SER D 170 -29.57 37.97 18.84
CA SER D 170 -29.16 39.31 19.33
C SER D 170 -29.19 40.33 18.19
N ASN D 171 -29.64 39.94 17.00
CA ASN D 171 -29.71 40.81 15.79
C ASN D 171 -31.15 40.90 15.28
N TYR D 172 -32.06 40.09 15.83
CA TYR D 172 -33.48 39.93 15.38
C TYR D 172 -34.36 39.63 16.59
N ASP D 173 -35.55 40.23 16.64
CA ASP D 173 -36.66 39.69 17.48
C ASP D 173 -37.23 38.50 16.71
N VAL D 174 -37.15 37.30 17.28
CA VAL D 174 -37.41 36.01 16.56
C VAL D 174 -38.88 35.61 16.76
N PRO D 175 -39.69 35.59 15.69
CA PRO D 175 -41.10 35.18 15.80
C PRO D 175 -41.26 33.65 15.88
N GLU D 176 -42.43 33.16 16.27
CA GLU D 176 -42.71 31.71 16.48
C GLU D 176 -42.35 30.94 15.20
N LYS D 177 -42.73 31.48 14.05
CA LYS D 177 -42.55 30.84 12.71
C LYS D 177 -41.06 30.51 12.52
N TRP D 178 -40.16 31.41 12.94
CA TRP D 178 -38.68 31.21 12.91
C TRP D 178 -38.29 30.12 13.91
N ALA D 179 -38.71 30.27 15.17
CA ALA D 179 -38.39 29.36 16.29
C ALA D 179 -38.82 27.93 15.94
N LYS D 180 -40.01 27.75 15.36
CA LYS D 180 -40.49 26.44 14.85
C LYS D 180 -39.37 25.80 14.02
N PHE D 181 -38.87 26.53 13.03
CA PHE D 181 -37.83 26.10 12.06
C PHE D 181 -36.57 25.72 12.84
N TYR D 182 -35.99 26.72 13.51
CA TYR D 182 -34.67 26.61 14.18
C TYR D 182 -34.74 25.48 15.22
N THR D 183 -35.86 25.36 15.96
CA THR D 183 -36.07 24.32 17.01
C THR D 183 -36.08 22.94 16.34
N ALA D 184 -36.83 22.79 15.24
CA ALA D 184 -36.98 21.52 14.48
C ALA D 184 -35.61 21.06 13.98
N GLU D 185 -34.83 21.97 13.40
CA GLU D 185 -33.46 21.70 12.88
C GLU D 185 -32.54 21.25 14.03
N VAL D 186 -32.59 21.92 15.19
CA VAL D 186 -31.83 21.49 16.41
C VAL D 186 -32.30 20.09 16.81
N VAL D 187 -33.62 19.83 16.77
CA VAL D 187 -34.19 18.53 17.24
C VAL D 187 -33.63 17.41 16.34
N LEU D 188 -33.65 17.61 15.03
CA LEU D 188 -33.17 16.60 14.04
C LEU D 188 -31.66 16.39 14.21
N ALA D 189 -30.93 17.47 14.50
CA ALA D 189 -29.48 17.45 14.67
C ALA D 189 -29.13 16.57 15.88
N LEU D 190 -29.78 16.82 17.02
CA LEU D 190 -29.52 16.06 18.26
C LEU D 190 -29.91 14.60 18.04
N ASP D 191 -31.01 14.36 17.32
CA ASP D 191 -31.48 12.98 17.03
C ASP D 191 -30.39 12.25 16.25
N ALA D 192 -29.70 12.98 15.35
CA ALA D 192 -28.54 12.46 14.58
C ALA D 192 -27.42 12.07 15.54
N ILE D 193 -27.02 13.00 16.41
CA ILE D 193 -25.96 12.82 17.44
C ILE D 193 -26.31 11.61 18.32
N HIS D 194 -27.56 11.54 18.79
CA HIS D 194 -28.06 10.45 19.66
C HIS D 194 -27.95 9.11 18.91
N SER D 195 -28.25 9.11 17.61
CA SER D 195 -28.26 7.91 16.75
C SER D 195 -26.85 7.35 16.61
N MET D 196 -25.83 8.16 16.92
CA MET D 196 -24.40 7.73 16.88
C MET D 196 -23.97 7.24 18.27
N GLY D 197 -24.91 7.09 19.20
CA GLY D 197 -24.66 6.54 20.55
C GLY D 197 -24.03 7.57 21.47
N LEU D 198 -24.27 8.86 21.21
CA LEU D 198 -23.67 9.99 21.94
C LEU D 198 -24.78 10.89 22.48
N ILE D 199 -24.61 11.39 23.69
CA ILE D 199 -25.43 12.51 24.25
C ILE D 199 -24.51 13.72 24.33
N HIS D 200 -25.04 14.91 24.06
CA HIS D 200 -24.23 16.14 23.82
C HIS D 200 -23.93 16.86 25.16
N ARG D 201 -24.96 17.11 25.96
CA ARG D 201 -24.91 17.51 27.40
C ARG D 201 -24.97 19.04 27.53
N ASP D 202 -24.21 19.76 26.69
CA ASP D 202 -24.12 21.24 26.70
C ASP D 202 -24.62 21.79 25.36
N VAL D 203 -25.88 21.54 25.02
CA VAL D 203 -26.53 22.12 23.82
C VAL D 203 -26.83 23.58 24.13
N LYS D 204 -26.43 24.47 23.25
CA LYS D 204 -26.68 25.93 23.42
C LYS D 204 -26.49 26.61 22.07
N PRO D 205 -27.06 27.82 21.92
CA PRO D 205 -26.94 28.58 20.68
C PRO D 205 -25.52 28.82 20.17
N ASP D 206 -24.50 28.77 21.03
CA ASP D 206 -23.08 28.99 20.65
C ASP D 206 -22.59 27.80 19.80
N ASN D 207 -23.16 26.60 20.03
CA ASN D 207 -22.77 25.34 19.33
C ASN D 207 -23.62 25.13 18.09
N MET D 208 -24.61 25.99 17.86
CA MET D 208 -25.51 25.96 16.67
C MET D 208 -25.00 26.98 15.64
N LEU D 209 -24.54 26.50 14.49
CA LEU D 209 -23.93 27.34 13.42
C LEU D 209 -24.81 27.31 12.17
N LEU D 210 -24.78 28.39 11.41
CA LEU D 210 -25.57 28.57 10.17
C LEU D 210 -24.64 28.48 8.96
N ASP D 211 -24.96 27.59 8.01
CA ASP D 211 -24.21 27.38 6.75
C ASP D 211 -24.53 28.52 5.78
N LYS D 212 -23.95 28.47 4.58
CA LYS D 212 -24.05 29.49 3.49
C LYS D 212 -25.54 29.79 3.17
N HIS D 213 -26.46 28.88 3.49
CA HIS D 213 -27.88 28.89 3.02
C HIS D 213 -28.84 29.18 4.18
N GLY D 214 -28.31 29.36 5.39
CA GLY D 214 -29.05 29.85 6.59
C GLY D 214 -29.53 28.71 7.49
N HIS D 215 -29.12 27.48 7.18
CA HIS D 215 -29.55 26.22 7.84
C HIS D 215 -28.51 25.77 8.88
N LEU D 216 -28.95 25.00 9.87
CA LEU D 216 -28.26 24.78 11.17
C LEU D 216 -27.27 23.61 11.08
N LYS D 217 -26.21 23.64 11.89
CA LYS D 217 -25.25 22.54 12.08
C LYS D 217 -24.66 22.63 13.50
N LEU D 218 -24.68 21.55 14.27
CA LEU D 218 -24.01 21.47 15.60
C LEU D 218 -22.49 21.42 15.37
N ALA D 219 -21.67 21.99 16.27
CA ALA D 219 -20.29 22.38 15.92
C ALA D 219 -19.29 22.14 17.05
N ASP D 220 -19.71 22.37 18.30
CA ASP D 220 -18.83 22.11 19.46
C ASP D 220 -19.29 20.80 20.08
N PHE D 221 -18.36 19.90 20.41
CA PHE D 221 -18.65 18.50 20.82
C PHE D 221 -17.76 18.06 21.98
N GLY D 222 -17.11 19.01 22.64
CA GLY D 222 -16.13 18.73 23.71
C GLY D 222 -16.77 18.02 24.89
N THR D 223 -18.09 18.11 25.01
CA THR D 223 -18.85 17.65 26.21
C THR D 223 -19.51 16.28 25.95
N CYS D 224 -19.40 15.74 24.73
CA CYS D 224 -20.17 14.56 24.27
C CYS D 224 -19.61 13.30 24.91
N MET D 225 -20.47 12.31 25.11
CA MET D 225 -20.21 11.09 25.91
C MET D 225 -20.91 9.91 25.23
N LYS D 226 -20.17 8.81 25.05
CA LYS D 226 -20.71 7.49 24.64
C LYS D 226 -21.73 7.05 25.69
N MET D 227 -22.83 6.39 25.28
CA MET D 227 -23.84 5.86 26.23
C MET D 227 -23.46 4.44 26.65
N ASP D 228 -24.07 3.98 27.76
CA ASP D 228 -24.06 2.56 28.23
C ASP D 228 -24.60 1.68 27.12
N GLU D 229 -24.66 0.36 27.35
CA GLU D 229 -25.49 -0.56 26.54
C GLU D 229 -26.98 -0.22 26.78
N THR D 230 -27.28 0.54 27.85
CA THR D 230 -28.66 0.88 28.32
C THR D 230 -28.97 2.35 28.05
N GLY D 231 -28.12 3.06 27.32
CA GLY D 231 -28.38 4.42 26.81
C GLY D 231 -28.17 5.52 27.85
N MET D 232 -27.72 5.16 29.06
CA MET D 232 -27.38 6.09 30.18
C MET D 232 -25.88 6.38 30.18
N VAL D 233 -25.43 7.33 31.03
CA VAL D 233 -24.01 7.47 31.47
C VAL D 233 -23.98 7.80 32.97
N HIS D 234 -22.76 7.99 33.50
CA HIS D 234 -22.46 8.70 34.77
C HIS D 234 -21.84 10.07 34.45
N ASP D 236 -21.15 11.36 36.86
CA ASP D 236 -20.12 11.77 37.85
C ASP D 236 -19.20 12.84 37.23
N THR D 237 -19.02 12.84 35.89
CA THR D 237 -18.45 13.99 35.12
C THR D 237 -19.50 15.10 35.05
N ALA D 238 -19.12 16.32 35.49
CA ALA D 238 -19.75 17.60 35.11
C ALA D 238 -18.65 18.50 34.55
N VAL D 239 -18.95 19.80 34.47
CA VAL D 239 -18.29 20.83 33.61
C VAL D 239 -19.40 21.76 33.11
N GLY D 240 -19.03 22.96 32.68
CA GLY D 240 -19.91 23.91 31.96
C GLY D 240 -20.48 24.96 32.89
N THR D 241 -20.95 26.07 32.33
CA THR D 241 -21.77 27.09 33.04
C THR D 241 -23.25 26.75 32.86
N PRO D 242 -24.04 26.81 33.97
CA PRO D 242 -25.34 26.15 34.02
C PRO D 242 -26.39 26.48 32.93
N ASP D 243 -26.58 27.73 32.52
CA ASP D 243 -27.89 28.28 32.04
C ASP D 243 -28.73 27.27 31.24
N TYR D 244 -28.10 26.48 30.37
CA TYR D 244 -28.75 25.51 29.43
C TYR D 244 -28.65 24.07 29.95
N ILE D 245 -27.97 23.87 31.08
CA ILE D 245 -27.74 22.50 31.63
C ILE D 245 -29.01 22.07 32.37
N SER D 246 -29.24 20.76 32.37
CA SER D 246 -30.41 20.05 32.92
C SER D 246 -30.22 19.81 34.41
N PRO D 247 -31.32 19.76 35.20
CA PRO D 247 -31.23 19.48 36.63
C PRO D 247 -30.45 18.20 36.95
N GLU D 248 -30.68 17.13 36.18
CA GLU D 248 -30.13 15.79 36.45
C GLU D 248 -28.60 15.83 36.25
N VAL D 249 -28.12 16.62 35.28
CA VAL D 249 -26.67 16.75 34.92
C VAL D 249 -25.97 17.59 36.00
N LEU D 250 -26.64 18.63 36.51
CA LEU D 250 -26.10 19.52 37.58
C LEU D 250 -25.91 18.71 38.86
N LYS D 251 -26.94 17.96 39.26
CA LYS D 251 -26.92 17.05 40.45
C LYS D 251 -25.78 16.02 40.33
N SER D 252 -25.47 15.58 39.10
CA SER D 252 -24.57 14.43 38.83
C SER D 252 -23.11 14.82 39.10
N GLN D 253 -22.80 16.10 39.33
CA GLN D 253 -21.44 16.49 39.79
C GLN D 253 -21.35 16.29 41.31
N GLY D 254 -22.44 16.55 42.03
CA GLY D 254 -22.54 16.32 43.48
C GLY D 254 -22.51 14.85 43.80
N GLY D 255 -21.38 14.19 43.55
CA GLY D 255 -21.21 12.73 43.69
C GLY D 255 -21.49 12.01 42.37
N ASP D 256 -22.19 10.87 42.44
CA ASP D 256 -22.62 10.06 41.26
C ASP D 256 -24.01 10.52 40.80
N GLY D 257 -24.40 10.12 39.58
CA GLY D 257 -25.72 10.44 39.00
C GLY D 257 -25.86 9.80 37.63
N TYR D 258 -26.97 9.09 37.40
CA TYR D 258 -27.40 8.63 36.06
C TYR D 258 -28.12 9.75 35.29
N TYR D 259 -27.75 9.92 34.03
CA TYR D 259 -28.57 10.66 33.03
C TYR D 259 -28.36 10.07 31.64
N GLY D 260 -29.41 10.14 30.84
CA GLY D 260 -29.48 9.65 29.45
C GLY D 260 -29.67 10.81 28.51
N ARG D 261 -30.15 10.57 27.28
CA ARG D 261 -30.15 11.58 26.19
C ARG D 261 -31.26 12.61 26.42
N GLU D 262 -32.22 12.31 27.29
CA GLU D 262 -33.38 13.22 27.57
C GLU D 262 -32.85 14.54 28.15
N CYS D 263 -31.58 14.56 28.60
CA CYS D 263 -30.88 15.74 29.16
C CYS D 263 -30.64 16.79 28.07
N ASP D 264 -30.80 16.41 26.81
CA ASP D 264 -30.55 17.32 25.65
C ASP D 264 -31.88 17.99 25.28
N TRP D 265 -32.99 17.33 25.54
CA TRP D 265 -34.34 17.87 25.23
C TRP D 265 -34.66 19.00 26.21
N TRP D 266 -34.12 18.93 27.43
CA TRP D 266 -34.11 20.07 28.38
C TRP D 266 -33.47 21.26 27.67
N SER D 267 -32.21 21.08 27.23
CA SER D 267 -31.38 22.13 26.61
C SER D 267 -32.16 22.80 25.46
N VAL D 268 -33.01 22.05 24.75
CA VAL D 268 -33.83 22.56 23.60
C VAL D 268 -34.92 23.47 24.15
N GLY D 269 -35.65 23.01 25.16
CA GLY D 269 -36.69 23.81 25.85
C GLY D 269 -36.16 25.17 26.25
N VAL D 270 -34.99 25.19 26.89
CA VAL D 270 -34.30 26.42 27.34
C VAL D 270 -34.07 27.30 26.11
N PHE D 271 -33.54 26.70 25.04
CA PHE D 271 -33.24 27.39 23.77
C PHE D 271 -34.51 28.04 23.24
N LEU D 272 -35.58 27.25 23.09
CA LEU D 272 -36.88 27.71 22.53
C LEU D 272 -37.40 28.89 23.36
N TYR D 273 -37.32 28.79 24.68
CA TYR D 273 -37.74 29.86 25.63
C TYR D 273 -36.98 31.14 25.28
N GLU D 274 -35.65 31.09 25.25
CA GLU D 274 -34.77 32.26 25.00
C GLU D 274 -35.16 32.92 23.67
N MET D 275 -35.45 32.09 22.68
CA MET D 275 -35.67 32.52 21.27
C MET D 275 -36.96 33.34 21.17
N LEU D 276 -37.98 33.00 21.97
CA LEU D 276 -39.32 33.67 21.97
C LEU D 276 -39.36 34.79 23.01
N VAL D 277 -38.81 34.57 24.21
CA VAL D 277 -38.91 35.50 25.38
C VAL D 277 -37.83 36.60 25.28
N GLY D 278 -36.57 36.21 25.10
CA GLY D 278 -35.44 37.15 24.88
C GLY D 278 -34.32 36.99 25.91
N ASP D 279 -34.57 36.25 26.99
CA ASP D 279 -33.55 35.83 27.98
C ASP D 279 -33.79 34.36 28.33
N THR D 280 -32.79 33.70 28.91
CA THR D 280 -32.91 32.29 29.37
C THR D 280 -33.88 32.26 30.54
N PRO D 281 -34.64 31.17 30.73
CA PRO D 281 -35.67 31.11 31.76
C PRO D 281 -35.12 30.98 33.19
N PHE D 282 -33.83 30.70 33.37
CA PHE D 282 -33.19 30.51 34.69
C PHE D 282 -32.01 31.47 34.85
N TYR D 283 -32.08 32.62 34.17
CA TYR D 283 -31.02 33.65 34.19
C TYR D 283 -30.86 34.17 35.61
N ALA D 284 -29.62 34.44 36.02
CA ALA D 284 -29.28 35.11 37.30
C ALA D 284 -27.90 35.77 37.16
N ASP D 285 -27.62 36.73 38.05
CA ASP D 285 -26.38 37.55 38.03
C ASP D 285 -25.16 36.66 38.34
N SER D 286 -25.32 35.62 39.17
CA SER D 286 -24.23 34.69 39.59
C SER D 286 -24.41 33.33 38.91
N LEU D 287 -23.37 32.48 39.00
CA LEU D 287 -23.43 31.03 38.72
C LEU D 287 -24.46 30.41 39.68
N VAL D 288 -24.13 30.49 40.97
CA VAL D 288 -24.88 29.84 42.09
C VAL D 288 -26.35 30.27 41.99
N GLY D 289 -26.62 31.46 41.46
CA GLY D 289 -27.99 31.97 41.27
C GLY D 289 -28.74 31.19 40.22
N THR D 290 -28.13 31.04 39.05
CA THR D 290 -28.66 30.26 37.92
C THR D 290 -28.80 28.80 38.33
N TYR D 291 -27.82 28.24 39.06
CA TYR D 291 -27.83 26.85 39.57
C TYR D 291 -29.05 26.65 40.49
N SER D 292 -29.25 27.57 41.44
CA SER D 292 -30.38 27.55 42.42
C SER D 292 -31.70 27.54 41.67
N LYS D 293 -31.83 28.38 40.64
CA LYS D 293 -33.08 28.58 39.87
C LYS D 293 -33.43 27.28 39.13
N ILE D 294 -32.43 26.67 38.48
CA ILE D 294 -32.61 25.45 37.65
C ILE D 294 -33.11 24.31 38.54
N MET D 295 -32.46 24.08 39.69
CA MET D 295 -32.87 23.05 40.69
C MET D 295 -34.35 23.25 41.06
N ASP D 296 -34.80 24.51 41.11
CA ASP D 296 -36.15 24.90 41.58
C ASP D 296 -37.10 25.16 40.40
N HIS D 297 -36.94 24.41 39.30
CA HIS D 297 -37.52 24.72 37.97
C HIS D 297 -39.04 24.63 38.00
N LYS D 298 -39.62 23.82 38.89
CA LYS D 298 -41.11 23.73 38.96
C LYS D 298 -41.66 25.07 39.45
N ASN D 299 -40.93 25.73 40.35
CA ASN D 299 -41.30 27.09 40.87
C ASN D 299 -40.73 28.17 39.96
N SER D 300 -39.45 28.08 39.62
CA SER D 300 -38.61 29.19 39.09
C SER D 300 -39.00 29.52 37.65
N LEU D 301 -39.46 28.54 36.87
CA LEU D 301 -39.91 28.76 35.48
C LEU D 301 -41.28 29.45 35.51
N CYS D 302 -41.40 30.61 34.84
CA CYS D 302 -42.69 31.22 34.41
C CYS D 302 -42.40 32.40 33.45
N PHE D 303 -43.39 32.74 32.61
CA PHE D 303 -43.26 33.58 31.40
C PHE D 303 -43.82 34.99 31.67
N PRO D 304 -43.15 36.07 31.21
CA PRO D 304 -43.75 37.42 31.22
C PRO D 304 -45.02 37.57 30.35
N GLU D 308 -45.49 37.50 24.99
CA GLU D 308 -46.72 36.74 24.64
C GLU D 308 -46.35 35.55 23.75
N ILE D 309 -46.92 34.37 24.06
CA ILE D 309 -46.50 33.04 23.51
C ILE D 309 -47.74 32.17 23.32
N SER D 310 -47.97 31.67 22.10
CA SER D 310 -49.07 30.72 21.77
C SER D 310 -49.00 29.52 22.70
N LYS D 311 -50.16 29.00 23.13
CA LYS D 311 -50.27 27.91 24.13
C LYS D 311 -49.47 26.70 23.64
N HIS D 312 -49.40 26.48 22.32
CA HIS D 312 -48.62 25.39 21.67
C HIS D 312 -47.13 25.53 22.04
N ALA D 313 -46.56 26.72 21.78
CA ALA D 313 -45.14 27.04 22.07
C ALA D 313 -44.88 26.88 23.56
N LYS D 314 -45.73 27.49 24.39
CA LYS D 314 -45.59 27.51 25.87
C LYS D 314 -45.70 26.08 26.38
N ASN D 315 -46.56 25.25 25.77
CA ASN D 315 -46.80 23.84 26.16
C ASN D 315 -45.54 23.02 25.90
N LEU D 316 -44.94 23.17 24.71
CA LEU D 316 -43.70 22.45 24.31
C LEU D 316 -42.58 22.77 25.30
N ILE D 317 -42.39 24.06 25.61
CA ILE D 317 -41.33 24.54 26.54
C ILE D 317 -41.48 23.79 27.88
N CYS D 318 -42.69 23.77 28.44
CA CYS D 318 -42.97 23.19 29.77
C CYS D 318 -42.95 21.66 29.70
N ALA D 319 -43.22 21.10 28.53
CA ALA D 319 -43.13 19.65 28.24
C ALA D 319 -41.66 19.22 28.29
N PHE D 320 -40.75 20.15 27.97
CA PHE D 320 -39.28 19.95 27.93
C PHE D 320 -38.67 20.25 29.31
N LEU D 321 -39.11 21.32 29.95
CA LEU D 321 -38.57 21.79 31.25
C LEU D 321 -39.35 21.10 32.38
N THR D 322 -39.29 19.77 32.44
CA THR D 322 -39.80 18.93 33.56
C THR D 322 -38.71 17.96 33.99
N ASP D 323 -38.97 17.18 35.04
CA ASP D 323 -38.09 16.07 35.48
C ASP D 323 -37.85 15.12 34.29
N ARG D 324 -36.79 14.33 34.38
CA ARG D 324 -36.29 13.43 33.32
C ARG D 324 -37.19 12.19 33.18
N GLU D 325 -38.15 11.95 34.07
CA GLU D 325 -39.05 10.76 33.99
C GLU D 325 -40.19 11.06 33.03
N VAL D 326 -40.61 12.31 32.93
CA VAL D 326 -41.86 12.75 32.23
C VAL D 326 -41.51 13.76 31.12
N ARG D 327 -40.23 13.93 30.82
CA ARG D 327 -39.76 14.93 29.82
C ARG D 327 -40.08 14.41 28.42
N LEU D 328 -40.63 15.29 27.58
CA LEU D 328 -40.90 15.02 26.15
C LEU D 328 -39.61 14.55 25.49
N GLY D 329 -39.63 13.35 24.88
CA GLY D 329 -38.45 12.76 24.20
C GLY D 329 -37.81 11.66 25.03
N ARG D 330 -38.45 11.26 26.13
CA ARG D 330 -38.02 10.09 26.94
C ARG D 330 -38.24 8.81 26.12
N ASN D 331 -39.39 8.69 25.45
CA ASN D 331 -39.78 7.45 24.70
C ASN D 331 -39.16 7.49 23.30
N GLY D 332 -38.57 8.63 22.91
CA GLY D 332 -37.92 8.80 21.61
C GLY D 332 -38.43 10.05 20.91
N VAL D 333 -37.83 10.35 19.75
CA VAL D 333 -37.89 11.69 19.09
C VAL D 333 -39.24 11.87 18.40
N GLU D 334 -40.02 10.80 18.25
CA GLU D 334 -41.34 10.80 17.58
C GLU D 334 -42.29 11.73 18.32
N GLU D 335 -42.37 11.56 19.65
CA GLU D 335 -43.18 12.40 20.56
C GLU D 335 -43.01 13.87 20.16
N ILE D 336 -41.75 14.31 20.10
CA ILE D 336 -41.34 15.71 19.80
C ILE D 336 -41.98 16.10 18.47
N ARG D 337 -41.71 15.30 17.44
CA ARG D 337 -41.94 15.65 16.01
C ARG D 337 -43.41 15.97 15.80
N GLN D 338 -44.31 15.22 16.42
CA GLN D 338 -45.77 15.37 16.21
C GLN D 338 -46.36 16.15 17.38
N HIS D 339 -45.64 17.15 17.87
CA HIS D 339 -46.18 18.15 18.82
C HIS D 339 -46.88 19.25 18.03
N PRO D 340 -48.07 19.70 18.48
CA PRO D 340 -48.82 20.79 17.84
C PRO D 340 -47.98 21.97 17.34
N PHE D 341 -46.99 22.40 18.13
CA PHE D 341 -46.19 23.62 17.88
C PHE D 341 -45.53 23.56 16.50
N PHE D 342 -45.13 22.37 16.07
CA PHE D 342 -44.29 22.15 14.87
C PHE D 342 -45.15 22.10 13.60
N LYS D 343 -46.45 21.79 13.74
CA LYS D 343 -47.39 21.73 12.59
C LYS D 343 -47.35 23.10 11.89
N ASN D 344 -47.02 23.12 10.60
CA ASN D 344 -46.81 24.36 9.80
C ASN D 344 -46.93 24.06 8.30
N ASP D 345 -46.97 25.11 7.48
CA ASP D 345 -47.21 25.04 6.01
C ASP D 345 -45.89 25.12 5.25
N GLN D 346 -44.82 25.59 5.90
CA GLN D 346 -43.56 26.03 5.25
C GLN D 346 -42.71 24.80 4.90
N TRP D 347 -42.64 23.81 5.80
CA TRP D 347 -41.73 22.63 5.74
C TRP D 347 -42.37 21.40 6.40
N HIS D 348 -42.04 20.18 5.94
CA HIS D 348 -42.20 18.91 6.72
C HIS D 348 -40.82 18.45 7.19
N TRP D 349 -40.79 17.43 8.06
CA TRP D 349 -39.56 16.94 8.74
C TRP D 349 -38.62 16.28 7.71
N ASP D 350 -39.17 15.74 6.62
CA ASP D 350 -38.42 14.97 5.59
C ASP D 350 -37.53 15.91 4.77
N ASN D 351 -37.89 17.21 4.68
CA ASN D 351 -37.40 18.14 3.63
C ASN D 351 -37.06 19.52 4.20
N ILE D 352 -37.05 19.70 5.53
CA ILE D 352 -36.89 21.04 6.15
C ILE D 352 -35.59 21.69 5.63
N ARG D 353 -34.51 20.90 5.52
CA ARG D 353 -33.13 21.42 5.33
C ARG D 353 -32.93 21.85 3.86
N GLU D 354 -33.97 21.76 3.04
CA GLU D 354 -33.94 22.27 1.63
C GLU D 354 -35.14 23.20 1.40
N THR D 355 -35.78 23.70 2.47
CA THR D 355 -36.67 24.91 2.43
C THR D 355 -35.81 26.16 2.62
N ALA D 356 -36.39 27.34 2.44
CA ALA D 356 -35.70 28.64 2.62
C ALA D 356 -35.62 28.93 4.11
N ALA D 357 -34.40 29.11 4.64
CA ALA D 357 -34.15 29.47 6.05
C ALA D 357 -34.74 30.84 6.34
N PRO D 358 -35.19 31.11 7.59
CA PRO D 358 -35.62 32.45 7.99
C PRO D 358 -34.58 33.55 7.77
N VAL D 359 -33.30 33.26 8.03
CA VAL D 359 -32.18 34.20 7.77
C VAL D 359 -31.18 33.51 6.86
N VAL D 360 -31.21 33.89 5.58
CA VAL D 360 -30.17 33.53 4.57
C VAL D 360 -29.12 34.63 4.61
N PRO D 361 -27.84 34.30 4.90
CA PRO D 361 -26.82 35.31 5.15
C PRO D 361 -26.45 36.03 3.84
N GLU D 362 -26.06 37.30 3.94
CA GLU D 362 -25.50 38.08 2.80
C GLU D 362 -23.98 37.98 2.83
N LEU D 363 -23.44 37.00 2.12
CA LEU D 363 -21.97 36.76 1.96
C LEU D 363 -21.49 37.50 0.71
N SER D 364 -20.37 38.22 0.80
CA SER D 364 -19.78 39.00 -0.32
C SER D 364 -18.71 38.17 -1.03
N SER D 365 -18.05 37.27 -0.30
CA SER D 365 -16.90 36.47 -0.80
C SER D 365 -16.71 35.20 0.03
N ASP D 366 -15.68 34.43 -0.30
CA ASP D 366 -15.40 33.11 0.32
C ASP D 366 -14.79 33.29 1.71
N ILE D 367 -14.41 34.53 2.08
CA ILE D 367 -13.75 34.86 3.38
C ILE D 367 -14.57 35.91 4.15
N ASP D 368 -15.84 36.15 3.78
CA ASP D 368 -16.72 37.10 4.50
C ASP D 368 -17.04 36.51 5.88
N SER D 369 -16.62 37.20 6.93
CA SER D 369 -16.73 36.76 8.35
C SER D 369 -17.50 37.80 9.17
N SER D 370 -18.48 38.45 8.54
CA SER D 370 -19.20 39.62 9.08
C SER D 370 -20.28 39.17 10.07
N ASN D 371 -20.58 37.87 10.11
CA ASN D 371 -21.54 37.25 11.08
C ASN D 371 -20.76 36.74 12.29
N PHE D 372 -19.47 37.13 12.41
CA PHE D 372 -18.59 36.80 13.55
C PHE D 372 -18.00 38.10 14.09
N ASP D 373 -17.98 38.23 15.42
CA ASP D 373 -17.45 39.43 16.12
C ASP D 373 -15.92 39.42 16.02
N ASP D 374 -15.31 40.60 16.14
CA ASP D 374 -13.83 40.77 16.01
C ASP D 374 -13.18 40.26 17.29
N ILE D 375 -11.87 40.03 17.25
CA ILE D 375 -11.11 39.38 18.34
C ILE D 375 -9.67 39.85 18.27
N GLU D 376 -9.03 40.06 19.44
CA GLU D 376 -7.77 40.84 19.59
C GLU D 376 -6.74 40.03 20.38
N VAL D 382 3.13 33.34 23.36
CA VAL D 382 3.50 33.39 24.81
C VAL D 382 2.76 32.23 25.51
N GLU D 383 3.37 31.02 25.48
CA GLU D 383 2.79 29.77 26.05
C GLU D 383 3.60 28.54 25.58
N THR D 384 4.28 27.82 26.49
CA THR D 384 5.06 26.59 26.18
C THR D 384 5.01 25.61 27.37
N PHE D 385 5.58 24.41 27.20
CA PHE D 385 5.90 23.41 28.27
C PHE D 385 7.27 23.74 28.89
N PRO D 386 7.53 23.40 30.17
CA PRO D 386 8.88 23.54 30.74
C PRO D 386 9.74 22.29 30.50
N ILE D 387 11.03 22.48 30.19
CA ILE D 387 11.96 21.37 29.80
C ILE D 387 11.96 20.35 30.93
N PRO D 388 11.73 19.04 30.65
CA PRO D 388 11.63 18.05 31.72
C PRO D 388 13.02 17.59 32.21
N LYS D 389 13.06 17.20 33.49
CA LYS D 389 14.27 16.58 34.11
C LYS D 389 14.35 15.14 33.64
N ALA D 390 13.29 14.35 33.89
CA ALA D 390 13.10 12.98 33.36
C ALA D 390 11.79 12.91 32.56
N PHE D 391 11.51 11.76 31.94
CA PHE D 391 10.38 11.54 31.00
C PHE D 391 9.06 11.81 31.71
N VAL D 392 8.30 12.77 31.19
CA VAL D 392 6.97 13.20 31.73
C VAL D 392 5.87 12.64 30.82
N GLY D 393 6.15 12.52 29.52
CA GLY D 393 5.24 11.94 28.51
C GLY D 393 4.09 12.88 28.21
N ASN D 394 4.40 14.13 27.90
CA ASN D 394 3.40 15.21 27.69
C ASN D 394 2.68 15.04 26.35
N GLN D 395 3.30 14.33 25.39
CA GLN D 395 2.78 14.17 24.00
C GLN D 395 2.01 12.85 23.86
N LEU D 396 2.08 11.96 24.87
CA LEU D 396 1.45 10.62 24.83
C LEU D 396 -0.07 10.74 24.70
N PRO D 397 -0.72 11.71 25.36
CA PRO D 397 -2.18 11.80 25.29
C PRO D 397 -2.75 12.15 23.91
N PHE D 398 -1.90 12.52 22.93
CA PHE D 398 -2.35 12.97 21.57
C PHE D 398 -1.83 12.06 20.45
N ILE D 399 -1.19 10.95 20.79
CA ILE D 399 -0.89 9.88 19.79
C ILE D 399 -2.23 9.34 19.27
N GLY D 400 -2.49 9.49 17.97
CA GLY D 400 -3.66 8.91 17.28
C GLY D 400 -4.62 9.98 16.80
N PHE D 401 -4.33 11.25 17.06
CA PHE D 401 -5.19 12.39 16.67
C PHE D 401 -5.14 12.55 15.16
N THR D 402 -3.93 12.67 14.60
CA THR D 402 -3.69 12.98 13.17
C THR D 402 -4.66 12.14 12.33
N TYR D 403 -5.41 12.80 11.42
CA TYR D 403 -6.43 12.20 10.51
C TYR D 403 -6.51 12.97 9.18
N TYR D 404 -6.69 12.24 8.06
CA TYR D 404 -6.89 12.77 6.67
C TYR D 404 -8.00 11.96 5.97
#